data_9N5H
#
_entry.id   9N5H
#
_cell.length_a   1.00
_cell.length_b   1.00
_cell.length_c   1.00
_cell.angle_alpha   90.00
_cell.angle_beta   90.00
_cell.angle_gamma   90.00
#
_symmetry.space_group_name_H-M   'P 1'
#
loop_
_entity.id
_entity.type
_entity.pdbx_description
1 polymer 'Gametocyte surface protein P230'
2 polymer '2A2 Heavy Chain'
3 polymer '2A2 Kappa Chain'
4 polymer 'LMIV230-01 Heavy Chain'
5 polymer 'LMIV230-01 Kappa Chain'
6 polymer 'RUPA-97 Heavy Chain'
7 polymer 'RUPA-97 Kappa Chain'
#
loop_
_entity_poly.entity_id
_entity_poly.type
_entity_poly.pdbx_seq_one_letter_code
_entity_poly.pdbx_strand_id
1 'polypeptide(L)'
;MKKIITLKNLFLIILVYIFSEKKDLRCNVIKGNNIKDDEDKRFHLFYYSHNLFKTPETKEKKNKKECFYKNGGIYNLSKE
IRMRKDTSVKIKQRTCPFHKEGSSFEMGSKNITCFYPIVGKKERKTLDTIIIKKNVTNDHVVSSDMHSNVQEKNMILIRN
IDKENKNDIQNVEEKIQRDTYENKDYESDDTLIEWFDDNTNEENFLLTFLKRCLMKIFSSPKRKKTVVQKKHKSNFFINS
SLKYIYMYLTPSDSFNLVRRNRNLDEEDMSPRDNFVIDDEEEEEEEEEEEEEEEEEEEEEEEEEYDDYVYEESGDETEEQ
LQEEHQEEVGAESSEESFNDEDEDSVEARDGDMIRVDEYYEDQDGDTYDSTIKNEDVDEEVGEEVGEEVGEEVGEEVGEE
VGEEVGEEVGEEVGEEEGEEVGEGVGEEVGEEEGEEVGEEEGEYVDEKERQGEIYPFGDEEEKDEGGESFTYEKSEVDKT
DLFKFIEGGEGDDVYKVDGSKVLLDDDTISRVSKKHTARDGEYGEYGEAVEDGENVIKIIRSVLQSGALPSVGVDELDKI
DLSYETTESGDTAVSEDSYDKYASNNTNKEYVCDFTDQLKPTESGPKVKKCEVKVNEPLIKVKIICPLKGSVEKLYDNIE
YVPKKSPYVVLTKEETKLKEKLLSKLIYGLLISPTVNEKENNFKEGVIEFTLPPVVHKATVFYFICDNSKTEDDNKKGNR
GIVEVYVEPYGNKINGCAFLDEDEEEEKYGNQIEEDEHNEKIKMKTFFTQNIYKKNNIYPCYMKLYSGDIGGILFPKNIK
STTCFEEMIPYNKEIKWNKENKSLGNLVNNSVVYNKEMNAKYFNVQYVHIPTSYKDTLNLFCSIILKEEESNLISTSYLV
YVSINEELNFSLFDFYESFVPIKKTIQVAQKNVNNKEHDYTCDFTDKLDKTVPSTANGKKLFICRKHLKEFDTFTLKCNV
NKTQYPNIEIFPKTLKDKKEVLKLDLDIQYQMFSKFFKFNTQNAKYLNLYPYYLIFPFNHIGKKELKNNPTYKNHKDVKY
FEQSSVLSPLSSADSLGKLLNFLDTQETVCLTEKIRYLNLSINELGSDNNTFSVTFQVPPYIDIKEPFYFMFGCNNNKGE
GNIGIVELLISKQEEKIKGCNFHESKLDYFNENISSDTHECTLHAYENDIIGFNCLETTHPNEVEVEVEDAEIYLQPENC
FNNVYKGLNSVDITTILKNAQTYNINNKKTPTFLKIPPYNLLEDVEISCQCTIKQVVKKIKVIITKNDTVLLKREVQSES
TLDDKIYKCEHENFINPRVNKTFDENVEYTCNIKIENFFNYIQIFCPAKDLGIYKNIQMYYDIVKPTRVPQFKKFNNEEL
HKLIPNSEMLHKTKEMLILYNEEKVDLLHFYVFLPIYIKDIYEFNIVCDNSKTMWKNQLGGKVIYHITVSKREQKVKGCS
FDNEHAHMFSYNKTNVKNCIIDAKPKDLIGFVCPSGTLKLTNCFKDAIVHTNLTNINGILYLKNNLANFTYKHQFNYMEI
PALMDNDISFKCICVDLKKKKYNVKSPLGPKVLRALYKKLNIKFDNYVTGTDQNKYLMTYMDLHLSHKRNYLKELFHDLG
KKKPADTDANPESIIESLSINESNESGPFPTGDVDAEHLILEGYDTWESLYDEQLEEVIYNDIESLELKDIEQYVLQVNL
KAPKLMMSAQIHNNRHVCDFSKNNLIVPESLKKKEELGGNPVNIHCYALLKPLDTLYVKCPTSKDNYEAAKVNISENDNE
YELQVISLIEKRFHNFETLESKKPGNGDVVVHNGVVDTGPVLDNSTFEKYFKNIKIKPDKFFEKVINEYDDTEEEKDLES
ILPGAIVSPMKVLKKKDPFTSYAAFVVPPIVPKDLHFKVECNNTEYKDENQYISGYNGIIHIDISNSNRKINGCDFSTNN
SSILTSSVKLVNGETKNCEININNNEVFGIICDNETNLDPEKCFHEIYSKDNKTVKKFREVIPNIDIFSLHNSNKKKVAY
AKVPLDYINKLLFSCSCKTSHTNTIGTMKVTLNKDEKEEEDFKTAQGIKHNNVHLCNFFDNPELTFDNNKIVLCKIDAEL
FSEVIIQLPIFGTKNVEEGVQNEEYKKFSLKPSLVFDDNNNDIKVIGKEKNEVSISLALKGVYGNRIFTFDKNGKKGEGI
SFFIPPIKQDTDLKFIINETIDNSNIKQRGLIYIFVRKNVSENSFKLCDFTTGSTSLMELNSQVKEKKCTVKIKKGDIFG
LKCPKGFAIFPQACFSNVLLEYYKSDYEDSEHINYYIHKDKKYNLKPKDVIELMDENFRELQNIQQYTGISNITDVLHFK
NFNLGNLPLNFKNHYSTAYAKVPDTFNSIINFSCNCYNPEKHVYGTMQVESDNRNFDNIKKNENVIKNFLLPNIEKYALL
LDDEERQKKIKQQQEEEQQEQILKDQDDRLSRHDDYNKNHTYILYDSNEHICDYEKNESLISTLPNDTKKIQKSICKINA
KALDVVTIKCPHTKNFTPKDYFPNSSLITNDKKIVITFDKKNFVTYIDPTKKTFSLKDIYIQSFYGVSLDHLNQIKKIHE
EWDDVHLFYPPHNVLHNVVLNNHIVNLSSALEGVLFMKSKVTGDETATKKNTTLPTDGVSSILIPPYVKEDITFHLFCGK
STTKKPNKKNTSLALIHIHISSNRNIIHGCDFLYLENQTNDAISNNNNNSYSIFTHNKNTENNLICDISLIPKTVIGIKC
PNKKLNPQTCFDEVYYVKQEDVPSKTITADKYNTFSKDKIGNILKNAISINNPDEKDNTYTYLILPEKFEEELIDTKKVL
ACTCDNKYIIHMKIEKSTMDKIKIDEKKTIGKDICKYDVTTKVATCEIIDTIDSSVLKEHHTVHYSITLSRWDKLIIKYP
TNEKTHFENFFVNPFNLKDKVLYNYNKPINIEHILPGAITTDIYDTRTKIKQYILRIPPYVHKDIHFSLEFNNSLSLTKQ
NQNIIYGNVAKIFIHINQGYKEIHGCDFTGKYSHLFTYSKKPLPNDDDICNVTIGNNTFSGFACLSHFELKPNNCFSSVY
DYNEANKVKKLFDLSTKVELDHIKQNTSGYTLSYIIFNKESTKLKFSCTCSSNYSNYTIRITFDPNYIIPEPQSRAIIKY
VDLQDKNFAKYLRKL
;
A
2 'polypeptide(L)'
;EVQLQQSGPELEKPGASVKISCKASGYSITDYNMNWVKLSNGKSLEWIGNIDPSHGGTTYNQKFKGKATLTVDKSSSTAY
MQLKSLTSEDSAVYHCARSTLYGNSAMDCWGQGTSVTVSSASTKGPSVFPLAPSSKSTSGGTAALGCLVKDYFPEPVTVS
WNSGALTSGVHTFPAVLQSSGLYSLSSVVTVPSSSLGTQTYICNVNHKPSNTKVDKKVEPKSC
;
B
3 'polypeptide(L)'
;SIVMTQTPKFLLVPAGDRVTITCKASQSVNNDVTWYQQKPGQSPKLLIYYASNRYTGVPDRFTGSGYGTDFTFTISTVQA
EDLAVYFCQQDYSSPLTFGAGTKLELKRTVAAPSVFIFPPSDEQLKSGTASVVCLLNNFYPREAKVQWKVDNALQSGNSQ
ESVTEQDSKDSTYSLSSTLTLSKADYEKHKVYACEVTHQGLSSPVTKSFNRGEC
;
C
4 'polypeptide(L)'
;QVQLVQSGAEVKKPGSSVKVSCKVSGGTFNTYAIIWVRQAPGQGLEWMGAIIPFQDRGQYAQKFQGRVTITADKSTSTAY
MELSSLRSEDTAVYYCAKESGRAVADRWGQGTLVTVSSASTKGPSVFPLAPSSKSTSGGTAALGCLVKDYFPEPVTVSWN
SGALTSGVHTFPAVLQSSGLYSLSSVVTVPSSSLGTQTYICNVNHKPSNTKVDKKVEPKSC
;
D
5 'polypeptide(L)'
;DIVMTQSPASLALSLGERATLYCRASHSISSWLAWYQQKPGKAPKLLIYKASTLESGVPSRFSGSGSGTEFTLTISSLQP
DDFATYYCQQYKSYPWTFGQGTKLEIKRTVAAPSVFIFPPSDEQLKSGTASVVCLLNNFYPREAKVQWKVDNALQSGNSQ
ESVTEQDSKDSTYSLSSTLTLSKADYEKHKVYACEVTHQGLSSPVTKSFNRG
;
E
6 'polypeptide(L)'
;EVQLVENGGGLVKPGGSLRLSCAASGFTISSYGMNWVRQAPGKGLEWVSSISSGSTYKYYSDSVKGRFTISRDNAKNSLY
LQMNTLRAEDTAVYYCARAPEPGLTWFGEWGDYWGQGTLVTVSSASTKGPSVFPLAPSSKSTSGGTAALGCLVKDYFPEP
VTVSWNSGALTSGVHTFPAVLQSSGLYSLSSVVTVPSSSLGTQTYICNVNHKPSNTKVDKKVEPKSC
;
H
7 'polypeptide(L)'
;EIVLTQSPVTLSLSPGERATLSCRASLSISSSLAWYQQKPGQAPRLLIYDASNRATGIPARFSGSGSGTDFTLTISSLEP
EDFAVYYCQQRSIWPPITFGQGTRLEIKRTVAAPSVFIFPPSDEQLKSGTASVVCLLNNFYPREAKVQWKVDNALQSGNS
QESVTEQDSKDSTYSLSSTLTLSKADYEKHKVYACEVTHQGLSSPVTKSFNRGEC
;
L
#
# COMPACT_ATOMS: atom_id res chain seq x y z
N VAL A 554 -11.22 -31.70 -35.72
CA VAL A 554 -9.85 -31.46 -35.28
C VAL A 554 -9.08 -30.73 -36.38
N ASP A 555 -8.93 -29.42 -36.22
CA ASP A 555 -8.24 -28.55 -37.15
C ASP A 555 -6.94 -28.06 -36.51
N GLU A 556 -6.27 -27.15 -37.22
CA GLU A 556 -5.04 -26.55 -36.70
C GLU A 556 -5.30 -25.78 -35.40
N LEU A 557 -6.57 -25.46 -35.11
CA LEU A 557 -6.88 -24.77 -33.86
C LEU A 557 -6.44 -25.58 -32.66
N ASP A 558 -6.71 -26.89 -32.65
CA ASP A 558 -6.42 -27.75 -31.50
C ASP A 558 -5.88 -29.09 -32.01
N LYS A 559 -4.58 -29.29 -31.85
CA LYS A 559 -3.92 -30.56 -32.15
C LYS A 559 -2.93 -30.89 -31.05
N ILE A 560 -3.35 -30.72 -29.80
CA ILE A 560 -2.48 -30.92 -28.65
C ILE A 560 -2.34 -32.42 -28.38
N ASP A 561 -1.20 -32.97 -28.79
CA ASP A 561 -0.86 -34.35 -28.46
C ASP A 561 0.61 -34.54 -28.12
N LEU A 562 1.38 -33.46 -28.01
CA LEU A 562 2.81 -33.53 -27.73
C LEU A 562 3.08 -32.86 -26.39
N SER A 563 3.79 -33.56 -25.50
CA SER A 563 4.18 -32.96 -24.23
C SER A 563 5.16 -31.81 -24.45
N TYR A 564 6.19 -32.04 -25.25
CA TYR A 564 7.18 -31.03 -25.61
C TYR A 564 7.77 -30.34 -24.37
N GLU A 565 8.47 -31.14 -23.58
CA GLU A 565 9.10 -30.61 -22.37
C GLU A 565 10.27 -29.72 -22.74
N THR A 566 10.22 -28.46 -22.31
CA THR A 566 11.27 -27.51 -22.63
C THR A 566 11.32 -26.44 -21.54
N THR A 567 12.46 -25.76 -21.46
CA THR A 567 12.67 -24.68 -20.50
C THR A 567 12.48 -23.33 -21.18
N GLU A 568 12.44 -22.29 -20.36
CA GLU A 568 12.30 -20.93 -20.89
C GLU A 568 13.54 -20.53 -21.69
N SER A 569 14.73 -20.75 -21.13
CA SER A 569 15.97 -20.40 -21.80
C SER A 569 16.34 -21.38 -22.90
N GLY A 570 15.71 -22.56 -22.95
CA GLY A 570 16.04 -23.54 -23.97
C GLY A 570 17.48 -24.00 -23.84
N ASP A 571 18.19 -24.02 -24.96
CA ASP A 571 19.58 -24.44 -24.98
C ASP A 571 20.53 -23.36 -24.50
N THR A 572 20.07 -22.12 -24.37
CA THR A 572 20.93 -21.04 -23.90
C THR A 572 21.20 -21.19 -22.41
N ALA A 573 22.42 -20.84 -22.01
CA ALA A 573 22.82 -20.91 -20.61
C ALA A 573 22.43 -19.68 -19.81
N VAL A 574 21.80 -18.69 -20.44
CA VAL A 574 21.42 -17.46 -19.75
C VAL A 574 20.32 -17.76 -18.75
N SER A 575 20.52 -17.32 -17.50
CA SER A 575 19.53 -17.50 -16.45
C SER A 575 18.60 -16.30 -16.39
N GLU A 576 17.63 -16.35 -15.48
CA GLU A 576 16.61 -15.30 -15.40
C GLU A 576 17.11 -14.02 -14.75
N ASP A 577 18.32 -14.04 -14.16
CA ASP A 577 18.87 -12.82 -13.58
C ASP A 577 19.27 -11.80 -14.64
N SER A 578 19.72 -12.27 -15.81
CA SER A 578 20.18 -11.42 -16.88
C SER A 578 19.19 -11.33 -18.04
N TYR A 579 17.95 -11.78 -17.84
CA TYR A 579 16.93 -11.65 -18.87
C TYR A 579 16.68 -10.18 -19.19
N ASP A 580 16.59 -9.87 -20.49
CA ASP A 580 16.25 -8.53 -20.94
C ASP A 580 14.73 -8.41 -20.93
N LYS A 581 14.19 -8.01 -19.78
CA LYS A 581 12.74 -7.97 -19.57
C LYS A 581 12.23 -6.58 -19.88
N TYR A 582 11.51 -6.45 -20.99
CA TYR A 582 10.84 -5.20 -21.34
C TYR A 582 9.49 -5.52 -21.97
N ALA A 583 8.47 -4.76 -21.58
CA ALA A 583 7.09 -5.06 -21.89
C ALA A 583 6.76 -4.72 -23.33
N SER A 584 5.58 -5.18 -23.76
CA SER A 584 5.05 -4.81 -25.06
C SER A 584 4.61 -3.35 -25.06
N ASN A 585 4.74 -2.71 -26.22
CA ASN A 585 4.37 -1.30 -26.36
C ASN A 585 2.86 -1.13 -26.19
N ASN A 586 2.47 0.00 -25.60
CA ASN A 586 1.07 0.32 -25.35
C ASN A 586 0.70 1.55 -26.18
N THR A 587 -0.13 1.34 -27.20
CA THR A 587 -0.59 2.42 -28.06
C THR A 587 -2.05 2.15 -28.43
N ASN A 588 -2.97 2.91 -27.83
CA ASN A 588 -4.40 2.78 -28.08
C ASN A 588 -4.90 1.35 -27.81
N LYS A 589 -4.60 0.86 -26.61
CA LYS A 589 -5.08 -0.42 -26.11
C LYS A 589 -4.68 -1.55 -27.07
N GLU A 590 -3.35 -1.75 -27.14
CA GLU A 590 -2.78 -2.81 -27.95
C GLU A 590 -1.40 -3.13 -27.41
N TYR A 591 -1.26 -4.29 -26.77
CA TYR A 591 0.05 -4.77 -26.34
C TYR A 591 0.75 -5.44 -27.52
N VAL A 592 1.76 -4.77 -28.06
CA VAL A 592 2.55 -5.29 -29.18
C VAL A 592 4.02 -5.28 -28.78
N CYS A 593 4.68 -6.42 -28.98
CA CYS A 593 6.13 -6.53 -28.82
C CYS A 593 6.65 -7.23 -30.08
N ASP A 594 6.89 -6.46 -31.13
CA ASP A 594 7.34 -7.03 -32.39
C ASP A 594 8.82 -7.42 -32.29
N PHE A 595 9.13 -8.64 -32.71
CA PHE A 595 10.49 -9.18 -32.62
C PHE A 595 11.36 -8.78 -33.80
N THR A 596 10.99 -7.72 -34.52
CA THR A 596 11.78 -7.29 -35.67
C THR A 596 13.15 -6.78 -35.22
N ASP A 597 14.20 -7.35 -35.81
CA ASP A 597 15.58 -6.91 -35.65
C ASP A 597 16.14 -7.25 -34.27
N GLN A 598 15.30 -7.78 -33.38
CA GLN A 598 15.74 -8.15 -32.04
C GLN A 598 16.19 -9.59 -31.94
N LEU A 599 16.04 -10.38 -32.99
CA LEU A 599 16.48 -11.78 -33.00
C LEU A 599 17.54 -12.04 -34.05
N LYS A 600 18.08 -11.00 -34.68
CA LYS A 600 19.10 -11.16 -35.70
C LYS A 600 20.41 -11.62 -35.07
N PRO A 601 21.25 -12.33 -35.82
CA PRO A 601 22.57 -12.69 -35.30
C PRO A 601 23.38 -11.45 -34.96
N THR A 602 24.06 -11.50 -33.81
CA THR A 602 24.86 -10.38 -33.35
C THR A 602 25.85 -10.87 -32.30
N GLU A 603 26.87 -10.06 -32.06
CA GLU A 603 27.86 -10.37 -31.04
C GLU A 603 27.29 -10.12 -29.64
N SER A 604 28.01 -10.61 -28.64
CA SER A 604 27.60 -10.51 -27.23
C SER A 604 26.23 -11.16 -27.02
N GLY A 605 26.18 -12.47 -27.28
CA GLY A 605 24.96 -13.22 -27.16
C GLY A 605 25.22 -14.71 -27.04
N PRO A 606 24.15 -15.51 -27.07
CA PRO A 606 22.73 -15.12 -27.20
C PRO A 606 22.15 -14.55 -25.92
N LYS A 607 21.64 -13.31 -25.96
CA LYS A 607 20.99 -12.68 -24.83
C LYS A 607 19.49 -12.88 -24.96
N VAL A 608 18.89 -13.50 -23.93
CA VAL A 608 17.47 -13.82 -23.98
C VAL A 608 16.66 -12.53 -23.90
N LYS A 609 15.72 -12.38 -24.82
CA LYS A 609 14.82 -11.22 -24.87
C LYS A 609 13.42 -11.68 -24.51
N LYS A 610 12.83 -11.07 -23.48
CA LYS A 610 11.54 -11.50 -22.95
C LYS A 610 10.55 -10.35 -23.04
N CYS A 611 9.39 -10.63 -23.63
CA CYS A 611 8.29 -9.67 -23.71
C CYS A 611 7.26 -10.01 -22.64
N GLU A 612 7.03 -9.08 -21.72
CA GLU A 612 6.10 -9.27 -20.62
C GLU A 612 4.84 -8.47 -20.90
N VAL A 613 3.72 -9.16 -21.11
CA VAL A 613 2.43 -8.53 -21.32
C VAL A 613 1.60 -8.72 -20.06
N LYS A 614 1.41 -7.64 -19.30
CA LYS A 614 0.59 -7.66 -18.10
C LYS A 614 -0.77 -7.06 -18.43
N VAL A 615 -1.81 -7.87 -18.28
CA VAL A 615 -3.17 -7.49 -18.65
C VAL A 615 -3.99 -7.31 -17.38
N ASN A 616 -4.60 -6.14 -17.23
CA ASN A 616 -5.46 -5.86 -16.09
C ASN A 616 -6.71 -5.10 -16.51
N GLU A 617 -7.05 -5.11 -17.80
CA GLU A 617 -8.16 -4.38 -18.35
C GLU A 617 -9.01 -5.30 -19.21
N PRO A 618 -10.29 -5.01 -19.36
CA PRO A 618 -11.17 -5.90 -20.15
C PRO A 618 -10.93 -5.74 -21.65
N LEU A 619 -11.43 -6.73 -22.40
CA LEU A 619 -11.50 -6.68 -23.86
C LEU A 619 -10.16 -6.31 -24.50
N ILE A 620 -9.09 -6.87 -23.96
CA ILE A 620 -7.73 -6.47 -24.33
C ILE A 620 -7.29 -7.19 -25.60
N LYS A 621 -6.60 -6.45 -26.47
CA LYS A 621 -6.05 -6.95 -27.71
C LYS A 621 -4.55 -7.14 -27.57
N VAL A 622 -4.06 -8.32 -27.93
CA VAL A 622 -2.64 -8.66 -27.84
C VAL A 622 -2.15 -9.10 -29.20
N LYS A 623 -1.05 -8.50 -29.66
CA LYS A 623 -0.47 -8.79 -30.98
C LYS A 623 1.01 -9.06 -30.82
N ILE A 624 1.50 -10.10 -31.51
CA ILE A 624 2.90 -10.50 -31.46
C ILE A 624 3.38 -10.75 -32.89
N ILE A 625 4.58 -10.25 -33.20
CA ILE A 625 5.15 -10.35 -34.54
C ILE A 625 6.54 -10.97 -34.44
N CYS A 626 6.81 -11.95 -35.31
CA CYS A 626 8.13 -12.54 -35.44
C CYS A 626 8.50 -12.58 -36.92
N PRO A 627 9.70 -12.10 -37.29
CA PRO A 627 10.09 -12.13 -38.70
C PRO A 627 10.17 -13.55 -39.25
N LEU A 628 9.89 -13.69 -40.54
CA LEU A 628 9.94 -14.98 -41.22
C LEU A 628 11.34 -15.29 -41.71
N LYS A 629 11.51 -16.51 -42.22
CA LYS A 629 12.74 -16.87 -42.89
C LYS A 629 12.90 -16.06 -44.18
N GLY A 630 14.10 -15.54 -44.40
CA GLY A 630 14.37 -14.77 -45.60
C GLY A 630 13.84 -13.36 -45.59
N SER A 631 13.43 -12.83 -44.44
CA SER A 631 12.98 -11.44 -44.37
C SER A 631 14.10 -10.49 -44.76
N VAL A 632 15.30 -10.73 -44.25
CA VAL A 632 16.49 -9.98 -44.64
C VAL A 632 17.58 -11.01 -44.95
N GLU A 633 18.47 -10.65 -45.87
CA GLU A 633 19.48 -11.58 -46.36
C GLU A 633 20.34 -12.11 -45.21
N LYS A 634 20.27 -13.43 -45.01
CA LYS A 634 21.13 -14.19 -44.08
C LYS A 634 21.15 -13.61 -42.67
N LEU A 635 20.02 -13.07 -42.20
CA LEU A 635 19.89 -12.67 -40.80
C LEU A 635 18.66 -13.28 -40.12
N TYR A 636 17.96 -14.20 -40.78
CA TYR A 636 16.83 -14.87 -40.14
C TYR A 636 16.73 -16.35 -40.49
N ASP A 637 17.75 -16.95 -41.07
CA ASP A 637 17.68 -18.36 -41.44
C ASP A 637 17.68 -19.25 -40.20
N ASN A 638 16.96 -20.37 -40.30
CA ASN A 638 16.86 -21.38 -39.24
C ASN A 638 16.10 -20.89 -38.01
N ILE A 639 15.26 -19.86 -38.17
CA ILE A 639 14.41 -19.42 -37.07
C ILE A 639 13.37 -20.49 -36.78
N GLU A 640 13.03 -20.66 -35.49
CA GLU A 640 12.06 -21.64 -35.05
C GLU A 640 10.99 -20.96 -34.22
N TYR A 641 9.75 -21.45 -34.36
CA TYR A 641 8.60 -20.89 -33.65
C TYR A 641 8.02 -21.97 -32.75
N VAL A 642 7.90 -21.66 -31.46
CA VAL A 642 7.35 -22.61 -30.48
C VAL A 642 6.25 -21.92 -29.67
N PRO A 643 5.05 -22.50 -29.58
CA PRO A 643 4.61 -23.74 -30.24
C PRO A 643 4.26 -23.51 -31.70
N LYS A 644 4.19 -24.57 -32.51
CA LYS A 644 3.90 -24.41 -33.93
C LYS A 644 2.53 -23.77 -34.14
N LYS A 645 1.56 -24.14 -33.31
CA LYS A 645 0.22 -23.56 -33.39
C LYS A 645 0.11 -22.52 -32.27
N SER A 646 0.53 -21.28 -32.55
CA SER A 646 0.52 -20.37 -31.42
C SER A 646 -0.27 -19.08 -31.58
N PRO A 647 -1.47 -19.11 -32.18
CA PRO A 647 -2.47 -18.11 -31.80
C PRO A 647 -3.47 -18.68 -30.79
N TYR A 648 -3.58 -20.02 -30.78
CA TYR A 648 -4.51 -20.72 -29.91
C TYR A 648 -3.80 -21.59 -28.88
N VAL A 649 -2.97 -22.54 -29.31
CA VAL A 649 -2.21 -23.34 -28.36
C VAL A 649 -1.09 -22.50 -27.77
N VAL A 650 -0.94 -22.59 -26.45
CA VAL A 650 -0.02 -21.74 -25.71
C VAL A 650 0.83 -22.61 -24.79
N LEU A 651 1.98 -22.06 -24.39
CA LEU A 651 2.91 -22.74 -23.51
C LEU A 651 2.64 -22.34 -22.07
N THR A 652 2.40 -23.35 -21.22
CA THR A 652 2.09 -23.14 -19.82
C THR A 652 3.11 -23.85 -18.94
N LYS A 653 3.12 -23.50 -17.66
CA LYS A 653 4.17 -23.92 -16.73
C LYS A 653 3.59 -24.82 -15.65
N GLU A 654 3.83 -26.13 -15.77
CA GLU A 654 3.68 -27.08 -14.69
C GLU A 654 5.05 -27.62 -14.29
N GLU A 655 5.15 -28.06 -13.03
CA GLU A 655 6.39 -28.58 -12.48
C GLU A 655 7.49 -27.53 -12.60
N THR A 656 8.51 -27.82 -13.40
CA THR A 656 9.54 -26.85 -13.76
C THR A 656 9.78 -26.86 -15.26
N LYS A 657 8.73 -27.17 -16.03
CA LYS A 657 8.82 -27.30 -17.48
C LYS A 657 7.75 -26.43 -18.14
N LEU A 658 7.88 -26.27 -19.45
CA LEU A 658 6.91 -25.55 -20.25
C LEU A 658 6.17 -26.55 -21.13
N LYS A 659 4.84 -26.59 -20.99
CA LYS A 659 4.01 -27.54 -21.73
C LYS A 659 2.93 -26.79 -22.49
N GLU A 660 2.55 -27.34 -23.64
CA GLU A 660 1.51 -26.75 -24.45
C GLU A 660 0.14 -26.98 -23.81
N LYS A 661 -0.73 -25.97 -23.90
CA LYS A 661 -2.12 -26.09 -23.49
C LYS A 661 -2.98 -25.15 -24.33
N LEU A 662 -4.28 -25.42 -24.31
CA LEU A 662 -5.24 -24.61 -25.05
C LEU A 662 -5.58 -23.37 -24.25
N LEU A 663 -5.39 -22.19 -24.84
CA LEU A 663 -5.70 -20.95 -24.14
C LEU A 663 -7.20 -20.80 -23.93
N SER A 664 -8.02 -21.44 -24.76
CA SER A 664 -9.46 -21.40 -24.57
C SER A 664 -9.85 -22.06 -23.24
N LYS A 665 -9.22 -23.18 -22.90
CA LYS A 665 -9.50 -23.84 -21.63
C LYS A 665 -9.05 -22.99 -20.45
N LEU A 666 -7.85 -22.39 -20.55
CA LEU A 666 -7.33 -21.59 -19.45
C LEU A 666 -8.18 -20.33 -19.23
N ILE A 667 -8.54 -19.65 -20.32
CA ILE A 667 -9.30 -18.41 -20.26
C ILE A 667 -10.52 -18.57 -21.17
N TYR A 668 -11.71 -18.47 -20.59
CA TYR A 668 -12.94 -18.68 -21.35
C TYR A 668 -13.28 -17.41 -22.13
N GLY A 669 -13.86 -17.60 -23.31
CA GLY A 669 -14.31 -16.47 -24.11
C GLY A 669 -13.22 -15.81 -24.93
N LEU A 670 -12.11 -16.49 -25.17
CA LEU A 670 -11.06 -15.95 -26.00
C LEU A 670 -11.58 -15.70 -27.42
N LEU A 671 -11.29 -14.51 -27.95
CA LEU A 671 -11.77 -14.11 -29.27
C LEU A 671 -10.66 -14.37 -30.29
N ILE A 672 -10.58 -15.62 -30.74
CA ILE A 672 -9.63 -15.98 -31.78
C ILE A 672 -10.10 -15.43 -33.12
N SER A 673 -9.20 -14.73 -33.81
CA SER A 673 -9.48 -14.22 -35.15
C SER A 673 -8.73 -15.07 -36.16
N PRO A 674 -9.40 -15.97 -36.89
CA PRO A 674 -8.69 -16.80 -37.87
C PRO A 674 -8.04 -15.98 -38.98
N THR A 675 -8.52 -14.78 -39.26
CA THR A 675 -7.99 -13.93 -40.30
C THR A 675 -7.45 -12.65 -39.69
N VAL A 676 -6.19 -12.33 -39.97
CA VAL A 676 -5.56 -11.09 -39.53
C VAL A 676 -4.93 -10.43 -40.76
N ASN A 677 -5.38 -9.22 -41.07
CA ASN A 677 -4.92 -8.46 -42.24
C ASN A 677 -5.03 -9.31 -43.51
N GLU A 678 -6.16 -9.99 -43.65
CA GLU A 678 -6.48 -10.86 -44.79
C GLU A 678 -5.56 -12.07 -44.89
N LYS A 679 -4.76 -12.34 -43.85
CA LYS A 679 -3.79 -13.42 -43.85
C LYS A 679 -4.10 -14.40 -42.72
N GLU A 680 -3.43 -15.55 -42.77
CA GLU A 680 -3.64 -16.58 -41.75
C GLU A 680 -3.02 -16.15 -40.43
N ASN A 681 -3.69 -16.51 -39.34
CA ASN A 681 -3.24 -16.18 -37.98
C ASN A 681 -2.37 -17.33 -37.46
N ASN A 682 -1.06 -17.21 -37.68
CA ASN A 682 -0.08 -18.15 -37.18
C ASN A 682 1.30 -17.53 -37.36
N PHE A 683 2.30 -18.12 -36.70
CA PHE A 683 3.67 -17.70 -36.96
C PHE A 683 4.14 -18.06 -38.36
N LYS A 684 3.42 -18.96 -39.05
CA LYS A 684 3.76 -19.24 -40.45
C LYS A 684 3.64 -17.98 -41.30
N GLU A 685 2.71 -17.09 -40.95
CA GLU A 685 2.73 -15.74 -41.50
C GLU A 685 3.71 -14.85 -40.77
N GLY A 686 3.91 -15.10 -39.47
CA GLY A 686 4.79 -14.30 -38.65
C GLY A 686 4.10 -13.34 -37.71
N VAL A 687 2.78 -13.18 -37.82
CA VAL A 687 2.02 -12.30 -36.95
C VAL A 687 0.86 -13.10 -36.37
N ILE A 688 0.70 -13.04 -35.04
CA ILE A 688 -0.35 -13.74 -34.33
C ILE A 688 -1.25 -12.72 -33.64
N GLU A 689 -2.55 -13.00 -33.60
CA GLU A 689 -3.53 -12.05 -33.12
C GLU A 689 -4.65 -12.76 -32.38
N PHE A 690 -5.02 -12.23 -31.22
CA PHE A 690 -6.18 -12.69 -30.48
C PHE A 690 -6.64 -11.60 -29.52
N THR A 691 -7.87 -11.72 -29.05
CA THR A 691 -8.48 -10.74 -28.16
C THR A 691 -8.96 -11.42 -26.88
N LEU A 692 -8.62 -10.82 -25.74
CA LEU A 692 -8.96 -11.38 -24.44
C LEU A 692 -10.40 -11.01 -24.04
N PRO A 693 -11.02 -11.82 -23.18
CA PRO A 693 -12.39 -11.53 -22.75
C PRO A 693 -12.41 -10.40 -21.73
N PRO A 694 -13.59 -9.86 -21.41
CA PRO A 694 -13.65 -8.70 -20.51
C PRO A 694 -13.62 -9.02 -19.03
N VAL A 695 -13.90 -10.27 -18.66
CA VAL A 695 -13.90 -10.70 -17.27
C VAL A 695 -13.08 -11.97 -17.15
N VAL A 696 -12.15 -12.01 -16.19
CA VAL A 696 -11.30 -13.16 -15.94
C VAL A 696 -11.44 -13.55 -14.48
N HIS A 697 -11.76 -14.82 -14.23
CA HIS A 697 -12.02 -15.26 -12.85
C HIS A 697 -10.72 -15.39 -12.06
N LYS A 698 -9.69 -15.99 -12.66
CA LYS A 698 -8.45 -16.28 -11.94
C LYS A 698 -7.26 -15.94 -12.81
N ALA A 699 -6.13 -15.70 -12.15
CA ALA A 699 -4.90 -15.35 -12.86
C ALA A 699 -4.43 -16.50 -13.74
N THR A 700 -3.90 -16.17 -14.91
CA THR A 700 -3.42 -17.15 -15.87
C THR A 700 -2.14 -16.64 -16.51
N VAL A 701 -1.15 -17.53 -16.65
CA VAL A 701 0.13 -17.20 -17.25
C VAL A 701 0.42 -18.20 -18.35
N PHE A 702 0.78 -17.71 -19.53
CA PHE A 702 1.18 -18.56 -20.64
C PHE A 702 2.25 -17.86 -21.46
N TYR A 703 2.98 -18.65 -22.24
CA TYR A 703 4.19 -18.19 -22.91
C TYR A 703 4.15 -18.49 -24.41
N PHE A 704 4.92 -17.71 -25.16
CA PHE A 704 5.20 -17.96 -26.56
C PHE A 704 6.71 -17.88 -26.77
N ILE A 705 7.22 -18.66 -27.72
CA ILE A 705 8.66 -18.78 -27.94
C ILE A 705 8.96 -18.45 -29.39
N CYS A 706 9.95 -17.59 -29.62
CA CYS A 706 10.50 -17.31 -30.94
C CYS A 706 12.01 -17.39 -30.81
N ASP A 707 12.57 -18.56 -31.10
CA ASP A 707 13.98 -18.84 -30.86
C ASP A 707 14.79 -18.61 -32.13
N ASN A 708 15.93 -17.93 -31.96
CA ASN A 708 16.87 -17.68 -33.06
C ASN A 708 18.28 -18.17 -32.71
N SER A 709 18.39 -19.15 -31.82
CA SER A 709 19.70 -19.62 -31.38
C SER A 709 20.46 -20.31 -32.50
N LYS A 710 19.76 -20.96 -33.42
CA LYS A 710 20.42 -21.66 -34.52
C LYS A 710 20.79 -20.74 -35.67
N THR A 711 20.48 -19.46 -35.57
CA THR A 711 20.86 -18.49 -36.60
C THR A 711 22.25 -17.95 -36.29
N GLU A 712 23.15 -18.04 -37.26
CA GLU A 712 24.52 -17.63 -37.04
C GLU A 712 25.11 -17.09 -38.33
N ASP A 713 26.16 -16.28 -38.18
CA ASP A 713 26.91 -15.73 -39.30
C ASP A 713 28.35 -15.56 -38.84
N ASP A 714 29.18 -16.56 -39.14
CA ASP A 714 30.58 -16.59 -38.70
C ASP A 714 30.66 -16.48 -37.18
N ASN A 715 31.02 -15.30 -36.68
CA ASN A 715 31.14 -15.07 -35.24
C ASN A 715 29.85 -14.54 -34.61
N LYS A 716 28.82 -14.27 -35.40
CA LYS A 716 27.57 -13.76 -34.88
C LYS A 716 26.58 -14.90 -34.66
N LYS A 717 25.74 -14.75 -33.63
CA LYS A 717 24.71 -15.72 -33.33
C LYS A 717 23.45 -14.99 -32.88
N GLY A 718 22.29 -15.60 -33.15
CA GLY A 718 21.03 -14.97 -32.82
C GLY A 718 20.64 -15.14 -31.36
N ASN A 719 19.67 -14.32 -30.95
CA ASN A 719 19.19 -14.33 -29.57
C ASN A 719 18.01 -15.29 -29.46
N ARG A 720 17.33 -15.26 -28.31
CA ARG A 720 16.14 -16.07 -28.08
C ARG A 720 15.02 -15.16 -27.57
N GLY A 721 13.87 -15.20 -28.25
CA GLY A 721 12.74 -14.37 -27.91
C GLY A 721 11.68 -15.14 -27.15
N ILE A 722 11.21 -14.54 -26.07
CA ILE A 722 10.18 -15.13 -25.22
C ILE A 722 9.08 -14.10 -25.00
N VAL A 723 7.83 -14.55 -25.03
CA VAL A 723 6.68 -13.72 -24.68
C VAL A 723 6.04 -14.29 -23.43
N GLU A 724 5.87 -13.44 -22.42
CA GLU A 724 5.20 -13.81 -21.17
C GLU A 724 3.98 -12.93 -21.01
N VAL A 725 2.79 -13.52 -21.11
CA VAL A 725 1.55 -12.79 -20.92
C VAL A 725 1.06 -13.10 -19.51
N TYR A 726 0.88 -12.05 -18.71
CA TYR A 726 0.48 -12.19 -17.31
C TYR A 726 -0.89 -11.55 -17.14
N VAL A 727 -1.88 -12.35 -16.78
CA VAL A 727 -3.27 -11.91 -16.65
C VAL A 727 -3.66 -12.00 -15.18
N GLU A 728 -4.24 -10.92 -14.67
CA GLU A 728 -4.81 -10.86 -13.33
C GLU A 728 -6.32 -10.87 -13.40
N PRO A 729 -7.01 -11.31 -12.35
CA PRO A 729 -8.47 -11.25 -12.36
C PRO A 729 -8.97 -9.82 -12.45
N TYR A 730 -10.05 -9.63 -13.22
CA TYR A 730 -10.68 -8.32 -13.38
C TYR A 730 -12.10 -8.52 -13.91
N GLY A 731 -12.98 -7.60 -13.53
CA GLY A 731 -14.36 -7.66 -13.94
C GLY A 731 -15.19 -8.62 -13.09
N ASN A 732 -16.51 -8.46 -13.18
CA ASN A 732 -17.43 -9.31 -12.44
C ASN A 732 -18.28 -10.16 -13.38
N LYS A 733 -19.03 -9.54 -14.29
CA LYS A 733 -19.91 -10.28 -15.19
C LYS A 733 -20.21 -9.40 -16.40
N ILE A 734 -20.78 -10.04 -17.43
CA ILE A 734 -21.19 -9.36 -18.65
C ILE A 734 -22.69 -9.05 -18.57
N ASN A 735 -23.04 -7.81 -18.86
CA ASN A 735 -24.45 -7.39 -18.88
C ASN A 735 -25.06 -7.83 -20.21
N GLY A 736 -25.65 -9.02 -20.20
CA GLY A 736 -26.25 -9.56 -21.42
C GLY A 736 -26.95 -10.89 -21.22
N CYS A 737 -27.04 -11.67 -22.29
CA CYS A 737 -27.74 -12.95 -22.28
C CYS A 737 -26.75 -14.10 -22.40
N ALA A 738 -27.23 -15.30 -22.04
CA ALA A 738 -26.47 -16.54 -22.18
C ALA A 738 -27.45 -17.63 -22.60
N PHE A 739 -27.57 -17.83 -23.91
CA PHE A 739 -28.47 -18.85 -24.45
C PHE A 739 -27.81 -20.22 -24.26
N LEU A 740 -28.33 -21.01 -23.33
CA LEU A 740 -27.74 -22.28 -22.94
C LEU A 740 -28.39 -23.43 -23.71
N ASP A 741 -27.73 -24.59 -23.65
CA ASP A 741 -28.22 -25.82 -24.26
C ASP A 741 -28.85 -26.76 -23.23
N GLU A 742 -29.35 -26.20 -22.13
CA GLU A 742 -29.95 -27.00 -21.06
C GLU A 742 -31.22 -26.32 -20.59
N ASP A 743 -32.10 -27.10 -19.97
CA ASP A 743 -33.35 -26.59 -19.45
C ASP A 743 -33.14 -25.89 -18.12
N GLU A 744 -34.15 -25.12 -17.71
CA GLU A 744 -34.07 -24.36 -16.47
C GLU A 744 -34.04 -25.30 -15.27
N GLU A 745 -33.15 -25.01 -14.33
CA GLU A 745 -33.01 -25.82 -13.12
C GLU A 745 -32.61 -24.91 -11.97
N GLU A 746 -33.08 -25.24 -10.78
CA GLU A 746 -32.80 -24.48 -9.58
C GLU A 746 -31.92 -25.32 -8.65
N GLU A 747 -30.78 -24.76 -8.26
CA GLU A 747 -29.88 -25.44 -7.34
C GLU A 747 -30.36 -25.25 -5.91
N LYS A 748 -29.87 -26.12 -5.02
CA LYS A 748 -30.26 -26.06 -3.63
C LYS A 748 -29.57 -24.90 -2.93
N TYR A 749 -30.05 -24.58 -1.72
CA TYR A 749 -29.49 -23.48 -0.94
C TYR A 749 -28.06 -23.75 -0.51
N GLY A 750 -27.64 -25.01 -0.45
CA GLY A 750 -26.30 -25.38 -0.04
C GLY A 750 -25.43 -25.70 -1.25
N ASN A 751 -24.15 -25.35 -1.14
CA ASN A 751 -23.18 -25.59 -2.19
C ASN A 751 -22.38 -26.88 -1.97
N GLN A 752 -22.77 -27.70 -1.00
CA GLN A 752 -22.06 -28.94 -0.71
C GLN A 752 -22.25 -30.00 -1.78
N ILE A 753 -23.16 -29.79 -2.73
CA ILE A 753 -23.45 -30.78 -3.77
C ILE A 753 -22.53 -30.49 -4.96
N GLU A 754 -21.52 -29.65 -4.74
CA GLU A 754 -20.52 -29.34 -5.75
C GLU A 754 -19.36 -30.33 -5.76
N GLU A 755 -19.60 -31.58 -5.33
CA GLU A 755 -18.55 -32.59 -5.29
C GLU A 755 -17.95 -32.84 -6.66
N ASP A 756 -18.71 -32.59 -7.73
CA ASP A 756 -18.22 -32.83 -9.08
C ASP A 756 -17.02 -31.92 -9.38
N GLU A 757 -16.25 -32.31 -10.39
CA GLU A 757 -15.05 -31.59 -10.75
C GLU A 757 -15.39 -30.22 -11.34
N HIS A 758 -14.35 -29.40 -11.52
CA HIS A 758 -14.51 -28.04 -12.01
C HIS A 758 -14.57 -28.09 -13.54
N ASN A 759 -15.75 -28.48 -14.04
CA ASN A 759 -15.95 -28.66 -15.47
C ASN A 759 -16.19 -27.32 -16.16
N GLU A 760 -16.46 -27.38 -17.46
CA GLU A 760 -16.65 -26.18 -18.27
C GLU A 760 -18.07 -25.65 -18.26
N LYS A 761 -19.06 -26.52 -18.01
CA LYS A 761 -20.45 -26.09 -18.03
C LYS A 761 -20.75 -25.08 -16.92
N ILE A 762 -20.17 -25.30 -15.73
CA ILE A 762 -20.40 -24.39 -14.62
C ILE A 762 -19.82 -23.02 -14.91
N LYS A 763 -18.69 -22.97 -15.62
CA LYS A 763 -18.07 -21.69 -15.96
C LYS A 763 -19.02 -20.83 -16.79
N MET A 764 -19.74 -21.44 -17.73
CA MET A 764 -20.57 -20.68 -18.66
C MET A 764 -21.71 -19.96 -17.93
N LYS A 765 -22.33 -20.61 -16.95
CA LYS A 765 -23.51 -20.04 -16.31
C LYS A 765 -23.18 -18.91 -15.35
N THR A 766 -21.93 -18.77 -14.92
CA THR A 766 -21.53 -17.79 -13.93
C THR A 766 -20.91 -16.54 -14.54
N PHE A 767 -21.10 -16.31 -15.84
CA PHE A 767 -20.44 -15.21 -16.53
C PHE A 767 -21.38 -14.10 -16.97
N PHE A 768 -22.66 -14.39 -17.19
CA PHE A 768 -23.63 -13.40 -17.64
C PHE A 768 -24.68 -13.15 -16.55
N THR A 769 -25.15 -11.90 -16.49
CA THR A 769 -26.12 -11.53 -15.47
C THR A 769 -27.48 -12.20 -15.71
N GLN A 770 -27.76 -12.63 -16.94
CA GLN A 770 -29.02 -13.28 -17.26
C GLN A 770 -28.75 -14.54 -18.07
N ASN A 771 -29.44 -15.62 -17.71
CA ASN A 771 -29.32 -16.90 -18.40
C ASN A 771 -30.68 -17.29 -18.96
N ILE A 772 -30.70 -17.70 -20.22
CA ILE A 772 -31.92 -18.14 -20.90
C ILE A 772 -31.73 -19.59 -21.30
N TYR A 773 -32.72 -20.42 -20.98
CA TYR A 773 -32.64 -21.85 -21.19
C TYR A 773 -33.39 -22.25 -22.46
N LYS A 774 -33.16 -23.49 -22.90
CA LYS A 774 -33.65 -23.93 -24.20
C LYS A 774 -35.15 -24.19 -24.19
N LYS A 775 -35.72 -24.59 -23.06
CA LYS A 775 -37.13 -24.95 -23.00
C LYS A 775 -37.77 -24.32 -21.77
N ASN A 776 -39.09 -24.17 -21.84
CA ASN A 776 -39.90 -23.60 -20.77
C ASN A 776 -39.47 -22.17 -20.43
N ASN A 777 -38.98 -21.44 -21.42
CA ASN A 777 -38.69 -20.02 -21.22
C ASN A 777 -39.98 -19.22 -21.18
N ILE A 778 -39.98 -18.18 -20.35
CA ILE A 778 -41.17 -17.38 -20.14
C ILE A 778 -40.90 -15.92 -20.45
N TYR A 779 -39.61 -15.53 -20.41
CA TYR A 779 -39.18 -14.13 -20.49
C TYR A 779 -38.14 -13.94 -21.60
N PRO A 780 -38.36 -13.01 -22.51
CA PRO A 780 -37.29 -12.64 -23.44
C PRO A 780 -36.21 -11.84 -22.71
N CYS A 781 -35.01 -11.85 -23.29
CA CYS A 781 -33.89 -11.15 -22.69
C CYS A 781 -34.08 -9.64 -22.72
N TYR A 782 -33.55 -8.98 -21.69
CA TYR A 782 -33.53 -7.52 -21.59
C TYR A 782 -32.13 -7.11 -21.19
N MET A 783 -31.37 -6.58 -22.15
CA MET A 783 -30.00 -6.17 -21.94
C MET A 783 -29.94 -4.67 -21.71
N LYS A 784 -29.43 -4.25 -20.56
CA LYS A 784 -29.21 -2.85 -20.26
C LYS A 784 -27.72 -2.56 -20.13
N LEU A 785 -27.27 -1.47 -20.73
CA LEU A 785 -25.88 -1.06 -20.72
C LEU A 785 -25.76 0.33 -20.10
N TYR A 786 -24.52 0.77 -19.94
CA TYR A 786 -24.24 2.08 -19.39
C TYR A 786 -23.00 2.65 -20.07
N SER A 787 -22.83 3.96 -19.95
CA SER A 787 -21.64 4.60 -20.48
C SER A 787 -20.40 4.05 -19.79
N GLY A 788 -19.44 3.58 -20.60
CA GLY A 788 -18.25 2.95 -20.06
C GLY A 788 -18.42 1.52 -19.63
N ASP A 789 -19.58 0.92 -19.86
CA ASP A 789 -19.85 -0.46 -19.50
C ASP A 789 -19.74 -1.37 -20.72
N ILE A 790 -19.81 -2.68 -20.47
CA ILE A 790 -19.67 -3.69 -21.51
C ILE A 790 -20.85 -4.65 -21.45
N GLY A 791 -21.36 -5.04 -22.62
CA GLY A 791 -22.34 -6.09 -22.71
C GLY A 791 -21.90 -7.14 -23.72
N GLY A 792 -22.69 -8.20 -23.79
CA GLY A 792 -22.38 -9.29 -24.69
C GLY A 792 -23.51 -10.28 -24.77
N ILE A 793 -23.47 -11.10 -25.82
CA ILE A 793 -24.50 -12.10 -26.09
C ILE A 793 -23.83 -13.42 -26.40
N LEU A 794 -24.30 -14.49 -25.78
CA LEU A 794 -23.89 -15.85 -26.10
C LEU A 794 -25.02 -16.49 -26.91
N PHE A 795 -24.78 -16.66 -28.21
CA PHE A 795 -25.83 -17.12 -29.11
C PHE A 795 -25.96 -18.65 -29.04
N PRO A 796 -27.13 -19.18 -29.34
CA PRO A 796 -27.31 -20.64 -29.32
C PRO A 796 -26.43 -21.33 -30.37
N LYS A 797 -26.06 -22.57 -30.07
CA LYS A 797 -25.23 -23.34 -30.99
C LYS A 797 -25.94 -23.60 -32.32
N ASN A 798 -27.27 -23.57 -32.32
CA ASN A 798 -28.07 -23.82 -33.51
C ASN A 798 -28.52 -22.53 -34.19
N ILE A 799 -27.72 -21.46 -34.08
CA ILE A 799 -28.09 -20.19 -34.68
C ILE A 799 -28.07 -20.26 -36.20
N LYS A 800 -29.09 -19.69 -36.83
CA LYS A 800 -29.18 -19.59 -38.28
C LYS A 800 -28.79 -18.22 -38.81
N SER A 801 -29.26 -17.16 -38.17
CA SER A 801 -28.90 -15.81 -38.56
C SER A 801 -29.04 -14.92 -37.33
N THR A 802 -28.45 -13.74 -37.40
CA THR A 802 -28.52 -12.80 -36.29
C THR A 802 -28.42 -11.39 -36.84
N THR A 803 -29.36 -10.54 -36.41
CA THR A 803 -29.35 -9.13 -36.77
C THR A 803 -29.11 -8.25 -35.55
N CYS A 804 -28.57 -8.82 -34.48
CA CYS A 804 -28.31 -8.07 -33.26
C CYS A 804 -27.08 -7.20 -33.36
N PHE A 805 -26.37 -7.26 -34.48
CA PHE A 805 -25.25 -6.37 -34.73
C PHE A 805 -25.26 -5.99 -36.20
N GLU A 806 -25.12 -4.68 -36.47
CA GLU A 806 -25.12 -4.08 -37.81
C GLU A 806 -26.53 -3.91 -38.35
N GLU A 807 -27.27 -5.00 -38.49
CA GLU A 807 -28.62 -4.95 -39.06
C GLU A 807 -29.67 -4.84 -37.96
N MET A 808 -29.50 -3.80 -37.15
CA MET A 808 -30.29 -3.61 -35.94
C MET A 808 -31.42 -2.61 -36.17
N ILE A 809 -32.19 -2.33 -35.12
CA ILE A 809 -33.46 -1.60 -35.27
C ILE A 809 -33.70 -0.67 -34.09
N PRO A 810 -33.82 0.65 -34.32
CA PRO A 810 -34.22 1.56 -33.25
C PRO A 810 -35.71 1.45 -32.94
N TYR A 811 -36.07 1.94 -31.74
CA TYR A 811 -37.46 1.86 -31.29
C TYR A 811 -38.25 3.14 -31.55
N ASN A 812 -37.63 4.30 -31.34
CA ASN A 812 -38.39 5.55 -31.22
C ASN A 812 -39.15 5.87 -32.50
N LYS A 813 -40.47 5.68 -32.46
CA LYS A 813 -41.32 5.93 -33.62
C LYS A 813 -41.61 7.41 -33.81
N GLU A 814 -41.40 8.23 -32.77
CA GLU A 814 -41.75 9.64 -32.85
C GLU A 814 -40.93 10.39 -33.88
N ILE A 815 -39.69 9.95 -34.13
CA ILE A 815 -38.80 10.69 -35.02
C ILE A 815 -38.25 9.79 -36.12
N LYS A 816 -38.53 8.49 -36.05
CA LYS A 816 -38.00 7.57 -37.04
C LYS A 816 -38.66 7.81 -38.41
N TRP A 817 -37.86 7.60 -39.46
CA TRP A 817 -38.33 7.75 -40.83
C TRP A 817 -38.66 6.41 -41.49
N ASN A 818 -39.11 5.43 -40.69
CA ASN A 818 -39.42 4.07 -41.14
C ASN A 818 -38.21 3.38 -41.75
N LYS A 819 -37.01 3.75 -41.32
CA LYS A 819 -35.80 3.09 -41.80
C LYS A 819 -35.77 1.65 -41.31
N GLU A 820 -35.32 0.74 -42.18
CA GLU A 820 -35.36 -0.68 -41.88
C GLU A 820 -34.32 -1.07 -40.85
N ASN A 821 -33.04 -0.91 -41.18
CA ASN A 821 -31.94 -1.33 -40.32
C ASN A 821 -30.95 -0.19 -40.14
N LYS A 822 -30.28 -0.20 -38.98
CA LYS A 822 -29.19 0.73 -38.70
C LYS A 822 -28.13 0.00 -37.90
N SER A 823 -26.89 0.47 -38.03
CA SER A 823 -25.74 -0.16 -37.39
C SER A 823 -25.42 0.52 -36.07
N LEU A 824 -24.94 -0.27 -35.11
CA LEU A 824 -24.60 0.26 -33.80
C LEU A 824 -23.48 1.28 -33.89
N GLY A 825 -22.50 1.04 -34.76
CA GLY A 825 -21.45 2.02 -34.96
C GLY A 825 -21.97 3.36 -35.44
N ASN A 826 -22.97 3.34 -36.33
CA ASN A 826 -23.60 4.58 -36.76
C ASN A 826 -24.53 5.13 -35.70
N LEU A 827 -25.27 4.25 -35.01
CA LEU A 827 -26.19 4.70 -33.98
C LEU A 827 -25.45 5.33 -32.80
N VAL A 828 -24.40 4.68 -32.33
CA VAL A 828 -23.59 5.17 -31.22
C VAL A 828 -22.20 5.45 -31.74
N ASN A 829 -21.78 6.72 -31.68
CA ASN A 829 -20.47 7.10 -32.17
C ASN A 829 -19.37 6.53 -31.29
N ASN A 830 -18.25 6.15 -31.92
CA ASN A 830 -17.06 5.61 -31.28
C ASN A 830 -17.29 4.26 -30.61
N SER A 831 -18.46 3.65 -30.80
CA SER A 831 -18.69 2.30 -30.31
C SER A 831 -18.03 1.29 -31.23
N VAL A 832 -17.53 0.20 -30.65
CA VAL A 832 -16.83 -0.84 -31.38
C VAL A 832 -17.46 -2.18 -31.03
N VAL A 833 -17.67 -3.02 -32.04
CA VAL A 833 -18.29 -4.33 -31.89
C VAL A 833 -17.23 -5.38 -32.12
N TYR A 834 -17.19 -6.40 -31.26
CA TYR A 834 -16.18 -7.43 -31.30
C TYR A 834 -16.79 -8.74 -31.80
N ASN A 835 -16.00 -9.47 -32.60
CA ASN A 835 -16.41 -10.75 -33.16
C ASN A 835 -17.67 -10.61 -34.02
N LYS A 836 -17.59 -9.69 -34.99
CA LYS A 836 -18.72 -9.47 -35.89
C LYS A 836 -19.03 -10.70 -36.71
N GLU A 837 -18.01 -11.39 -37.20
CA GLU A 837 -18.20 -12.55 -38.06
C GLU A 837 -18.49 -13.83 -37.29
N MET A 838 -18.42 -13.79 -35.95
CA MET A 838 -18.67 -14.95 -35.10
C MET A 838 -17.71 -16.10 -35.43
N ASN A 839 -16.42 -15.81 -35.33
CA ASN A 839 -15.38 -16.78 -35.58
C ASN A 839 -14.62 -17.06 -34.29
N ALA A 840 -14.62 -18.32 -33.87
CA ALA A 840 -13.93 -18.78 -32.68
C ALA A 840 -14.03 -20.30 -32.63
N LYS A 841 -13.13 -20.92 -31.86
CA LYS A 841 -13.13 -22.37 -31.76
C LYS A 841 -14.42 -22.88 -31.10
N TYR A 842 -14.75 -22.33 -29.93
CA TYR A 842 -15.92 -22.82 -29.18
C TYR A 842 -16.81 -21.67 -28.73
N PHE A 843 -16.22 -20.50 -28.48
CA PHE A 843 -16.93 -19.40 -27.84
C PHE A 843 -17.63 -18.57 -28.90
N ASN A 844 -18.93 -18.85 -29.13
CA ASN A 844 -19.73 -18.06 -30.06
C ASN A 844 -20.30 -16.92 -29.22
N VAL A 845 -19.50 -15.85 -29.11
CA VAL A 845 -19.85 -14.67 -28.32
C VAL A 845 -19.46 -13.42 -29.09
N GLN A 846 -20.12 -12.32 -28.74
CA GLN A 846 -19.76 -11.00 -29.22
C GLN A 846 -19.81 -10.02 -28.06
N TYR A 847 -18.89 -9.05 -28.06
CA TYR A 847 -18.81 -8.06 -27.00
C TYR A 847 -18.93 -6.65 -27.56
N VAL A 848 -19.49 -5.76 -26.77
CA VAL A 848 -19.69 -4.36 -27.14
C VAL A 848 -19.22 -3.48 -25.99
N HIS A 849 -18.57 -2.37 -26.34
CA HIS A 849 -18.13 -1.37 -25.37
C HIS A 849 -18.74 -0.03 -25.73
N ILE A 850 -19.43 0.58 -24.78
CA ILE A 850 -20.03 1.90 -24.97
C ILE A 850 -19.05 2.96 -24.46
N PRO A 851 -18.70 3.96 -25.27
CA PRO A 851 -17.75 4.98 -24.80
C PRO A 851 -18.30 5.77 -23.63
N THR A 852 -17.38 6.19 -22.76
CA THR A 852 -17.78 6.94 -21.56
C THR A 852 -18.39 8.29 -21.92
N SER A 853 -17.87 8.96 -22.94
CA SER A 853 -18.36 10.28 -23.32
C SER A 853 -19.80 10.24 -23.83
N TYR A 854 -20.32 9.07 -24.19
CA TYR A 854 -21.68 8.96 -24.66
C TYR A 854 -22.66 9.30 -23.54
N LYS A 855 -23.70 10.09 -23.88
CA LYS A 855 -24.65 10.56 -22.90
C LYS A 855 -26.10 10.47 -23.35
N ASP A 856 -26.36 9.97 -24.56
CA ASP A 856 -27.72 9.93 -25.09
C ASP A 856 -28.44 8.65 -24.65
N THR A 857 -29.76 8.71 -24.66
CA THR A 857 -30.60 7.57 -24.33
C THR A 857 -31.24 7.04 -25.60
N LEU A 858 -31.23 5.72 -25.77
CA LEU A 858 -31.70 5.14 -27.02
C LEU A 858 -32.04 3.66 -26.85
N ASN A 859 -33.20 3.24 -27.36
CA ASN A 859 -33.67 1.87 -27.24
C ASN A 859 -33.65 1.17 -28.60
N LEU A 860 -33.34 -0.12 -28.60
CA LEU A 860 -33.08 -0.89 -29.80
C LEU A 860 -33.63 -2.30 -29.68
N PHE A 861 -34.06 -2.87 -30.81
CA PHE A 861 -34.46 -4.26 -30.91
C PHE A 861 -33.52 -5.05 -31.82
N CYS A 862 -33.57 -6.37 -31.67
CA CYS A 862 -32.84 -7.28 -32.54
C CYS A 862 -33.42 -8.67 -32.38
N SER A 863 -33.02 -9.56 -33.29
CA SER A 863 -33.58 -10.91 -33.36
C SER A 863 -32.48 -11.94 -33.61
N ILE A 864 -32.76 -13.18 -33.20
CA ILE A 864 -31.87 -14.32 -33.35
C ILE A 864 -32.68 -15.45 -33.99
N ILE A 865 -32.16 -16.02 -35.07
CA ILE A 865 -32.81 -17.09 -35.81
C ILE A 865 -32.00 -18.37 -35.68
N LEU A 866 -32.69 -19.49 -35.50
CA LEU A 866 -32.06 -20.79 -35.25
C LEU A 866 -32.20 -21.73 -36.44
N LYS A 867 -31.29 -22.70 -36.52
CA LYS A 867 -31.42 -23.79 -37.48
C LYS A 867 -32.61 -24.68 -37.16
N GLU A 868 -33.01 -25.46 -38.17
CA GLU A 868 -33.93 -26.59 -38.04
C GLU A 868 -35.35 -26.13 -37.76
N GLU A 869 -35.53 -24.83 -37.53
CA GLU A 869 -36.83 -24.20 -37.31
C GLU A 869 -37.70 -25.05 -36.38
N GLU A 870 -38.99 -25.19 -36.68
CA GLU A 870 -39.84 -26.08 -35.91
C GLU A 870 -40.26 -27.31 -36.71
N SER A 871 -40.95 -27.15 -37.83
CA SER A 871 -41.24 -28.30 -38.69
C SER A 871 -40.63 -28.17 -40.07
N ASN A 872 -41.03 -27.17 -40.85
CA ASN A 872 -40.43 -26.90 -42.16
C ASN A 872 -39.88 -25.48 -42.27
N LEU A 873 -40.72 -24.48 -41.99
CA LEU A 873 -40.31 -23.08 -42.15
C LEU A 873 -40.77 -22.22 -40.98
N ILE A 874 -41.44 -22.79 -39.98
CA ILE A 874 -41.84 -22.03 -38.80
C ILE A 874 -40.63 -21.92 -37.88
N SER A 875 -40.10 -20.71 -37.73
CA SER A 875 -38.90 -20.48 -36.93
C SER A 875 -39.28 -19.88 -35.59
N THR A 876 -38.76 -20.46 -34.51
CA THR A 876 -39.02 -19.97 -33.15
C THR A 876 -37.91 -18.99 -32.76
N SER A 877 -37.88 -17.87 -33.47
CA SER A 877 -36.86 -16.86 -33.24
C SER A 877 -37.08 -16.13 -31.93
N TYR A 878 -36.00 -15.57 -31.39
CA TYR A 878 -36.03 -14.85 -30.12
C TYR A 878 -35.86 -13.36 -30.36
N LEU A 879 -36.58 -12.57 -29.57
CA LEU A 879 -36.44 -11.12 -29.54
C LEU A 879 -35.81 -10.74 -28.21
N VAL A 880 -34.65 -10.10 -28.25
CA VAL A 880 -33.95 -9.66 -27.05
C VAL A 880 -33.71 -8.16 -27.15
N TYR A 881 -33.90 -7.45 -26.04
CA TYR A 881 -33.97 -6.00 -26.05
C TYR A 881 -32.63 -5.40 -25.59
N VAL A 882 -32.21 -4.35 -26.27
CA VAL A 882 -30.93 -3.69 -26.01
C VAL A 882 -31.21 -2.30 -25.45
N SER A 883 -30.67 -2.03 -24.27
CA SER A 883 -30.75 -0.72 -23.63
C SER A 883 -29.33 -0.21 -23.37
N ILE A 884 -29.10 1.07 -23.65
CA ILE A 884 -27.74 1.61 -23.60
C ILE A 884 -27.62 2.66 -22.49
N ASN A 885 -28.68 3.42 -22.26
CA ASN A 885 -28.64 4.44 -21.21
C ASN A 885 -30.07 4.79 -20.80
N GLU A 886 -30.48 4.35 -19.61
CA GLU A 886 -31.78 4.75 -19.05
C GLU A 886 -31.63 4.86 -17.54
N GLU A 887 -31.42 6.08 -17.06
CA GLU A 887 -31.36 6.37 -15.63
C GLU A 887 -32.62 7.11 -15.23
N LEU A 888 -33.22 6.69 -14.10
CA LEU A 888 -34.42 7.33 -13.56
C LEU A 888 -35.48 7.47 -14.66
N ASN A 889 -35.67 6.40 -15.42
CA ASN A 889 -36.56 6.48 -16.57
C ASN A 889 -38.03 6.59 -16.18
N PHE A 890 -38.40 6.13 -14.98
CA PHE A 890 -39.80 6.21 -14.56
C PHE A 890 -40.19 7.64 -14.23
N SER A 891 -40.23 8.51 -15.23
CA SER A 891 -40.54 9.91 -15.05
C SER A 891 -41.96 10.22 -15.53
N LEU A 892 -42.43 11.41 -15.18
CA LEU A 892 -43.75 11.87 -15.61
C LEU A 892 -43.74 12.51 -16.99
N PHE A 893 -42.58 12.56 -17.66
CA PHE A 893 -42.52 13.00 -19.04
C PHE A 893 -42.73 11.85 -20.01
N ASP A 894 -43.01 10.64 -19.52
CA ASP A 894 -43.33 9.49 -20.34
C ASP A 894 -44.71 8.93 -20.04
N PHE A 895 -45.17 8.98 -18.79
CA PHE A 895 -46.47 8.44 -18.41
C PHE A 895 -47.60 9.43 -18.60
N TYR A 896 -47.32 10.63 -19.10
CA TYR A 896 -48.33 11.65 -19.35
C TYR A 896 -48.38 11.94 -20.84
N GLU A 897 -49.56 11.73 -21.44
CA GLU A 897 -49.71 11.86 -22.88
C GLU A 897 -49.68 13.30 -23.35
N SER A 898 -50.08 14.25 -22.51
CA SER A 898 -50.09 15.65 -22.92
C SER A 898 -48.68 16.17 -23.21
N PHE A 899 -47.66 15.58 -22.59
CA PHE A 899 -46.29 15.98 -22.80
C PHE A 899 -45.58 15.13 -23.85
N VAL A 900 -46.28 14.18 -24.46
CA VAL A 900 -45.74 13.39 -25.56
C VAL A 900 -45.48 14.27 -26.80
N PRO A 901 -46.40 15.14 -27.23
CA PRO A 901 -46.18 15.85 -28.49
C PRO A 901 -44.91 16.70 -28.54
N ILE A 902 -44.50 17.29 -27.42
CA ILE A 902 -43.30 18.12 -27.44
C ILE A 902 -42.08 17.25 -27.73
N LYS A 903 -41.25 17.71 -28.65
CA LYS A 903 -40.06 16.97 -29.05
C LYS A 903 -38.94 17.26 -28.05
N LYS A 904 -38.43 16.21 -27.41
CA LYS A 904 -37.42 16.35 -26.38
C LYS A 904 -36.16 15.60 -26.77
N THR A 905 -35.12 15.74 -25.93
CA THR A 905 -33.88 14.99 -26.06
C THR A 905 -33.51 14.52 -24.66
N ILE A 906 -33.64 13.22 -24.42
CA ILE A 906 -33.40 12.65 -23.10
C ILE A 906 -31.93 12.25 -22.99
N GLN A 907 -31.26 12.75 -21.96
CA GLN A 907 -29.83 12.51 -21.78
C GLN A 907 -29.57 12.17 -20.32
N VAL A 908 -28.43 11.51 -20.09
CA VAL A 908 -27.98 11.18 -18.75
C VAL A 908 -26.78 12.04 -18.39
N ALA A 909 -26.55 12.20 -17.09
CA ALA A 909 -25.43 13.00 -16.61
C ALA A 909 -24.12 12.23 -16.82
N GLN A 910 -23.23 12.76 -17.65
CA GLN A 910 -21.97 12.13 -17.93
C GLN A 910 -21.00 12.33 -16.76
N LYS A 911 -19.91 11.57 -16.78
CA LYS A 911 -18.83 11.78 -15.82
C LYS A 911 -18.13 13.10 -16.13
N ASN A 912 -17.82 13.86 -15.08
CA ASN A 912 -17.26 15.19 -15.25
C ASN A 912 -15.86 15.12 -15.85
N VAL A 913 -15.47 16.21 -16.52
CA VAL A 913 -14.17 16.29 -17.17
C VAL A 913 -13.03 16.21 -16.16
N ASN A 914 -13.29 16.59 -14.90
CA ASN A 914 -12.26 16.57 -13.85
C ASN A 914 -11.75 15.17 -13.54
N ASN A 915 -12.31 14.14 -14.17
CA ASN A 915 -11.89 12.74 -14.06
C ASN A 915 -12.21 12.13 -12.71
N LYS A 916 -13.02 12.79 -11.89
CA LYS A 916 -13.48 12.21 -10.64
C LYS A 916 -14.56 11.17 -10.93
N GLU A 917 -14.45 10.00 -10.30
CA GLU A 917 -15.32 8.88 -10.64
C GLU A 917 -16.77 9.15 -10.27
N HIS A 918 -17.01 9.93 -9.22
CA HIS A 918 -18.36 10.17 -8.71
C HIS A 918 -18.78 11.62 -8.91
N ASP A 919 -18.38 12.22 -10.02
CA ASP A 919 -18.80 13.56 -10.39
C ASP A 919 -19.63 13.51 -11.66
N TYR A 920 -20.82 14.09 -11.61
CA TYR A 920 -21.76 14.07 -12.73
C TYR A 920 -22.13 15.51 -13.08
N THR A 921 -22.15 15.82 -14.38
CA THR A 921 -22.34 17.18 -14.85
C THR A 921 -23.27 17.23 -16.06
N CYS A 922 -24.20 18.18 -16.04
CA CYS A 922 -24.98 18.57 -17.20
C CYS A 922 -24.78 20.04 -17.49
N ASP A 923 -24.40 20.36 -18.72
CA ASP A 923 -24.23 21.74 -19.16
C ASP A 923 -25.21 22.02 -20.29
N PHE A 924 -25.97 23.10 -20.15
CA PHE A 924 -26.95 23.51 -21.14
C PHE A 924 -26.55 24.80 -21.86
N THR A 925 -25.25 25.09 -21.89
CA THR A 925 -24.78 26.30 -22.56
C THR A 925 -25.07 26.25 -24.06
N ASP A 926 -24.84 25.09 -24.69
CA ASP A 926 -25.04 24.93 -26.11
C ASP A 926 -26.38 24.31 -26.46
N LYS A 927 -27.28 24.16 -25.48
CA LYS A 927 -28.60 23.59 -25.72
C LYS A 927 -29.74 24.57 -25.52
N LEU A 928 -29.47 25.76 -24.99
CA LEU A 928 -30.49 26.79 -24.81
C LEU A 928 -30.42 27.87 -25.88
N ASP A 929 -29.68 27.63 -26.96
CA ASP A 929 -29.50 28.63 -28.00
C ASP A 929 -30.81 28.89 -28.74
N LYS A 930 -30.97 30.14 -29.18
CA LYS A 930 -32.12 30.54 -30.00
C LYS A 930 -31.93 29.95 -31.39
N THR A 931 -32.68 28.88 -31.69
CA THR A 931 -32.50 28.14 -32.92
C THR A 931 -32.85 29.00 -34.14
N VAL A 932 -32.40 28.55 -35.31
CA VAL A 932 -32.68 29.27 -36.55
C VAL A 932 -34.18 29.26 -36.81
N PRO A 933 -34.78 30.38 -37.22
CA PRO A 933 -36.23 30.39 -37.48
C PRO A 933 -36.66 29.44 -38.58
N SER A 934 -35.75 29.03 -39.46
CA SER A 934 -36.11 28.09 -40.52
C SER A 934 -36.50 26.72 -39.98
N THR A 935 -36.15 26.41 -38.74
CA THR A 935 -36.49 25.12 -38.14
C THR A 935 -37.98 25.07 -37.88
N ALA A 936 -38.71 24.30 -38.70
CA ALA A 936 -40.15 24.16 -38.54
C ALA A 936 -40.54 23.26 -37.38
N ASN A 937 -39.59 22.51 -36.81
CA ASN A 937 -39.91 21.66 -35.66
C ASN A 937 -40.33 22.48 -34.46
N GLY A 938 -39.69 23.62 -34.24
CA GLY A 938 -40.00 24.48 -33.12
C GLY A 938 -39.00 24.35 -31.98
N LYS A 939 -39.46 24.73 -30.80
CA LYS A 939 -38.63 24.67 -29.61
C LYS A 939 -38.39 23.21 -29.19
N LYS A 940 -37.30 23.01 -28.44
CA LYS A 940 -36.90 21.68 -27.99
C LYS A 940 -36.77 21.67 -26.48
N LEU A 941 -36.92 20.47 -25.90
CA LEU A 941 -36.80 20.25 -24.47
C LEU A 941 -35.62 19.32 -24.21
N PHE A 942 -34.70 19.74 -23.36
CA PHE A 942 -33.50 18.97 -23.04
C PHE A 942 -33.55 18.57 -21.57
N ILE A 943 -33.53 17.27 -21.30
CA ILE A 943 -33.72 16.73 -19.97
C ILE A 943 -32.54 15.84 -19.60
N CYS A 944 -32.00 16.03 -18.41
CA CYS A 944 -31.03 15.13 -17.80
C CYS A 944 -31.73 14.28 -16.75
N ARG A 945 -31.51 12.98 -16.82
CA ARG A 945 -31.95 12.04 -15.79
C ARG A 945 -30.75 11.39 -15.13
N LYS A 946 -30.84 11.18 -13.82
CA LYS A 946 -29.72 10.63 -13.07
C LYS A 946 -30.23 10.16 -11.71
N HIS A 947 -29.73 9.00 -11.28
CA HIS A 947 -30.04 8.43 -9.97
C HIS A 947 -28.80 8.57 -9.09
N LEU A 948 -28.88 9.45 -8.11
CA LEU A 948 -27.75 9.73 -7.24
C LEU A 948 -27.69 8.76 -6.07
N LYS A 949 -26.50 8.58 -5.51
CA LYS A 949 -26.28 7.73 -4.37
C LYS A 949 -25.36 8.46 -3.39
N GLU A 950 -24.87 7.74 -2.39
CA GLU A 950 -24.08 8.36 -1.32
C GLU A 950 -22.79 8.95 -1.89
N PHE A 951 -22.45 10.14 -1.40
CA PHE A 951 -21.25 10.91 -1.74
C PHE A 951 -21.20 11.37 -3.19
N ASP A 952 -22.25 11.12 -3.98
CA ASP A 952 -22.25 11.57 -5.36
C ASP A 952 -22.40 13.09 -5.43
N THR A 953 -21.68 13.70 -6.37
CA THR A 953 -21.70 15.14 -6.58
C THR A 953 -22.34 15.44 -7.93
N PHE A 954 -23.39 16.25 -7.91
CA PHE A 954 -24.10 16.67 -9.12
C PHE A 954 -23.97 18.18 -9.30
N THR A 955 -23.66 18.59 -10.53
CA THR A 955 -23.50 20.00 -10.86
C THR A 955 -24.32 20.33 -12.08
N LEU A 956 -25.10 21.40 -12.00
CA LEU A 956 -25.87 21.92 -13.14
C LEU A 956 -25.18 23.19 -13.63
N LYS A 957 -24.93 23.25 -14.94
CA LYS A 957 -24.17 24.34 -15.53
C LYS A 957 -25.08 25.04 -16.53
N CYS A 958 -25.25 26.35 -16.39
CA CYS A 958 -26.27 27.06 -17.15
C CYS A 958 -25.77 28.47 -17.50
N ASN A 959 -25.97 28.84 -18.77
CA ASN A 959 -25.54 30.16 -19.24
C ASN A 959 -26.63 31.19 -18.99
N VAL A 960 -26.23 32.35 -18.46
CA VAL A 960 -27.17 33.43 -18.19
C VAL A 960 -26.65 34.76 -18.75
N ASN A 961 -25.76 34.68 -19.74
CA ASN A 961 -25.20 35.89 -20.33
C ASN A 961 -26.30 36.66 -21.08
N LYS A 962 -26.40 37.96 -20.81
CA LYS A 962 -27.39 38.79 -21.47
C LYS A 962 -27.05 39.06 -22.94
N THR A 963 -25.79 38.87 -23.33
CA THR A 963 -25.42 39.08 -24.73
C THR A 963 -26.03 38.01 -25.63
N GLN A 964 -26.16 36.78 -25.14
CA GLN A 964 -26.66 35.66 -25.93
C GLN A 964 -28.06 35.22 -25.52
N TYR A 965 -28.32 35.08 -24.22
CA TYR A 965 -29.60 34.60 -23.70
C TYR A 965 -30.20 35.64 -22.77
N PRO A 966 -30.78 36.71 -23.30
CA PRO A 966 -31.40 37.72 -22.44
C PRO A 966 -32.62 37.18 -21.71
N ASN A 967 -32.83 37.70 -20.51
CA ASN A 967 -34.06 37.48 -19.72
C ASN A 967 -34.34 36.01 -19.45
N ILE A 968 -33.31 35.17 -19.38
CA ILE A 968 -33.51 33.76 -19.09
C ILE A 968 -34.04 33.61 -17.67
N GLU A 969 -34.98 32.69 -17.48
CA GLU A 969 -35.61 32.46 -16.19
C GLU A 969 -35.16 31.12 -15.62
N ILE A 970 -34.78 31.12 -14.35
CA ILE A 970 -34.31 29.92 -13.66
C ILE A 970 -35.49 29.34 -12.88
N PHE A 971 -35.86 28.11 -13.20
CA PHE A 971 -36.94 27.57 -12.38
C PHE A 971 -36.38 26.53 -11.41
N PRO A 972 -36.84 26.52 -10.15
CA PRO A 972 -37.85 27.39 -9.53
C PRO A 972 -37.40 28.83 -9.39
N LYS A 973 -38.32 29.79 -9.37
CA LYS A 973 -37.95 31.18 -9.13
C LYS A 973 -37.43 31.40 -7.72
N THR A 974 -37.71 30.48 -6.80
CA THR A 974 -37.19 30.54 -5.44
C THR A 974 -35.92 29.73 -5.25
N LEU A 975 -35.42 29.09 -6.31
CA LEU A 975 -34.18 28.31 -6.20
C LEU A 975 -33.00 29.21 -5.86
N LYS A 976 -32.91 30.38 -6.50
CA LYS A 976 -31.80 31.29 -6.23
C LYS A 976 -31.84 31.81 -4.80
N ASP A 977 -33.03 32.12 -4.29
CA ASP A 977 -33.16 32.74 -2.98
C ASP A 977 -33.36 31.70 -1.88
N LYS A 978 -34.34 30.82 -2.04
CA LYS A 978 -34.75 29.91 -0.98
C LYS A 978 -34.22 28.49 -1.16
N LYS A 979 -33.39 28.25 -2.19
CA LYS A 979 -32.80 26.94 -2.45
C LYS A 979 -33.87 25.85 -2.56
N GLU A 980 -34.96 26.17 -3.26
CA GLU A 980 -36.12 25.28 -3.34
C GLU A 980 -36.17 24.60 -4.70
N VAL A 981 -36.73 23.38 -4.70
CA VAL A 981 -36.87 22.57 -5.91
C VAL A 981 -38.29 22.02 -5.97
N LEU A 982 -38.70 21.62 -7.18
CA LEU A 982 -40.03 21.07 -7.42
C LEU A 982 -40.10 19.64 -6.92
N LYS A 983 -40.62 19.45 -5.72
CA LYS A 983 -40.89 18.11 -5.22
C LYS A 983 -42.08 17.51 -5.97
N LEU A 984 -41.99 16.21 -6.27
CA LEU A 984 -43.09 15.48 -6.91
C LEU A 984 -43.51 14.31 -6.05
N ASP A 985 -44.76 13.89 -6.22
CA ASP A 985 -45.29 12.71 -5.58
C ASP A 985 -44.99 11.47 -6.41
N LEU A 986 -44.81 10.33 -5.71
CA LEU A 986 -44.56 9.06 -6.37
C LEU A 986 -45.70 8.06 -6.13
N ASP A 987 -46.90 8.56 -5.87
CA ASP A 987 -48.04 7.68 -5.61
C ASP A 987 -48.39 6.86 -6.84
N ILE A 988 -48.36 7.48 -8.02
CA ILE A 988 -48.73 6.79 -9.25
C ILE A 988 -47.77 5.62 -9.52
N GLN A 989 -46.47 5.85 -9.29
CA GLN A 989 -45.50 4.78 -9.51
C GLN A 989 -45.74 3.62 -8.55
N TYR A 990 -46.11 3.91 -7.31
CA TYR A 990 -46.34 2.85 -6.33
C TYR A 990 -47.50 1.96 -6.73
N GLN A 991 -48.62 2.55 -7.12
CA GLN A 991 -49.78 1.77 -7.54
C GLN A 991 -49.49 0.97 -8.81
N MET A 992 -48.80 1.59 -9.77
CA MET A 992 -48.46 0.89 -11.01
C MET A 992 -47.52 -0.29 -10.73
N PHE A 993 -46.52 -0.09 -9.87
CA PHE A 993 -45.59 -1.16 -9.57
C PHE A 993 -46.26 -2.29 -8.81
N SER A 994 -47.23 -1.97 -7.94
CA SER A 994 -47.92 -3.01 -7.18
C SER A 994 -48.68 -3.95 -8.09
N LYS A 995 -49.35 -3.42 -9.12
CA LYS A 995 -50.14 -4.27 -9.99
C LYS A 995 -49.28 -5.17 -10.86
N PHE A 996 -48.14 -4.66 -11.35
CA PHE A 996 -47.31 -5.40 -12.28
C PHE A 996 -46.17 -6.14 -11.59
N PHE A 997 -45.41 -5.45 -10.74
CA PHE A 997 -44.23 -6.03 -10.10
C PHE A 997 -44.50 -6.52 -8.69
N LYS A 998 -45.76 -6.54 -8.27
CA LYS A 998 -46.14 -6.96 -6.90
C LYS A 998 -45.40 -6.13 -5.84
N PHE A 999 -45.20 -4.85 -6.12
CA PHE A 999 -44.48 -3.98 -5.21
C PHE A 999 -45.35 -3.59 -4.02
N ASN A 1000 -44.70 -3.46 -2.86
CA ASN A 1000 -45.36 -3.03 -1.63
C ASN A 1000 -44.77 -1.70 -1.20
N THR A 1001 -45.63 -0.81 -0.68
CA THR A 1001 -45.22 0.55 -0.36
C THR A 1001 -44.15 0.60 0.72
N GLN A 1002 -44.00 -0.46 1.52
CA GLN A 1002 -42.95 -0.48 2.53
C GLN A 1002 -41.56 -0.58 1.93
N ASN A 1003 -41.46 -0.99 0.66
CA ASN A 1003 -40.18 -1.06 -0.05
C ASN A 1003 -39.95 0.16 -0.93
N ALA A 1004 -40.46 1.33 -0.52
CA ALA A 1004 -40.28 2.54 -1.31
C ALA A 1004 -38.80 2.92 -1.40
N LYS A 1005 -38.05 2.72 -0.32
CA LYS A 1005 -36.64 3.11 -0.30
C LYS A 1005 -35.82 2.41 -1.36
N TYR A 1006 -36.28 1.26 -1.86
CA TYR A 1006 -35.56 0.49 -2.86
C TYR A 1006 -36.13 0.69 -4.27
N LEU A 1007 -36.89 1.76 -4.48
CA LEU A 1007 -37.47 2.05 -5.78
C LEU A 1007 -36.37 2.33 -6.80
N ASN A 1008 -36.73 2.23 -8.07
CA ASN A 1008 -35.89 2.38 -9.27
C ASN A 1008 -35.00 1.16 -9.47
N LEU A 1009 -34.99 0.21 -8.53
CA LEU A 1009 -34.29 -1.05 -8.70
C LEU A 1009 -35.14 -2.09 -9.41
N TYR A 1010 -36.45 -1.88 -9.49
CA TYR A 1010 -37.34 -2.82 -10.16
C TYR A 1010 -37.11 -2.78 -11.67
N PRO A 1011 -37.48 -3.84 -12.38
CA PRO A 1011 -37.15 -3.92 -13.81
C PRO A 1011 -37.78 -2.78 -14.60
N TYR A 1012 -37.10 -2.39 -15.67
CA TYR A 1012 -37.48 -1.25 -16.49
C TYR A 1012 -38.45 -1.63 -17.60
N TYR A 1013 -39.17 -2.75 -17.44
CA TYR A 1013 -40.12 -3.21 -18.44
C TYR A 1013 -41.31 -2.26 -18.61
N LEU A 1014 -41.62 -1.47 -17.58
CA LEU A 1014 -42.79 -0.60 -17.65
C LEU A 1014 -42.61 0.53 -18.66
N ILE A 1015 -41.37 0.92 -18.93
CA ILE A 1015 -41.11 1.97 -19.91
C ILE A 1015 -40.88 1.39 -21.30
N PHE A 1016 -40.11 0.30 -21.41
CA PHE A 1016 -39.78 -0.27 -22.70
C PHE A 1016 -39.64 -1.77 -22.50
N PRO A 1017 -40.20 -2.58 -23.40
CA PRO A 1017 -40.93 -2.21 -24.61
C PRO A 1017 -42.41 -1.94 -24.34
N PHE A 1018 -42.88 -2.18 -23.12
CA PHE A 1018 -44.30 -2.11 -22.80
C PHE A 1018 -44.60 -0.77 -22.11
N ASN A 1019 -44.64 0.28 -22.92
CA ASN A 1019 -45.02 1.61 -22.44
C ASN A 1019 -46.50 1.85 -22.62
N HIS A 1020 -47.06 1.37 -23.75
CA HIS A 1020 -48.48 1.54 -24.03
C HIS A 1020 -49.35 0.94 -22.92
N ILE A 1021 -48.89 -0.13 -22.28
CA ILE A 1021 -49.65 -0.73 -21.19
C ILE A 1021 -49.79 0.25 -20.03
N GLY A 1022 -48.69 0.92 -19.69
CA GLY A 1022 -48.76 1.92 -18.63
C GLY A 1022 -49.65 3.09 -18.99
N LYS A 1023 -49.61 3.52 -20.26
CA LYS A 1023 -50.48 4.61 -20.70
C LYS A 1023 -51.94 4.22 -20.60
N LYS A 1024 -52.28 2.99 -21.00
CA LYS A 1024 -53.66 2.54 -20.93
C LYS A 1024 -54.12 2.35 -19.49
N GLU A 1025 -53.21 1.95 -18.60
CA GLU A 1025 -53.57 1.73 -17.20
C GLU A 1025 -54.07 3.02 -16.55
N LEU A 1026 -53.37 4.13 -16.80
CA LEU A 1026 -53.82 5.42 -16.25
C LEU A 1026 -55.15 5.85 -16.86
N LYS A 1027 -55.33 5.61 -18.15
CA LYS A 1027 -56.54 6.07 -18.84
C LYS A 1027 -57.77 5.30 -18.39
N ASN A 1028 -57.65 3.98 -18.23
CA ASN A 1028 -58.81 3.13 -18.03
C ASN A 1028 -59.21 2.99 -16.56
N ASN A 1029 -58.25 2.67 -15.70
CA ASN A 1029 -58.57 2.39 -14.30
C ASN A 1029 -59.10 3.65 -13.61
N PRO A 1030 -60.21 3.56 -12.87
CA PRO A 1030 -60.78 4.75 -12.24
C PRO A 1030 -59.99 5.27 -11.04
N THR A 1031 -59.01 4.51 -10.54
CA THR A 1031 -58.25 4.96 -9.39
C THR A 1031 -57.49 6.25 -9.67
N TYR A 1032 -57.10 6.47 -10.93
CA TYR A 1032 -56.36 7.67 -11.31
C TYR A 1032 -57.27 8.78 -11.81
N LYS A 1033 -58.59 8.58 -11.81
CA LYS A 1033 -59.50 9.60 -12.32
C LYS A 1033 -59.52 10.83 -11.43
N ASN A 1034 -59.38 10.64 -10.11
CA ASN A 1034 -59.47 11.73 -9.16
C ASN A 1034 -58.10 12.26 -8.72
N HIS A 1035 -57.03 11.80 -9.37
CA HIS A 1035 -55.71 12.32 -9.06
C HIS A 1035 -55.61 13.80 -9.44
N LYS A 1036 -54.84 14.55 -8.66
CA LYS A 1036 -54.73 15.99 -8.88
C LYS A 1036 -54.10 16.33 -10.22
N ASP A 1037 -53.40 15.38 -10.85
CA ASP A 1037 -52.78 15.59 -12.15
C ASP A 1037 -53.54 14.89 -13.26
N VAL A 1038 -54.83 14.57 -13.05
CA VAL A 1038 -55.60 13.84 -14.05
C VAL A 1038 -55.76 14.67 -15.32
N LYS A 1039 -55.84 16.01 -15.19
CA LYS A 1039 -55.97 16.86 -16.35
C LYS A 1039 -54.78 16.72 -17.29
N TYR A 1040 -53.63 16.29 -16.77
CA TYR A 1040 -52.43 16.19 -17.58
C TYR A 1040 -52.37 14.87 -18.35
N PHE A 1041 -52.70 13.75 -17.71
CA PHE A 1041 -52.65 12.45 -18.39
C PHE A 1041 -54.01 12.01 -18.91
N GLU A 1042 -54.94 12.95 -19.08
CA GLU A 1042 -56.21 12.64 -19.74
C GLU A 1042 -56.01 12.57 -21.25
N GLN A 1043 -57.05 12.10 -21.94
CA GLN A 1043 -56.99 11.94 -23.39
C GLN A 1043 -57.23 13.27 -24.09
N SER A 1044 -56.72 13.37 -25.31
CA SER A 1044 -56.99 14.51 -26.17
C SER A 1044 -58.23 14.22 -27.01
N SER A 1045 -58.61 15.20 -27.84
CA SER A 1045 -59.77 15.06 -28.71
C SER A 1045 -59.51 15.75 -30.04
N VAL A 1046 -60.27 15.35 -31.05
CA VAL A 1046 -60.14 15.98 -32.36
C VAL A 1046 -60.63 17.42 -32.31
N LEU A 1047 -61.66 17.70 -31.50
CA LEU A 1047 -62.15 19.06 -31.36
C LEU A 1047 -61.29 19.91 -30.44
N SER A 1048 -60.48 19.28 -29.58
CA SER A 1048 -59.55 19.99 -28.69
C SER A 1048 -58.18 19.33 -28.76
N PRO A 1049 -57.49 19.46 -29.90
CA PRO A 1049 -56.17 18.84 -30.03
C PRO A 1049 -55.11 19.63 -29.29
N LEU A 1050 -53.96 18.99 -29.11
CA LEU A 1050 -52.78 19.60 -28.50
C LEU A 1050 -51.65 19.66 -29.52
N SER A 1051 -51.13 20.86 -29.74
CA SER A 1051 -50.03 21.07 -30.65
C SER A 1051 -48.72 21.20 -29.87
N SER A 1052 -47.64 21.52 -30.59
CA SER A 1052 -46.35 21.73 -29.93
C SER A 1052 -46.40 22.91 -28.97
N ALA A 1053 -47.02 24.02 -29.40
CA ALA A 1053 -47.17 25.16 -28.52
C ALA A 1053 -48.08 24.86 -27.34
N ASP A 1054 -49.17 24.13 -27.60
CA ASP A 1054 -50.10 23.79 -26.52
C ASP A 1054 -49.45 22.90 -25.47
N SER A 1055 -48.63 21.95 -25.91
CA SER A 1055 -47.91 21.09 -24.96
C SER A 1055 -46.94 21.91 -24.12
N LEU A 1056 -46.28 22.89 -24.73
CA LEU A 1056 -45.37 23.76 -23.99
C LEU A 1056 -46.11 24.55 -22.92
N GLY A 1057 -47.30 25.06 -23.25
CA GLY A 1057 -48.06 25.81 -22.26
C GLY A 1057 -48.48 24.98 -21.07
N LYS A 1058 -48.91 23.74 -21.32
CA LYS A 1058 -49.26 22.85 -20.22
C LYS A 1058 -48.04 22.48 -19.40
N LEU A 1059 -46.88 22.30 -20.05
CA LEU A 1059 -45.66 21.99 -19.33
C LEU A 1059 -45.27 23.13 -18.40
N LEU A 1060 -45.40 24.38 -18.88
CA LEU A 1060 -45.14 25.53 -18.02
C LEU A 1060 -46.13 25.58 -16.85
N ASN A 1061 -47.39 25.25 -17.11
CA ASN A 1061 -48.38 25.18 -16.04
C ASN A 1061 -48.03 24.05 -15.08
N PHE A 1062 -47.56 22.92 -15.60
CA PHE A 1062 -47.20 21.79 -14.75
C PHE A 1062 -46.08 22.17 -13.78
N LEU A 1063 -45.05 22.87 -14.28
CA LEU A 1063 -43.95 23.27 -13.40
C LEU A 1063 -44.41 24.26 -12.35
N ASP A 1064 -45.30 25.19 -12.70
CA ASP A 1064 -45.72 26.22 -11.76
C ASP A 1064 -46.63 25.68 -10.66
N THR A 1065 -47.30 24.55 -10.88
CA THR A 1065 -48.26 24.03 -9.92
C THR A 1065 -47.67 22.99 -8.99
N GLN A 1066 -46.53 22.41 -9.31
CA GLN A 1066 -45.93 21.39 -8.45
C GLN A 1066 -45.43 22.02 -7.15
N GLU A 1067 -45.53 21.26 -6.07
CA GLU A 1067 -45.12 21.75 -4.77
C GLU A 1067 -43.61 21.94 -4.70
N THR A 1068 -43.19 22.98 -3.98
CA THR A 1068 -41.80 23.36 -3.87
C THR A 1068 -41.30 23.14 -2.45
N VAL A 1069 -40.18 22.44 -2.32
CA VAL A 1069 -39.57 22.13 -1.03
C VAL A 1069 -38.10 22.47 -1.09
N CYS A 1070 -37.59 23.10 -0.03
CA CYS A 1070 -36.17 23.43 0.04
C CYS A 1070 -35.33 22.15 0.13
N LEU A 1071 -34.25 22.11 -0.66
CA LEU A 1071 -33.43 20.91 -0.72
C LEU A 1071 -32.72 20.66 0.62
N THR A 1072 -32.18 21.70 1.24
CA THR A 1072 -31.45 21.52 2.49
C THR A 1072 -32.38 21.06 3.61
N GLU A 1073 -33.57 21.65 3.71
CA GLU A 1073 -34.51 21.26 4.76
C GLU A 1073 -35.03 19.85 4.55
N LYS A 1074 -35.28 19.46 3.29
CA LYS A 1074 -35.81 18.13 3.02
C LYS A 1074 -34.82 17.05 3.44
N ILE A 1075 -33.57 17.14 3.00
CA ILE A 1075 -32.54 16.17 3.30
C ILE A 1075 -31.43 16.87 4.06
N ARG A 1076 -31.18 16.43 5.29
CA ARG A 1076 -30.17 17.06 6.14
C ARG A 1076 -28.77 16.55 5.77
N TYR A 1077 -27.77 17.26 6.29
CA TYR A 1077 -26.36 16.97 6.02
C TYR A 1077 -26.05 17.04 4.52
N LEU A 1078 -26.79 17.86 3.78
CA LEU A 1078 -26.60 18.02 2.35
C LEU A 1078 -25.86 19.33 2.11
N ASN A 1079 -24.73 19.24 1.41
CA ASN A 1079 -23.93 20.42 1.10
C ASN A 1079 -24.38 21.00 -0.23
N LEU A 1080 -24.93 22.21 -0.20
CA LEU A 1080 -25.44 22.87 -1.39
C LEU A 1080 -24.77 24.22 -1.55
N SER A 1081 -24.25 24.49 -2.75
CA SER A 1081 -23.62 25.77 -3.06
C SER A 1081 -24.19 26.29 -4.37
N ILE A 1082 -24.67 27.53 -4.35
CA ILE A 1082 -25.26 28.18 -5.51
C ILE A 1082 -24.47 29.45 -5.80
N ASN A 1083 -23.99 29.56 -7.04
CA ASN A 1083 -23.26 30.73 -7.50
C ASN A 1083 -24.12 31.44 -8.55
N GLU A 1084 -24.58 32.65 -8.21
CA GLU A 1084 -25.45 33.39 -9.12
C GLU A 1084 -24.72 33.74 -10.42
N LEU A 1085 -23.46 34.15 -10.31
CA LEU A 1085 -22.67 34.48 -11.49
C LEU A 1085 -21.23 34.05 -11.24
N GLY A 1086 -20.66 33.30 -12.17
CA GLY A 1086 -19.31 32.79 -12.03
C GLY A 1086 -18.26 33.85 -12.32
N SER A 1087 -16.99 33.43 -12.18
CA SER A 1087 -15.89 34.33 -12.45
C SER A 1087 -15.84 34.78 -13.90
N ASP A 1088 -16.41 33.98 -14.81
CA ASP A 1088 -16.44 34.32 -16.22
C ASP A 1088 -17.56 35.31 -16.56
N ASN A 1089 -18.43 35.64 -15.60
CA ASN A 1089 -19.50 36.62 -15.78
C ASN A 1089 -20.45 36.20 -16.90
N ASN A 1090 -20.61 34.89 -17.09
CA ASN A 1090 -21.47 34.38 -18.15
C ASN A 1090 -22.42 33.30 -17.64
N THR A 1091 -21.95 32.48 -16.70
CA THR A 1091 -22.58 31.21 -16.38
C THR A 1091 -23.13 31.21 -14.95
N PHE A 1092 -24.31 30.63 -14.80
CA PHE A 1092 -24.93 30.37 -13.51
C PHE A 1092 -24.82 28.88 -13.21
N SER A 1093 -24.33 28.55 -12.02
CA SER A 1093 -24.02 27.17 -11.65
C SER A 1093 -24.67 26.81 -10.32
N VAL A 1094 -25.17 25.59 -10.23
CA VAL A 1094 -25.69 25.01 -9.00
C VAL A 1094 -24.94 23.70 -8.75
N THR A 1095 -24.32 23.59 -7.57
CA THR A 1095 -23.53 22.42 -7.20
C THR A 1095 -23.94 21.92 -5.83
N PHE A 1096 -24.00 20.59 -5.69
CA PHE A 1096 -24.32 19.99 -4.40
C PHE A 1096 -23.73 18.58 -4.35
N GLN A 1097 -23.57 18.08 -3.13
CA GLN A 1097 -23.09 16.72 -2.89
C GLN A 1097 -24.06 15.98 -2.00
N VAL A 1098 -24.32 14.72 -2.33
CA VAL A 1098 -25.28 13.91 -1.57
C VAL A 1098 -24.73 13.66 -0.17
N PRO A 1099 -25.54 13.74 0.87
CA PRO A 1099 -25.07 13.43 2.23
C PRO A 1099 -24.55 11.99 2.31
N PRO A 1100 -23.78 11.66 3.35
CA PRO A 1100 -23.34 10.26 3.51
C PRO A 1100 -24.44 9.31 3.94
N TYR A 1101 -25.56 9.81 4.44
CA TYR A 1101 -26.67 8.97 4.87
C TYR A 1101 -27.96 9.69 4.58
N ILE A 1102 -28.88 9.00 3.90
CA ILE A 1102 -30.16 9.59 3.50
C ILE A 1102 -31.21 9.20 4.54
N ASP A 1103 -31.60 10.16 5.37
CA ASP A 1103 -32.58 9.93 6.44
C ASP A 1103 -33.97 10.33 5.97
N ILE A 1104 -34.43 9.72 4.88
CA ILE A 1104 -35.73 10.00 4.30
C ILE A 1104 -36.49 8.68 4.15
N LYS A 1105 -37.78 8.70 4.50
CA LYS A 1105 -38.58 7.48 4.47
C LYS A 1105 -38.78 6.96 3.05
N GLU A 1106 -38.94 7.86 2.09
CA GLU A 1106 -39.15 7.51 0.70
C GLU A 1106 -38.21 8.31 -0.18
N PRO A 1107 -37.89 7.82 -1.39
CA PRO A 1107 -36.94 8.53 -2.24
C PRO A 1107 -37.41 9.93 -2.59
N PHE A 1108 -36.46 10.85 -2.71
CA PHE A 1108 -36.73 12.24 -3.03
C PHE A 1108 -36.61 12.44 -4.54
N TYR A 1109 -37.64 13.00 -5.14
CA TYR A 1109 -37.79 13.03 -6.60
C TYR A 1109 -38.20 14.44 -7.01
N PHE A 1110 -37.33 15.11 -7.78
CA PHE A 1110 -37.49 16.54 -8.01
C PHE A 1110 -36.79 16.93 -9.32
N MET A 1111 -36.98 18.21 -9.70
CA MET A 1111 -36.26 18.82 -10.80
C MET A 1111 -35.94 20.27 -10.48
N PHE A 1112 -35.20 20.90 -11.38
CA PHE A 1112 -34.92 22.33 -11.42
C PHE A 1112 -34.28 22.60 -12.78
N GLY A 1113 -33.84 23.82 -13.02
CA GLY A 1113 -33.14 24.11 -14.24
C GLY A 1113 -33.43 25.51 -14.74
N CYS A 1114 -33.28 25.67 -16.05
CA CYS A 1114 -33.37 26.96 -16.72
C CYS A 1114 -34.47 26.94 -17.77
N ASN A 1115 -35.14 28.09 -17.92
CA ASN A 1115 -36.21 28.25 -18.90
C ASN A 1115 -35.90 29.47 -19.75
N ASN A 1116 -35.88 29.28 -21.07
CA ASN A 1116 -35.58 30.36 -22.01
C ASN A 1116 -36.75 30.60 -22.98
N ASN A 1117 -37.98 30.41 -22.50
CA ASN A 1117 -39.15 30.58 -23.37
C ASN A 1117 -39.29 32.03 -23.81
N LYS A 1118 -39.05 32.98 -22.90
CA LYS A 1118 -39.22 34.40 -23.24
C LYS A 1118 -38.27 34.84 -24.34
N GLY A 1119 -37.07 34.25 -24.39
CA GLY A 1119 -36.13 34.56 -25.44
C GLY A 1119 -36.24 33.64 -26.62
N GLU A 1120 -37.36 32.92 -26.71
CA GLU A 1120 -37.65 31.97 -27.79
C GLU A 1120 -36.65 30.81 -27.82
N GLY A 1121 -35.98 30.54 -26.71
CA GLY A 1121 -35.02 29.47 -26.63
C GLY A 1121 -35.62 28.17 -26.13
N ASN A 1122 -34.74 27.21 -25.87
CA ASN A 1122 -35.15 25.91 -25.38
C ASN A 1122 -35.24 25.91 -23.86
N ILE A 1123 -35.63 24.78 -23.29
CA ILE A 1123 -35.83 24.63 -21.85
C ILE A 1123 -34.99 23.45 -21.36
N GLY A 1124 -34.28 23.66 -20.25
CA GLY A 1124 -33.44 22.64 -19.66
C GLY A 1124 -34.04 22.13 -18.35
N ILE A 1125 -34.05 20.81 -18.21
CA ILE A 1125 -34.62 20.14 -17.05
C ILE A 1125 -33.66 19.04 -16.59
N VAL A 1126 -33.44 18.93 -15.30
CA VAL A 1126 -32.59 17.89 -14.72
C VAL A 1126 -33.43 17.02 -13.80
N GLU A 1127 -33.44 15.71 -14.05
CA GLU A 1127 -34.20 14.75 -13.28
C GLU A 1127 -33.26 14.05 -12.30
N LEU A 1128 -33.56 14.13 -11.00
CA LEU A 1128 -32.71 13.56 -9.97
C LEU A 1128 -33.54 12.76 -8.97
N LEU A 1129 -32.95 11.66 -8.50
CA LEU A 1129 -33.57 10.81 -7.50
C LEU A 1129 -32.50 10.44 -6.47
N ILE A 1130 -32.92 10.35 -5.21
CA ILE A 1130 -32.03 9.98 -4.11
C ILE A 1130 -32.66 8.85 -3.33
N SER A 1131 -31.89 7.78 -3.10
CA SER A 1131 -32.36 6.63 -2.36
C SER A 1131 -31.33 6.24 -1.30
N LYS A 1132 -31.83 5.64 -0.22
CA LYS A 1132 -30.97 5.19 0.87
C LYS A 1132 -30.16 3.97 0.44
N GLN A 1133 -28.89 3.94 0.84
CA GLN A 1133 -28.02 2.82 0.55
C GLN A 1133 -27.87 1.88 1.73
N GLU A 1134 -27.42 2.40 2.88
CA GLU A 1134 -27.21 1.59 4.07
C GLU A 1134 -27.79 2.33 5.27
N GLU A 1135 -28.18 1.55 6.29
CA GLU A 1135 -28.85 2.10 7.46
C GLU A 1135 -27.91 2.43 8.62
N LYS A 1136 -26.71 1.84 8.64
CA LYS A 1136 -25.79 2.00 9.77
C LYS A 1136 -24.46 2.57 9.30
N ILE A 1137 -23.90 3.46 10.11
CA ILE A 1137 -22.58 4.03 9.90
C ILE A 1137 -21.73 3.70 11.11
N LYS A 1138 -20.57 3.10 10.87
CA LYS A 1138 -19.64 2.74 11.94
C LYS A 1138 -18.92 3.99 12.42
N GLY A 1139 -19.57 4.69 13.35
CA GLY A 1139 -19.01 5.89 13.92
C GLY A 1139 -19.18 5.90 15.43
N CYS A 1140 -18.41 6.78 16.07
CA CYS A 1140 -18.42 6.91 17.52
C CYS A 1140 -19.09 8.22 17.90
N ASN A 1141 -20.16 8.15 18.69
CA ASN A 1141 -20.89 9.31 19.16
C ASN A 1141 -20.61 9.48 20.64
N PHE A 1142 -19.90 10.55 20.99
CA PHE A 1142 -19.53 10.84 22.37
C PHE A 1142 -20.53 11.73 23.09
N HIS A 1143 -21.58 12.18 22.39
CA HIS A 1143 -22.57 13.07 22.98
C HIS A 1143 -23.68 12.27 23.65
N GLU A 1144 -24.39 12.94 24.56
CA GLU A 1144 -25.49 12.28 25.27
C GLU A 1144 -26.60 11.87 24.32
N SER A 1145 -26.93 12.73 23.35
CA SER A 1145 -27.97 12.41 22.39
C SER A 1145 -27.51 11.29 21.47
N LYS A 1146 -28.22 10.16 21.50
CA LYS A 1146 -27.87 9.02 20.69
C LYS A 1146 -28.29 9.22 19.23
N LEU A 1147 -27.58 8.55 18.33
CA LEU A 1147 -27.86 8.58 16.91
C LEU A 1147 -28.28 7.18 16.46
N ASP A 1148 -29.44 7.09 15.80
CA ASP A 1148 -29.96 5.80 15.37
C ASP A 1148 -29.15 5.17 14.25
N TYR A 1149 -28.46 5.98 13.45
CA TYR A 1149 -27.69 5.49 12.32
C TYR A 1149 -26.19 5.39 12.63
N PHE A 1150 -25.80 5.57 13.89
CA PHE A 1150 -24.43 5.36 14.31
C PHE A 1150 -24.32 4.02 15.02
N ASN A 1151 -23.39 3.17 14.55
CA ASN A 1151 -23.29 1.82 15.08
C ASN A 1151 -22.90 1.82 16.55
N GLU A 1152 -21.95 2.67 16.95
CA GLU A 1152 -21.40 2.67 18.29
C GLU A 1152 -21.72 4.00 18.96
N ASN A 1153 -22.62 3.96 19.96
CA ASN A 1153 -22.88 5.10 20.83
C ASN A 1153 -22.13 4.87 22.13
N ILE A 1154 -21.27 5.82 22.51
CA ILE A 1154 -20.35 5.66 23.63
C ILE A 1154 -20.91 6.42 24.83
N SER A 1155 -20.97 5.75 25.97
CA SER A 1155 -21.46 6.36 27.19
C SER A 1155 -20.49 7.43 27.68
N SER A 1156 -21.03 8.36 28.49
CA SER A 1156 -20.22 9.47 28.98
C SER A 1156 -19.06 9.00 29.85
N ASP A 1157 -19.20 7.84 30.49
CA ASP A 1157 -18.12 7.33 31.32
C ASP A 1157 -16.92 6.87 30.51
N THR A 1158 -17.11 6.56 29.23
CA THR A 1158 -16.04 6.11 28.36
C THR A 1158 -15.55 7.28 27.50
N HIS A 1159 -14.23 7.44 27.44
CA HIS A 1159 -13.63 8.59 26.77
C HIS A 1159 -12.89 8.25 25.49
N GLU A 1160 -12.80 6.97 25.13
CA GLU A 1160 -12.11 6.55 23.93
C GLU A 1160 -12.97 5.53 23.18
N CYS A 1161 -12.86 5.55 21.86
CA CYS A 1161 -13.63 4.66 21.00
C CYS A 1161 -12.75 4.17 19.86
N THR A 1162 -12.82 2.86 19.58
CA THR A 1162 -11.99 2.22 18.57
C THR A 1162 -12.87 1.58 17.51
N LEU A 1163 -12.48 1.73 16.24
CA LEU A 1163 -13.22 1.19 15.12
C LEU A 1163 -12.29 0.48 14.16
N HIS A 1164 -12.83 -0.49 13.44
CA HIS A 1164 -12.13 -1.20 12.38
C HIS A 1164 -12.72 -0.78 11.03
N ALA A 1165 -11.85 -0.38 10.11
CA ALA A 1165 -12.28 0.15 8.82
C ALA A 1165 -11.84 -0.77 7.70
N TYR A 1166 -12.59 -0.73 6.60
CA TYR A 1166 -12.30 -1.50 5.41
C TYR A 1166 -12.87 -0.78 4.21
N GLU A 1167 -12.58 -1.30 3.01
CA GLU A 1167 -12.94 -0.62 1.78
C GLU A 1167 -14.45 -0.45 1.65
N ASN A 1168 -14.86 0.66 1.07
CA ASN A 1168 -16.26 1.02 0.79
C ASN A 1168 -17.08 1.21 2.06
N ASP A 1169 -16.45 1.43 3.20
CA ASP A 1169 -17.14 1.60 4.47
C ASP A 1169 -17.11 3.07 4.86
N ILE A 1170 -18.13 3.49 5.59
CA ILE A 1170 -18.31 4.89 5.99
C ILE A 1170 -18.06 5.00 7.49
N ILE A 1171 -17.15 5.90 7.87
CA ILE A 1171 -16.79 6.12 9.26
C ILE A 1171 -17.29 7.50 9.68
N GLY A 1172 -17.96 7.57 10.82
CA GLY A 1172 -18.49 8.82 11.33
C GLY A 1172 -17.83 9.26 12.62
N PHE A 1173 -17.99 10.53 12.98
CA PHE A 1173 -17.39 11.07 14.19
C PHE A 1173 -18.15 12.32 14.59
N ASN A 1174 -18.96 12.22 15.64
CA ASN A 1174 -19.83 13.30 16.07
C ASN A 1174 -19.52 13.69 17.52
N CYS A 1175 -19.41 15.00 17.77
CA CYS A 1175 -19.21 15.50 19.12
C CYS A 1175 -20.09 16.72 19.43
N LEU A 1176 -21.18 16.91 18.68
CA LEU A 1176 -22.11 18.03 18.90
C LEU A 1176 -23.52 17.49 18.97
N GLU A 1177 -24.46 18.39 19.27
CA GLU A 1177 -25.85 18.00 19.45
C GLU A 1177 -26.50 17.67 18.11
N THR A 1178 -27.58 16.91 18.18
CA THR A 1178 -28.38 16.55 17.00
C THR A 1178 -29.84 16.84 17.30
N THR A 1179 -30.54 17.42 16.32
CA THR A 1179 -31.92 17.84 16.51
C THR A 1179 -32.86 16.71 16.14
N HIS A 1180 -33.40 16.04 17.16
CA HIS A 1180 -34.43 15.03 16.97
C HIS A 1180 -35.78 15.69 16.78
N PRO A 1181 -36.75 14.97 16.20
CA PRO A 1181 -38.09 15.57 16.01
C PRO A 1181 -38.77 15.96 17.32
N ASN A 1182 -38.37 15.39 18.45
CA ASN A 1182 -38.91 15.78 19.74
C ASN A 1182 -38.32 17.10 20.24
N GLU A 1183 -37.31 17.64 19.57
CA GLU A 1183 -36.66 18.88 19.96
C GLU A 1183 -37.10 20.01 19.04
N VAL A 1184 -37.38 21.17 19.63
CA VAL A 1184 -37.80 22.34 18.85
C VAL A 1184 -36.57 22.97 18.21
N GLU A 1185 -36.58 23.05 16.88
CA GLU A 1185 -35.44 23.61 16.16
C GLU A 1185 -35.42 25.13 16.32
N VAL A 1186 -34.26 25.66 16.70
CA VAL A 1186 -34.07 27.10 16.89
C VAL A 1186 -32.71 27.49 16.32
N GLU A 1187 -32.54 28.79 16.10
CA GLU A 1187 -31.31 29.34 15.56
C GLU A 1187 -30.35 29.61 16.71
N VAL A 1188 -29.46 28.65 16.97
CA VAL A 1188 -28.47 28.75 18.04
C VAL A 1188 -27.10 28.54 17.43
N GLU A 1189 -26.15 29.41 17.78
CA GLU A 1189 -24.79 29.28 17.27
C GLU A 1189 -24.17 27.97 17.73
N ASP A 1190 -23.33 27.39 16.88
CA ASP A 1190 -22.64 26.17 17.22
C ASP A 1190 -21.71 26.41 18.41
N ALA A 1191 -21.66 25.43 19.31
CA ALA A 1191 -20.81 25.54 20.48
C ALA A 1191 -19.34 25.56 20.07
N GLU A 1192 -18.51 26.18 20.92
CA GLU A 1192 -17.09 26.30 20.64
C GLU A 1192 -16.41 24.95 20.82
N ILE A 1193 -16.68 24.02 19.91
CA ILE A 1193 -16.11 22.67 19.99
C ILE A 1193 -14.65 22.72 19.58
N TYR A 1194 -13.77 22.29 20.49
CA TYR A 1194 -12.34 22.25 20.22
C TYR A 1194 -12.03 20.97 19.44
N LEU A 1195 -11.98 21.09 18.12
CA LEU A 1195 -11.67 19.97 17.25
C LEU A 1195 -10.22 20.09 16.77
N GLN A 1196 -9.44 19.04 16.98
CA GLN A 1196 -8.04 19.00 16.56
C GLN A 1196 -7.83 17.76 15.70
N PRO A 1197 -7.40 17.91 14.43
CA PRO A 1197 -7.10 19.16 13.72
C PRO A 1197 -8.35 19.98 13.45
N GLU A 1198 -8.20 21.22 12.97
CA GLU A 1198 -9.37 22.04 12.68
C GLU A 1198 -10.34 21.32 11.76
N ASN A 1199 -9.82 20.66 10.73
CA ASN A 1199 -10.56 19.67 9.96
C ASN A 1199 -10.16 18.29 10.48
N CYS A 1200 -11.14 17.42 10.70
CA CYS A 1200 -10.84 16.15 11.36
C CYS A 1200 -10.29 15.13 10.39
N PHE A 1201 -10.93 14.92 9.23
CA PHE A 1201 -10.62 13.74 8.44
C PHE A 1201 -9.86 13.99 7.14
N ASN A 1202 -9.88 15.20 6.58
CA ASN A 1202 -8.99 15.46 5.45
C ASN A 1202 -7.54 15.42 5.90
N ASN A 1203 -7.24 15.98 7.06
CA ASN A 1203 -5.95 15.86 7.72
C ASN A 1203 -6.15 15.18 9.06
N VAL A 1204 -5.46 14.07 9.29
CA VAL A 1204 -5.72 13.23 10.44
C VAL A 1204 -4.45 13.12 11.28
N TYR A 1205 -4.64 12.91 12.58
CA TYR A 1205 -3.53 12.69 13.50
C TYR A 1205 -3.09 11.23 13.42
N LYS A 1206 -1.81 11.02 13.11
CA LYS A 1206 -1.17 9.71 13.14
C LYS A 1206 -0.29 9.58 14.38
N GLY A 1207 -0.74 10.12 15.50
CA GLY A 1207 0.10 10.28 16.67
C GLY A 1207 0.08 11.72 17.16
N LEU A 1208 1.21 12.41 17.05
CA LEU A 1208 1.29 13.82 17.39
C LEU A 1208 1.37 14.73 16.17
N ASN A 1209 1.79 14.21 15.02
CA ASN A 1209 1.94 15.00 13.80
C ASN A 1209 0.72 14.81 12.90
N SER A 1210 0.31 15.89 12.23
CA SER A 1210 -0.85 15.86 11.34
C SER A 1210 -0.42 15.40 9.95
N VAL A 1211 -1.20 14.50 9.36
CA VAL A 1211 -0.97 14.01 8.01
C VAL A 1211 -2.27 14.00 7.24
N ASP A 1212 -2.22 14.35 5.96
CA ASP A 1212 -3.41 14.37 5.13
C ASP A 1212 -3.87 12.94 4.87
N ILE A 1213 -5.19 12.74 4.77
CA ILE A 1213 -5.74 11.40 4.62
C ILE A 1213 -5.33 10.76 3.30
N THR A 1214 -5.14 11.56 2.25
CA THR A 1214 -4.77 10.99 0.96
C THR A 1214 -3.41 10.33 1.00
N THR A 1215 -2.56 10.67 1.97
CA THR A 1215 -1.28 9.98 2.11
C THR A 1215 -1.45 8.59 2.69
N ILE A 1216 -2.50 8.37 3.48
CA ILE A 1216 -2.79 7.05 4.04
C ILE A 1216 -3.67 6.24 3.09
N LEU A 1217 -4.75 6.85 2.60
CA LEU A 1217 -5.70 6.17 1.73
C LEU A 1217 -5.61 6.74 0.32
N LYS A 1218 -5.69 5.85 -0.66
CA LYS A 1218 -5.53 6.23 -2.07
C LYS A 1218 -6.76 6.99 -2.53
N ASN A 1219 -6.66 8.32 -2.60
CA ASN A 1219 -7.71 9.20 -3.09
C ASN A 1219 -9.02 8.99 -2.31
N ALA A 1220 -8.97 9.31 -1.02
CA ALA A 1220 -10.11 9.14 -0.15
C ALA A 1220 -11.17 10.22 -0.41
N GLN A 1221 -12.42 9.86 -0.15
CA GLN A 1221 -13.55 10.76 -0.29
C GLN A 1221 -14.06 11.13 1.10
N THR A 1222 -14.04 12.42 1.42
CA THR A 1222 -14.43 12.91 2.73
C THR A 1222 -15.60 13.88 2.59
N TYR A 1223 -16.51 13.85 3.56
CA TYR A 1223 -17.70 14.68 3.55
C TYR A 1223 -17.82 15.44 4.86
N ASN A 1224 -18.03 16.74 4.76
CA ASN A 1224 -18.23 17.61 5.92
C ASN A 1224 -19.53 18.40 5.73
N ILE A 1225 -19.87 19.19 6.74
CA ILE A 1225 -21.06 20.05 6.70
C ILE A 1225 -20.60 21.49 6.77
N ASN A 1226 -21.09 22.32 5.84
CA ASN A 1226 -20.69 23.72 5.80
C ASN A 1226 -21.18 24.47 7.04
N ASN A 1227 -22.42 24.21 7.46
CA ASN A 1227 -23.04 24.95 8.55
C ASN A 1227 -22.85 24.28 9.91
N LYS A 1228 -22.22 23.11 9.97
CA LYS A 1228 -22.00 22.40 11.22
C LYS A 1228 -20.55 21.96 11.30
N LYS A 1229 -19.90 22.23 12.43
CA LYS A 1229 -18.50 21.84 12.61
C LYS A 1229 -18.34 20.32 12.55
N THR A 1230 -19.24 19.59 13.20
CA THR A 1230 -19.26 18.14 13.23
C THR A 1230 -20.68 17.68 13.01
N PRO A 1231 -20.88 16.42 12.58
CA PRO A 1231 -19.91 15.33 12.34
C PRO A 1231 -19.17 15.42 11.01
N THR A 1232 -18.10 14.64 10.88
CA THR A 1232 -17.36 14.49 9.64
C THR A 1232 -17.33 13.01 9.27
N PHE A 1233 -17.30 12.74 7.96
CA PHE A 1233 -17.40 11.38 7.45
C PHE A 1233 -16.32 11.12 6.42
N LEU A 1234 -15.97 9.84 6.28
CA LEU A 1234 -15.03 9.38 5.26
C LEU A 1234 -15.54 8.08 4.69
N LYS A 1235 -15.54 7.98 3.36
CA LYS A 1235 -15.79 6.72 2.66
C LYS A 1235 -14.45 6.13 2.24
N ILE A 1236 -14.16 4.91 2.71
CA ILE A 1236 -12.88 4.28 2.46
C ILE A 1236 -12.77 3.91 0.98
N PRO A 1237 -11.76 4.40 0.27
CA PRO A 1237 -11.61 4.06 -1.15
C PRO A 1237 -10.84 2.76 -1.30
N PRO A 1238 -10.79 2.20 -2.51
CA PRO A 1238 -9.90 1.06 -2.76
C PRO A 1238 -8.44 1.48 -2.61
N TYR A 1239 -7.72 0.80 -1.72
CA TYR A 1239 -6.35 1.18 -1.39
C TYR A 1239 -5.47 -0.06 -1.35
N ASN A 1240 -4.17 0.16 -1.54
CA ASN A 1240 -3.18 -0.91 -1.53
C ASN A 1240 -2.42 -0.99 -0.21
N LEU A 1241 -2.71 -0.11 0.75
CA LEU A 1241 -2.00 -0.08 2.03
C LEU A 1241 -2.58 -1.17 2.93
N LEU A 1242 -2.10 -2.40 2.74
CA LEU A 1242 -2.63 -3.55 3.47
C LEU A 1242 -2.27 -3.53 4.95
N GLU A 1243 -1.34 -2.68 5.38
CA GLU A 1243 -0.91 -2.66 6.77
C GLU A 1243 -2.01 -2.12 7.68
N ASP A 1244 -1.93 -2.51 8.95
CA ASP A 1244 -2.88 -2.06 9.97
C ASP A 1244 -2.43 -0.69 10.46
N VAL A 1245 -2.95 0.36 9.81
CA VAL A 1245 -2.55 1.73 10.09
C VAL A 1245 -3.57 2.37 11.02
N GLU A 1246 -3.07 3.26 11.90
CA GLU A 1246 -3.90 3.90 12.91
C GLU A 1246 -4.01 5.40 12.61
N ILE A 1247 -5.24 5.90 12.56
CA ILE A 1247 -5.53 7.32 12.44
C ILE A 1247 -6.55 7.68 13.52
N SER A 1248 -6.58 8.96 13.87
CA SER A 1248 -7.40 9.39 14.98
C SER A 1248 -7.78 10.86 14.86
N CYS A 1249 -8.92 11.21 15.43
CA CYS A 1249 -9.35 12.57 15.67
C CYS A 1249 -9.60 12.75 17.17
N GLN A 1250 -9.92 13.99 17.54
CA GLN A 1250 -10.19 14.28 18.95
C GLN A 1250 -11.11 15.49 19.04
N CYS A 1251 -11.97 15.49 20.06
CA CYS A 1251 -12.85 16.62 20.34
C CYS A 1251 -12.88 16.85 21.84
N THR A 1252 -13.13 18.09 22.23
CA THR A 1252 -13.20 18.49 23.63
C THR A 1252 -14.64 18.84 23.95
N ILE A 1253 -15.32 17.96 24.68
CA ILE A 1253 -16.72 18.13 25.05
C ILE A 1253 -16.76 18.47 26.54
N LYS A 1254 -17.20 19.69 26.87
CA LYS A 1254 -17.34 20.13 28.25
C LYS A 1254 -16.03 19.97 29.02
N GLN A 1255 -14.96 20.54 28.46
CA GLN A 1255 -13.62 20.49 29.04
C GLN A 1255 -13.10 19.06 29.22
N VAL A 1256 -13.65 18.11 28.46
CA VAL A 1256 -13.21 16.73 28.49
C VAL A 1256 -12.85 16.31 27.07
N VAL A 1257 -11.65 15.76 26.91
CA VAL A 1257 -11.15 15.41 25.58
C VAL A 1257 -11.67 14.02 25.21
N LYS A 1258 -12.36 13.94 24.07
CA LYS A 1258 -12.83 12.67 23.53
C LYS A 1258 -11.99 12.31 22.31
N LYS A 1259 -11.54 11.06 22.24
CA LYS A 1259 -10.67 10.59 21.17
C LYS A 1259 -11.30 9.39 20.47
N ILE A 1260 -11.20 9.37 19.14
CA ILE A 1260 -11.70 8.28 18.32
C ILE A 1260 -10.52 7.63 17.62
N LYS A 1261 -10.50 6.30 17.61
CA LYS A 1261 -9.44 5.53 16.97
C LYS A 1261 -10.04 4.69 15.85
N VAL A 1262 -9.41 4.73 14.68
CA VAL A 1262 -9.86 3.99 13.52
C VAL A 1262 -8.73 3.06 13.08
N ILE A 1263 -9.04 1.77 12.96
CA ILE A 1263 -8.08 0.77 12.52
C ILE A 1263 -8.36 0.46 11.06
N ILE A 1264 -7.48 0.94 10.17
CA ILE A 1264 -7.60 0.68 8.75
C ILE A 1264 -6.87 -0.61 8.43
N THR A 1265 -7.61 -1.61 7.94
CA THR A 1265 -7.04 -2.92 7.66
C THR A 1265 -7.60 -3.45 6.35
N LYS A 1266 -6.77 -4.24 5.65
CA LYS A 1266 -7.20 -4.93 4.43
C LYS A 1266 -6.40 -6.23 4.38
N ASN A 1267 -7.01 -7.30 4.90
CA ASN A 1267 -6.33 -8.57 5.03
C ASN A 1267 -6.10 -9.20 3.66
N ASP A 1268 -5.06 -10.05 3.59
CA ASP A 1268 -4.80 -10.81 2.38
C ASP A 1268 -5.93 -11.78 2.07
N THR A 1269 -6.71 -12.18 3.07
CA THR A 1269 -7.87 -13.04 2.88
C THR A 1269 -9.02 -12.48 3.69
N VAL A 1270 -10.15 -12.20 3.01
CA VAL A 1270 -11.31 -11.67 3.71
C VAL A 1270 -11.94 -12.74 4.58
N LEU A 1271 -12.61 -12.31 5.65
CA LEU A 1271 -13.25 -13.24 6.57
C LEU A 1271 -14.24 -14.13 5.83
N LEU A 1272 -14.17 -15.43 6.11
CA LEU A 1272 -14.99 -16.39 5.37
C LEU A 1272 -16.47 -16.20 5.66
N LYS A 1273 -16.85 -16.14 6.94
CA LYS A 1273 -18.25 -16.02 7.32
C LYS A 1273 -18.36 -15.20 8.59
N ARG A 1274 -19.55 -14.65 8.81
CA ARG A 1274 -19.88 -13.92 10.03
C ARG A 1274 -21.30 -14.30 10.42
N GLU A 1275 -21.42 -15.26 11.34
CA GLU A 1275 -22.72 -15.77 11.76
C GLU A 1275 -23.21 -15.02 13.00
N VAL A 1276 -24.41 -14.46 12.91
CA VAL A 1276 -25.04 -13.77 14.02
C VAL A 1276 -26.31 -14.52 14.38
N GLN A 1277 -26.42 -14.92 15.65
CA GLN A 1277 -27.55 -15.69 16.14
C GLN A 1277 -28.41 -14.83 17.05
N SER A 1278 -29.72 -14.87 16.82
CA SER A 1278 -30.68 -14.10 17.61
C SER A 1278 -31.80 -15.01 18.07
N GLU A 1279 -32.39 -14.66 19.22
CA GLU A 1279 -33.47 -15.44 19.81
C GLU A 1279 -34.80 -14.77 19.50
N SER A 1280 -35.80 -15.59 19.15
CA SER A 1280 -37.12 -15.09 18.82
C SER A 1280 -37.79 -14.49 20.05
N THR A 1281 -38.64 -13.49 19.81
CA THR A 1281 -39.37 -12.80 20.87
C THR A 1281 -40.86 -12.98 20.66
N LEU A 1282 -41.59 -13.06 21.77
CA LEU A 1282 -43.03 -13.23 21.75
C LEU A 1282 -43.71 -11.87 21.78
N ASP A 1283 -44.48 -11.56 20.74
CA ASP A 1283 -45.20 -10.30 20.63
C ASP A 1283 -46.67 -10.63 20.35
N ASP A 1284 -47.48 -10.60 21.40
CA ASP A 1284 -48.91 -10.92 21.34
C ASP A 1284 -49.09 -12.31 20.73
N LYS A 1285 -48.56 -13.31 21.43
CA LYS A 1285 -48.74 -14.72 21.11
C LYS A 1285 -48.20 -15.08 19.73
N ILE A 1286 -47.25 -14.30 19.20
CA ILE A 1286 -46.65 -14.54 17.90
C ILE A 1286 -45.13 -14.56 18.06
N TYR A 1287 -44.49 -15.58 17.49
CA TYR A 1287 -43.04 -15.68 17.52
C TYR A 1287 -42.44 -14.75 16.46
N LYS A 1288 -41.69 -13.75 16.90
CA LYS A 1288 -41.08 -12.78 16.00
C LYS A 1288 -39.58 -12.71 16.27
N CYS A 1289 -38.83 -12.42 15.22
CA CYS A 1289 -37.37 -12.32 15.31
C CYS A 1289 -36.93 -10.96 14.79
N GLU A 1290 -36.06 -10.30 15.55
CA GLU A 1290 -35.49 -9.03 15.11
C GLU A 1290 -34.52 -9.26 13.97
N HIS A 1291 -34.34 -8.23 13.13
CA HIS A 1291 -33.50 -8.27 11.95
C HIS A 1291 -34.02 -9.23 10.89
N GLU A 1292 -35.32 -9.54 10.93
CA GLU A 1292 -35.93 -10.39 9.92
C GLU A 1292 -35.94 -9.75 8.55
N ASN A 1293 -35.84 -8.41 8.49
CA ASN A 1293 -35.77 -7.69 7.22
C ASN A 1293 -34.37 -7.69 6.61
N PHE A 1294 -33.43 -8.44 7.19
CA PHE A 1294 -32.09 -8.53 6.63
C PHE A 1294 -32.09 -9.21 5.27
N ILE A 1295 -33.18 -9.88 4.89
CA ILE A 1295 -33.29 -10.49 3.57
C ILE A 1295 -33.24 -9.44 2.47
N ASN A 1296 -33.55 -8.18 2.78
CA ASN A 1296 -33.51 -7.12 1.81
C ASN A 1296 -32.06 -6.82 1.40
N PRO A 1297 -31.85 -6.28 0.20
CA PRO A 1297 -30.49 -6.01 -0.26
C PRO A 1297 -29.78 -4.97 0.60
N ARG A 1298 -28.46 -5.11 0.66
CA ARG A 1298 -27.60 -4.22 1.43
C ARG A 1298 -26.42 -3.80 0.57
N VAL A 1299 -25.76 -2.71 0.99
CA VAL A 1299 -24.58 -2.24 0.27
C VAL A 1299 -23.51 -3.33 0.26
N ASN A 1300 -22.83 -3.47 -0.89
CA ASN A 1300 -21.82 -4.51 -1.08
C ASN A 1300 -20.49 -4.11 -0.43
N LYS A 1301 -20.54 -3.91 0.89
CA LYS A 1301 -19.33 -3.65 1.65
C LYS A 1301 -18.49 -4.92 1.76
N THR A 1302 -17.19 -4.74 2.00
CA THR A 1302 -16.25 -5.86 1.94
C THR A 1302 -16.59 -6.93 2.98
N PHE A 1303 -16.86 -6.52 4.21
CA PHE A 1303 -17.13 -7.46 5.29
C PHE A 1303 -18.60 -7.84 5.40
N ASP A 1304 -19.49 -7.20 4.64
CA ASP A 1304 -20.91 -7.53 4.65
C ASP A 1304 -21.31 -8.46 3.51
N GLU A 1305 -20.34 -9.00 2.76
CA GLU A 1305 -20.67 -9.84 1.62
C GLU A 1305 -21.19 -11.20 2.05
N ASN A 1306 -20.75 -11.71 3.19
CA ASN A 1306 -21.07 -13.08 3.62
C ASN A 1306 -21.58 -13.09 5.05
N VAL A 1307 -22.54 -12.22 5.35
CA VAL A 1307 -23.15 -12.16 6.67
C VAL A 1307 -24.44 -12.98 6.63
N GLU A 1308 -24.55 -13.95 7.54
CA GLU A 1308 -25.71 -14.83 7.64
C GLU A 1308 -26.35 -14.66 9.00
N TYR A 1309 -27.68 -14.52 9.02
CA TYR A 1309 -28.43 -14.33 10.26
C TYR A 1309 -29.25 -15.58 10.55
N THR A 1310 -29.14 -16.08 11.79
CA THR A 1310 -29.86 -17.26 12.22
C THR A 1310 -30.77 -16.89 13.39
N CYS A 1311 -32.03 -17.32 13.32
CA CYS A 1311 -33.01 -17.06 14.37
C CYS A 1311 -33.36 -18.36 15.07
N ASN A 1312 -33.30 -18.35 16.40
CA ASN A 1312 -33.60 -19.52 17.21
C ASN A 1312 -35.02 -19.40 17.77
N ILE A 1313 -35.84 -20.41 17.53
CA ILE A 1313 -37.24 -20.43 17.95
C ILE A 1313 -37.47 -21.69 18.78
N LYS A 1314 -38.04 -21.50 19.97
CA LYS A 1314 -38.40 -22.61 20.86
C LYS A 1314 -39.89 -22.55 21.15
N ILE A 1315 -40.57 -23.67 20.97
CA ILE A 1315 -42.02 -23.76 21.16
C ILE A 1315 -42.29 -24.73 22.29
N GLU A 1316 -42.93 -24.25 23.35
CA GLU A 1316 -43.36 -25.10 24.46
C GLU A 1316 -44.80 -24.84 24.89
N ASN A 1317 -45.51 -23.93 24.24
CA ASN A 1317 -46.91 -23.65 24.53
C ASN A 1317 -47.70 -23.62 23.22
N PHE A 1318 -49.02 -23.58 23.34
CA PHE A 1318 -49.87 -23.56 22.16
C PHE A 1318 -49.93 -22.12 21.63
N PHE A 1319 -50.86 -21.86 20.69
CA PHE A 1319 -50.91 -20.59 19.97
C PHE A 1319 -49.57 -20.29 19.30
N ASN A 1320 -48.96 -21.33 18.73
CA ASN A 1320 -47.61 -21.24 18.18
C ASN A 1320 -47.68 -20.74 16.74
N TYR A 1321 -47.49 -19.44 16.56
CA TYR A 1321 -47.43 -18.81 15.25
C TYR A 1321 -45.99 -18.38 14.99
N ILE A 1322 -45.42 -18.85 13.88
CA ILE A 1322 -44.04 -18.56 13.52
C ILE A 1322 -44.07 -17.55 12.37
N GLN A 1323 -43.59 -16.34 12.65
CA GLN A 1323 -43.56 -15.30 11.63
C GLN A 1323 -42.34 -15.50 10.74
N ILE A 1324 -42.57 -15.66 9.44
CA ILE A 1324 -41.49 -15.82 8.47
C ILE A 1324 -41.72 -14.81 7.35
N PHE A 1325 -40.77 -13.88 7.21
CA PHE A 1325 -40.78 -12.92 6.10
C PHE A 1325 -39.99 -13.53 4.96
N CYS A 1326 -40.69 -14.14 4.01
CA CYS A 1326 -40.05 -14.85 2.89
C CYS A 1326 -40.98 -14.79 1.69
N PRO A 1327 -41.03 -13.65 1.02
CA PRO A 1327 -42.00 -13.46 -0.07
C PRO A 1327 -41.69 -14.33 -1.27
N ALA A 1328 -42.71 -14.50 -2.11
CA ALA A 1328 -42.55 -15.26 -3.35
C ALA A 1328 -41.60 -14.53 -4.29
N LYS A 1329 -40.89 -15.30 -5.12
CA LYS A 1329 -39.94 -14.70 -6.05
C LYS A 1329 -40.66 -13.84 -7.07
N ASP A 1330 -40.16 -12.63 -7.27
CA ASP A 1330 -40.76 -11.67 -8.19
C ASP A 1330 -39.67 -10.85 -8.86
N LEU A 1331 -40.05 -10.17 -9.94
CA LEU A 1331 -39.09 -9.42 -10.74
C LEU A 1331 -38.49 -8.26 -9.94
N GLY A 1332 -37.17 -8.11 -10.03
CA GLY A 1332 -36.51 -6.98 -9.41
C GLY A 1332 -35.75 -7.30 -8.14
N ILE A 1333 -36.34 -6.95 -7.00
CA ILE A 1333 -35.67 -7.10 -5.70
C ILE A 1333 -35.69 -8.52 -5.15
N TYR A 1334 -36.65 -9.36 -5.56
CA TYR A 1334 -36.76 -10.74 -5.10
C TYR A 1334 -36.75 -11.74 -6.25
N LYS A 1335 -35.80 -11.61 -7.17
CA LYS A 1335 -35.77 -12.52 -8.32
C LYS A 1335 -35.41 -13.95 -7.89
N ASN A 1336 -34.37 -14.09 -7.08
CA ASN A 1336 -33.77 -15.39 -6.79
C ASN A 1336 -34.02 -15.87 -5.36
N ILE A 1337 -35.24 -15.67 -4.86
CA ILE A 1337 -35.60 -16.17 -3.54
C ILE A 1337 -35.97 -17.65 -3.65
N GLN A 1338 -35.31 -18.48 -2.85
CA GLN A 1338 -35.61 -19.90 -2.75
C GLN A 1338 -35.84 -20.26 -1.30
N MET A 1339 -36.81 -21.14 -1.06
CA MET A 1339 -37.14 -21.59 0.29
C MET A 1339 -36.75 -23.06 0.42
N TYR A 1340 -35.87 -23.35 1.38
CA TYR A 1340 -35.38 -24.70 1.60
C TYR A 1340 -35.38 -25.00 3.09
N TYR A 1341 -35.41 -26.29 3.42
CA TYR A 1341 -35.43 -26.72 4.81
C TYR A 1341 -34.63 -28.01 4.96
N ASP A 1342 -34.14 -28.24 6.18
CA ASP A 1342 -33.43 -29.46 6.52
C ASP A 1342 -33.85 -29.89 7.92
N ILE A 1343 -33.62 -31.17 8.22
CA ILE A 1343 -34.04 -31.79 9.47
C ILE A 1343 -32.81 -32.16 10.27
N VAL A 1344 -32.79 -31.77 11.54
CA VAL A 1344 -31.68 -32.07 12.45
C VAL A 1344 -32.03 -33.24 13.37
N LYS A 1345 -33.21 -33.20 13.97
CA LYS A 1345 -33.67 -34.24 14.88
C LYS A 1345 -35.07 -34.69 14.49
N PRO A 1346 -35.41 -35.96 14.72
CA PRO A 1346 -34.56 -37.04 15.28
C PRO A 1346 -33.65 -37.64 14.21
N THR A 1347 -33.91 -37.35 12.94
CA THR A 1347 -33.10 -37.85 11.83
C THR A 1347 -32.41 -36.68 11.15
N ARG A 1348 -31.08 -36.77 11.03
CA ARG A 1348 -30.28 -35.74 10.36
C ARG A 1348 -30.32 -36.02 8.87
N VAL A 1349 -31.31 -35.42 8.20
CA VAL A 1349 -31.50 -35.64 6.77
C VAL A 1349 -30.35 -34.98 6.01
N PRO A 1350 -29.62 -35.73 5.19
CA PRO A 1350 -28.49 -35.15 4.46
C PRO A 1350 -28.89 -34.41 3.19
N GLN A 1351 -30.13 -34.54 2.74
CA GLN A 1351 -30.59 -33.93 1.49
C GLN A 1351 -31.43 -32.71 1.80
N PHE A 1352 -31.06 -31.57 1.21
CA PHE A 1352 -31.86 -30.36 1.34
C PHE A 1352 -33.12 -30.49 0.49
N LYS A 1353 -34.23 -29.98 1.02
CA LYS A 1353 -35.52 -30.08 0.35
C LYS A 1353 -36.20 -28.72 0.32
N LYS A 1354 -36.96 -28.49 -0.75
CA LYS A 1354 -37.74 -27.25 -0.86
C LYS A 1354 -38.83 -27.22 0.20
N PHE A 1355 -39.14 -26.03 0.67
CA PHE A 1355 -40.10 -25.84 1.76
C PHE A 1355 -41.44 -25.42 1.18
N ASN A 1356 -42.48 -26.17 1.53
CA ASN A 1356 -43.83 -25.88 1.08
C ASN A 1356 -44.82 -26.46 2.09
N ASN A 1357 -46.12 -26.28 1.81
CA ASN A 1357 -47.14 -26.77 2.71
C ASN A 1357 -47.13 -28.30 2.79
N GLU A 1358 -46.97 -28.96 1.65
CA GLU A 1358 -46.97 -30.42 1.63
C GLU A 1358 -45.77 -30.98 2.38
N GLU A 1359 -44.59 -30.39 2.20
CA GLU A 1359 -43.41 -30.85 2.91
C GLU A 1359 -43.55 -30.63 4.41
N LEU A 1360 -44.10 -29.49 4.81
CA LEU A 1360 -44.28 -29.21 6.23
C LEU A 1360 -45.28 -30.18 6.86
N HIS A 1361 -46.31 -30.58 6.12
CA HIS A 1361 -47.28 -31.54 6.64
C HIS A 1361 -46.62 -32.88 6.95
N LYS A 1362 -45.71 -33.33 6.08
CA LYS A 1362 -45.03 -34.60 6.32
C LYS A 1362 -44.16 -34.54 7.57
N LEU A 1363 -43.45 -33.43 7.77
CA LEU A 1363 -42.60 -33.28 8.94
C LEU A 1363 -43.44 -33.27 10.22
N ILE A 1364 -44.49 -32.45 10.25
CA ILE A 1364 -45.40 -32.39 11.40
C ILE A 1364 -46.82 -32.56 10.89
N PRO A 1365 -47.48 -33.67 11.19
CA PRO A 1365 -48.85 -33.88 10.68
C PRO A 1365 -49.82 -32.85 11.22
N ASN A 1366 -50.83 -32.55 10.40
CA ASN A 1366 -51.96 -31.70 10.79
C ASN A 1366 -51.51 -30.28 11.16
N SER A 1367 -50.47 -29.79 10.50
CA SER A 1367 -49.97 -28.44 10.70
C SER A 1367 -50.17 -27.61 9.43
N GLU A 1368 -50.30 -26.30 9.60
CA GLU A 1368 -50.69 -25.41 8.51
C GLU A 1368 -49.77 -24.21 8.44
N MET A 1369 -49.72 -23.61 7.26
CA MET A 1369 -49.16 -22.27 7.06
C MET A 1369 -50.31 -21.31 6.79
N LEU A 1370 -50.32 -20.19 7.51
CA LEU A 1370 -51.45 -19.26 7.47
C LEU A 1370 -50.95 -17.85 7.21
N HIS A 1371 -51.81 -17.05 6.58
CA HIS A 1371 -51.50 -15.67 6.23
C HIS A 1371 -52.31 -14.73 7.11
N LYS A 1372 -51.70 -13.61 7.48
CA LYS A 1372 -52.36 -12.66 8.37
C LYS A 1372 -53.48 -11.92 7.65
N THR A 1373 -54.64 -11.87 8.29
CA THR A 1373 -55.79 -11.13 7.78
C THR A 1373 -56.24 -10.11 8.82
N LYS A 1374 -56.54 -8.90 8.36
CA LYS A 1374 -56.94 -7.81 9.24
C LYS A 1374 -58.33 -7.31 8.87
N GLU A 1375 -59.25 -8.25 8.66
CA GLU A 1375 -60.58 -7.91 8.17
C GLU A 1375 -61.35 -7.08 9.19
N MET A 1376 -62.18 -6.16 8.68
CA MET A 1376 -62.98 -5.27 9.50
C MET A 1376 -64.47 -5.58 9.49
N LEU A 1377 -65.02 -6.03 8.36
CA LEU A 1377 -66.44 -6.34 8.26
C LEU A 1377 -66.62 -7.45 7.24
N ILE A 1378 -67.23 -8.56 7.65
CA ILE A 1378 -67.32 -9.75 6.81
C ILE A 1378 -68.13 -9.50 5.55
N LEU A 1379 -68.94 -8.44 5.51
CA LEU A 1379 -69.75 -8.17 4.33
C LEU A 1379 -68.91 -7.74 3.12
N TYR A 1380 -67.66 -7.34 3.34
CA TYR A 1380 -66.81 -6.91 2.23
C TYR A 1380 -66.42 -8.09 1.35
N ASN A 1381 -66.24 -7.81 0.06
CA ASN A 1381 -65.87 -8.82 -0.91
C ASN A 1381 -64.36 -9.09 -0.93
N GLU A 1382 -63.56 -8.21 -0.35
CA GLU A 1382 -62.11 -8.36 -0.32
C GLU A 1382 -61.62 -8.16 1.11
N GLU A 1383 -60.47 -8.76 1.42
CA GLU A 1383 -59.95 -8.76 2.78
C GLU A 1383 -58.55 -8.15 2.83
N LYS A 1384 -58.21 -7.60 4.00
CA LYS A 1384 -56.91 -7.00 4.25
C LYS A 1384 -55.93 -8.10 4.62
N VAL A 1385 -54.97 -8.38 3.74
CA VAL A 1385 -54.03 -9.47 3.92
C VAL A 1385 -52.61 -8.95 3.77
N ASP A 1386 -51.71 -9.39 4.66
CA ASP A 1386 -50.28 -9.14 4.52
C ASP A 1386 -49.68 -10.38 3.87
N LEU A 1387 -49.43 -10.29 2.57
CA LEU A 1387 -48.93 -11.43 1.81
C LEU A 1387 -47.43 -11.63 1.94
N LEU A 1388 -46.70 -10.65 2.48
CA LEU A 1388 -45.26 -10.79 2.59
C LEU A 1388 -44.88 -11.83 3.64
N HIS A 1389 -45.62 -11.87 4.75
CA HIS A 1389 -45.35 -12.81 5.83
C HIS A 1389 -46.32 -13.99 5.76
N PHE A 1390 -45.79 -15.19 5.94
CA PHE A 1390 -46.61 -16.39 6.11
C PHE A 1390 -46.26 -17.02 7.45
N TYR A 1391 -47.29 -17.46 8.16
CA TYR A 1391 -47.17 -17.91 9.55
C TYR A 1391 -47.44 -19.40 9.63
N VAL A 1392 -46.57 -20.11 10.36
CA VAL A 1392 -46.66 -21.56 10.52
C VAL A 1392 -47.41 -21.87 11.82
N PHE A 1393 -48.43 -22.72 11.71
CA PHE A 1393 -49.22 -23.15 12.86
C PHE A 1393 -49.04 -24.64 13.06
N LEU A 1394 -48.72 -25.03 14.29
CA LEU A 1394 -48.55 -26.43 14.65
C LEU A 1394 -49.62 -26.86 15.64
N PRO A 1395 -50.05 -28.12 15.59
CA PRO A 1395 -51.07 -28.59 16.53
C PRO A 1395 -50.50 -28.77 17.93
N ILE A 1396 -51.41 -29.05 18.87
CA ILE A 1396 -51.01 -29.27 20.26
C ILE A 1396 -50.13 -30.51 20.36
N TYR A 1397 -50.50 -31.58 19.65
CA TYR A 1397 -49.82 -32.87 19.76
C TYR A 1397 -48.48 -32.80 19.03
N ILE A 1398 -47.48 -32.27 19.73
CA ILE A 1398 -46.10 -32.34 19.29
C ILE A 1398 -45.55 -33.70 19.72
N LYS A 1399 -45.35 -34.60 18.75
CA LYS A 1399 -45.04 -35.99 19.07
C LYS A 1399 -43.74 -36.11 19.86
N ASP A 1400 -42.70 -35.39 19.43
CA ASP A 1400 -41.40 -35.47 20.07
C ASP A 1400 -40.61 -34.21 19.71
N ILE A 1401 -39.32 -34.21 20.04
CA ILE A 1401 -38.45 -33.07 19.77
C ILE A 1401 -38.12 -33.07 18.28
N TYR A 1402 -38.65 -32.09 17.55
CA TYR A 1402 -38.35 -31.91 16.14
C TYR A 1402 -37.47 -30.68 15.97
N GLU A 1403 -36.29 -30.87 15.39
CA GLU A 1403 -35.34 -29.77 15.17
C GLU A 1403 -35.12 -29.62 13.68
N PHE A 1404 -35.48 -28.46 13.14
CA PHE A 1404 -35.36 -28.22 11.71
C PHE A 1404 -35.13 -26.73 11.48
N ASN A 1405 -34.58 -26.42 10.31
CA ASN A 1405 -34.28 -25.05 9.92
C ASN A 1405 -35.00 -24.69 8.63
N ILE A 1406 -35.53 -23.48 8.58
CA ILE A 1406 -36.17 -22.94 7.38
C ILE A 1406 -35.30 -21.82 6.86
N VAL A 1407 -34.86 -21.93 5.61
CA VAL A 1407 -33.85 -21.04 5.04
C VAL A 1407 -34.39 -20.41 3.76
N CYS A 1408 -34.28 -19.09 3.67
CA CYS A 1408 -34.44 -18.36 2.42
C CYS A 1408 -33.09 -17.73 2.06
N ASP A 1409 -32.78 -17.72 0.76
CA ASP A 1409 -31.44 -17.42 0.28
C ASP A 1409 -31.48 -16.32 -0.79
N ASN A 1410 -32.18 -15.22 -0.49
CA ASN A 1410 -32.21 -14.07 -1.39
C ASN A 1410 -30.82 -13.48 -1.65
N SER A 1411 -29.80 -13.95 -0.94
CA SER A 1411 -28.43 -13.52 -1.24
C SER A 1411 -28.01 -13.89 -2.66
N LYS A 1412 -28.69 -14.86 -3.29
CA LYS A 1412 -28.44 -15.16 -4.68
C LYS A 1412 -28.75 -13.99 -5.60
N THR A 1413 -29.60 -13.06 -5.16
CA THR A 1413 -29.89 -11.85 -5.92
C THR A 1413 -28.77 -10.85 -5.66
N MET A 1414 -27.97 -10.57 -6.68
CA MET A 1414 -26.80 -9.71 -6.55
C MET A 1414 -26.83 -8.63 -7.62
N TRP A 1415 -26.36 -7.45 -7.27
CA TRP A 1415 -26.29 -6.30 -8.17
C TRP A 1415 -24.92 -5.67 -8.07
N LYS A 1416 -24.71 -4.61 -8.85
CA LYS A 1416 -23.41 -3.95 -8.89
C LYS A 1416 -23.06 -3.33 -7.55
N ASN A 1417 -24.04 -2.70 -6.88
CA ASN A 1417 -23.79 -2.00 -5.63
C ASN A 1417 -24.48 -2.62 -4.42
N GLN A 1418 -25.52 -3.43 -4.62
CA GLN A 1418 -26.27 -4.02 -3.52
C GLN A 1418 -26.42 -5.52 -3.74
N LEU A 1419 -26.46 -6.25 -2.62
CA LEU A 1419 -26.57 -7.70 -2.65
C LEU A 1419 -27.61 -8.14 -1.62
N GLY A 1420 -28.31 -9.23 -1.92
CA GLY A 1420 -29.43 -9.68 -1.13
C GLY A 1420 -29.01 -10.30 0.20
N GLY A 1421 -30.03 -10.70 0.96
CA GLY A 1421 -29.84 -11.24 2.29
C GLY A 1421 -30.10 -12.74 2.38
N LYS A 1422 -29.89 -13.26 3.58
CA LYS A 1422 -30.07 -14.68 3.86
C LYS A 1422 -30.40 -14.84 5.33
N VAL A 1423 -31.55 -15.44 5.62
CA VAL A 1423 -32.03 -15.63 6.99
C VAL A 1423 -32.35 -17.10 7.21
N ILE A 1424 -31.90 -17.63 8.34
CA ILE A 1424 -32.14 -19.03 8.71
C ILE A 1424 -33.01 -19.05 9.96
N TYR A 1425 -34.11 -19.81 9.90
CA TYR A 1425 -35.06 -19.92 11.01
C TYR A 1425 -34.84 -21.27 11.69
N HIS A 1426 -34.17 -21.26 12.84
CA HIS A 1426 -33.95 -22.46 13.63
C HIS A 1426 -35.12 -22.64 14.60
N ILE A 1427 -35.87 -23.73 14.41
CA ILE A 1427 -37.10 -23.98 15.17
C ILE A 1427 -36.94 -25.27 15.95
N THR A 1428 -37.22 -25.22 17.24
CA THR A 1428 -37.25 -26.39 18.11
C THR A 1428 -38.59 -26.43 18.83
N VAL A 1429 -39.15 -27.62 18.95
CA VAL A 1429 -40.47 -27.82 19.53
C VAL A 1429 -40.37 -28.79 20.70
N SER A 1430 -41.11 -28.52 21.77
CA SER A 1430 -41.11 -29.35 22.96
C SER A 1430 -42.22 -30.40 22.88
N LYS A 1431 -41.99 -31.53 23.54
CA LYS A 1431 -42.92 -32.65 23.48
C LYS A 1431 -44.24 -32.30 24.15
N ARG A 1432 -45.33 -32.81 23.58
CA ARG A 1432 -46.66 -32.69 24.15
C ARG A 1432 -47.43 -33.97 23.89
N GLU A 1433 -48.45 -34.22 24.72
CA GLU A 1433 -49.23 -35.44 24.60
C GLU A 1433 -50.72 -35.18 24.78
N GLN A 1434 -51.19 -33.99 24.39
CA GLN A 1434 -52.60 -33.64 24.54
C GLN A 1434 -53.37 -34.14 23.32
N LYS A 1435 -54.27 -35.10 23.53
CA LYS A 1435 -55.18 -35.57 22.48
C LYS A 1435 -56.44 -34.72 22.54
N VAL A 1436 -56.55 -33.77 21.60
CA VAL A 1436 -57.72 -32.90 21.58
C VAL A 1436 -58.96 -33.72 21.26
N LYS A 1437 -60.07 -33.38 21.92
CA LYS A 1437 -61.32 -34.09 21.70
C LYS A 1437 -61.86 -33.81 20.30
N GLY A 1438 -62.33 -34.86 19.64
CA GLY A 1438 -62.87 -34.71 18.31
C GLY A 1438 -63.26 -36.05 17.74
N CYS A 1439 -63.63 -36.03 16.45
CA CYS A 1439 -64.09 -37.21 15.75
C CYS A 1439 -63.28 -37.39 14.47
N SER A 1440 -62.83 -38.63 14.23
CA SER A 1440 -62.06 -38.95 13.03
C SER A 1440 -63.02 -39.53 11.99
N PHE A 1441 -63.65 -38.63 11.24
CA PHE A 1441 -64.62 -39.06 10.23
C PHE A 1441 -63.96 -39.93 9.16
N ASP A 1442 -62.76 -39.55 8.73
CA ASP A 1442 -62.00 -40.35 7.77
C ASP A 1442 -60.87 -41.09 8.50
N ASN A 1443 -60.41 -42.18 7.88
CA ASN A 1443 -59.32 -42.95 8.46
C ASN A 1443 -58.02 -42.18 8.49
N GLU A 1444 -57.89 -41.14 7.66
CA GLU A 1444 -56.67 -40.33 7.66
C GLU A 1444 -56.52 -39.49 8.92
N HIS A 1445 -57.60 -39.28 9.68
CA HIS A 1445 -57.58 -38.45 10.87
C HIS A 1445 -57.56 -39.28 12.15
N ALA A 1446 -57.28 -40.58 12.06
CA ALA A 1446 -57.33 -41.44 13.23
C ALA A 1446 -56.25 -41.08 14.25
N HIS A 1447 -55.04 -40.77 13.78
CA HIS A 1447 -53.92 -40.53 14.68
C HIS A 1447 -54.11 -39.28 15.54
N MET A 1448 -54.99 -38.36 15.14
CA MET A 1448 -55.16 -37.09 15.84
C MET A 1448 -56.16 -37.18 16.99
N PHE A 1449 -57.11 -38.11 16.94
CA PHE A 1449 -58.17 -38.17 17.93
C PHE A 1449 -58.19 -39.55 18.56
N SER A 1450 -58.65 -39.61 19.80
CA SER A 1450 -58.67 -40.86 20.56
C SER A 1450 -59.88 -41.74 20.26
N TYR A 1451 -60.89 -41.21 19.55
CA TYR A 1451 -62.07 -41.98 19.22
C TYR A 1451 -62.03 -42.40 17.75
N ASN A 1452 -62.23 -43.69 17.50
CA ASN A 1452 -62.24 -44.22 16.13
C ASN A 1452 -63.63 -44.01 15.55
N LYS A 1453 -63.87 -42.77 15.11
CA LYS A 1453 -65.16 -42.38 14.55
C LYS A 1453 -65.24 -42.56 13.04
N THR A 1454 -64.49 -43.52 12.50
CA THR A 1454 -64.49 -43.75 11.05
C THR A 1454 -65.90 -44.11 10.57
N ASN A 1455 -66.35 -43.39 9.56
CA ASN A 1455 -67.69 -43.58 8.96
C ASN A 1455 -68.82 -43.34 9.96
N VAL A 1456 -68.52 -42.68 11.07
CA VAL A 1456 -69.54 -42.30 12.05
C VAL A 1456 -70.01 -40.90 11.70
N LYS A 1457 -71.12 -40.81 10.97
CA LYS A 1457 -71.58 -39.53 10.45
C LYS A 1457 -72.04 -38.60 11.58
N ASN A 1458 -72.71 -39.15 12.58
CA ASN A 1458 -73.21 -38.38 13.72
C ASN A 1458 -72.30 -38.63 14.91
N CYS A 1459 -71.62 -37.57 15.38
CA CYS A 1459 -70.68 -37.66 16.47
C CYS A 1459 -71.12 -36.72 17.59
N ILE A 1460 -71.20 -37.24 18.81
CA ILE A 1460 -71.63 -36.48 19.98
C ILE A 1460 -70.55 -36.58 21.04
N ILE A 1461 -70.14 -35.42 21.57
CA ILE A 1461 -69.15 -35.35 22.64
C ILE A 1461 -69.73 -34.51 23.77
N ASP A 1462 -69.65 -35.03 25.00
CA ASP A 1462 -70.09 -34.32 26.19
C ASP A 1462 -68.86 -33.67 26.84
N ALA A 1463 -68.80 -32.35 26.83
CA ALA A 1463 -67.64 -31.61 27.27
C ALA A 1463 -67.90 -30.91 28.60
N LYS A 1464 -66.81 -30.64 29.30
CA LYS A 1464 -66.79 -29.94 30.58
C LYS A 1464 -65.69 -28.89 30.55
N PRO A 1465 -65.74 -27.90 31.46
CA PRO A 1465 -64.67 -26.88 31.49
C PRO A 1465 -63.27 -27.46 31.59
N LYS A 1466 -62.27 -26.63 31.27
CA LYS A 1466 -60.86 -27.03 31.23
C LYS A 1466 -60.61 -28.16 30.23
N ASP A 1467 -61.35 -28.15 29.12
CA ASP A 1467 -61.19 -29.14 28.06
C ASP A 1467 -60.92 -28.43 26.74
N LEU A 1468 -60.36 -29.19 25.79
CA LEU A 1468 -60.04 -28.68 24.46
C LEU A 1468 -60.66 -29.60 23.42
N ILE A 1469 -61.35 -29.01 22.45
CA ILE A 1469 -62.03 -29.74 21.39
C ILE A 1469 -61.54 -29.22 20.05
N GLY A 1470 -61.15 -30.13 19.16
CA GLY A 1470 -60.75 -29.80 17.81
C GLY A 1470 -61.72 -30.43 16.82
N PHE A 1471 -61.83 -29.81 15.64
CA PHE A 1471 -62.76 -30.27 14.61
C PHE A 1471 -62.05 -30.37 13.27
N VAL A 1472 -62.37 -31.44 12.53
CA VAL A 1472 -61.86 -31.63 11.18
C VAL A 1472 -62.99 -32.16 10.31
N CYS A 1473 -63.14 -31.61 9.11
CA CYS A 1473 -64.01 -32.20 8.10
C CYS A 1473 -63.28 -33.32 7.38
N PRO A 1474 -64.03 -34.27 6.81
CA PRO A 1474 -63.40 -35.30 5.98
C PRO A 1474 -62.82 -34.69 4.71
N SER A 1475 -61.93 -35.45 4.08
CA SER A 1475 -61.13 -34.93 2.97
C SER A 1475 -62.03 -34.39 1.85
N GLY A 1476 -61.76 -33.16 1.43
CA GLY A 1476 -62.46 -32.56 0.31
C GLY A 1476 -63.95 -32.40 0.48
N THR A 1477 -64.38 -31.91 1.64
CA THR A 1477 -65.79 -31.68 1.92
C THR A 1477 -66.02 -30.25 2.37
N LEU A 1478 -67.18 -29.71 2.03
CA LEU A 1478 -67.45 -28.29 2.22
C LEU A 1478 -67.74 -27.99 3.69
N LYS A 1479 -67.01 -27.02 4.25
CA LYS A 1479 -67.23 -26.63 5.63
C LYS A 1479 -68.49 -25.78 5.72
N LEU A 1480 -69.51 -26.30 6.41
CA LEU A 1480 -70.80 -25.64 6.44
C LEU A 1480 -70.73 -24.34 7.23
N THR A 1481 -70.30 -24.41 8.48
CA THR A 1481 -70.14 -23.24 9.34
C THR A 1481 -68.80 -23.32 10.06
N ASN A 1482 -68.41 -22.17 10.63
CA ASN A 1482 -67.20 -22.14 11.45
C ASN A 1482 -67.37 -22.93 12.73
N CYS A 1483 -68.58 -22.89 13.31
CA CYS A 1483 -68.97 -23.63 14.51
C CYS A 1483 -68.31 -23.09 15.77
N PHE A 1484 -67.37 -22.15 15.62
CA PHE A 1484 -66.75 -21.47 16.74
C PHE A 1484 -66.99 -19.97 16.73
N LYS A 1485 -67.20 -19.37 15.56
CA LYS A 1485 -67.71 -18.02 15.44
C LYS A 1485 -69.16 -17.98 14.94
N ASP A 1486 -69.53 -18.92 14.06
CA ASP A 1486 -70.91 -19.09 13.62
C ASP A 1486 -71.25 -20.56 13.80
N ALA A 1487 -72.04 -20.87 14.83
CA ALA A 1487 -72.38 -22.25 15.16
C ALA A 1487 -73.88 -22.47 15.05
N ILE A 1488 -74.26 -23.66 14.58
CA ILE A 1488 -75.67 -24.00 14.44
C ILE A 1488 -76.21 -24.46 15.79
N VAL A 1489 -77.23 -23.76 16.29
CA VAL A 1489 -77.91 -24.11 17.53
C VAL A 1489 -79.40 -24.26 17.20
N HIS A 1490 -79.93 -25.46 17.38
CA HIS A 1490 -81.32 -25.78 17.07
C HIS A 1490 -81.69 -25.37 15.64
N THR A 1491 -80.84 -25.81 14.70
CA THR A 1491 -81.01 -25.56 13.27
C THR A 1491 -80.95 -24.07 12.93
N ASN A 1492 -80.41 -23.26 13.83
CA ASN A 1492 -80.27 -21.82 13.62
C ASN A 1492 -78.80 -21.44 13.74
N LEU A 1493 -78.30 -20.71 12.75
CA LEU A 1493 -76.92 -20.21 12.80
C LEU A 1493 -76.81 -19.11 13.85
N THR A 1494 -75.98 -19.35 14.85
CA THR A 1494 -75.82 -18.41 15.96
C THR A 1494 -74.34 -18.23 16.27
N ASN A 1495 -73.99 -17.04 16.75
CA ASN A 1495 -72.62 -16.72 17.15
C ASN A 1495 -72.46 -17.08 18.63
N ILE A 1496 -71.78 -18.21 18.90
CA ILE A 1496 -71.58 -18.65 20.27
C ILE A 1496 -70.53 -17.85 21.01
N ASN A 1497 -69.82 -16.95 20.33
CA ASN A 1497 -68.84 -16.11 21.00
C ASN A 1497 -69.51 -15.21 22.04
N GLY A 1498 -70.65 -14.61 21.67
CA GLY A 1498 -71.38 -13.79 22.63
C GLY A 1498 -72.10 -14.63 23.68
N ILE A 1499 -72.65 -15.77 23.28
CA ILE A 1499 -73.38 -16.62 24.22
C ILE A 1499 -72.44 -17.16 25.29
N LEU A 1500 -71.27 -17.64 24.90
CA LEU A 1500 -70.31 -18.20 25.83
C LEU A 1500 -69.33 -17.17 26.38
N TYR A 1501 -69.51 -15.89 26.02
CA TYR A 1501 -68.65 -14.80 26.50
C TYR A 1501 -67.18 -15.07 26.18
N LEU A 1502 -66.93 -15.57 24.98
CA LEU A 1502 -65.58 -15.89 24.54
C LEU A 1502 -64.84 -14.64 24.10
N LYS A 1503 -63.60 -14.49 24.55
CA LYS A 1503 -62.79 -13.31 24.23
C LYS A 1503 -61.35 -13.75 24.04
N ASN A 1504 -60.85 -13.63 22.80
CA ASN A 1504 -59.45 -13.88 22.47
C ASN A 1504 -59.00 -15.29 22.88
N ASN A 1505 -59.90 -16.26 22.75
CA ASN A 1505 -59.61 -17.64 23.07
C ASN A 1505 -59.26 -18.39 21.79
N LEU A 1506 -59.20 -19.73 21.88
CA LEU A 1506 -58.90 -20.54 20.71
C LEU A 1506 -60.00 -20.48 19.67
N ALA A 1507 -61.26 -20.35 20.09
CA ALA A 1507 -62.37 -20.35 19.14
C ALA A 1507 -62.28 -19.15 18.19
N ASN A 1508 -61.94 -17.98 18.72
CA ASN A 1508 -61.88 -16.78 17.89
C ASN A 1508 -60.64 -16.74 17.01
N PHE A 1509 -59.53 -17.34 17.46
CA PHE A 1509 -58.28 -17.29 16.72
C PHE A 1509 -58.11 -18.45 15.74
N THR A 1510 -59.00 -19.45 15.76
CA THR A 1510 -58.85 -20.62 14.91
C THR A 1510 -60.16 -20.97 14.21
N TYR A 1511 -61.00 -19.98 13.94
CA TYR A 1511 -62.28 -20.24 13.30
C TYR A 1511 -62.21 -20.32 11.78
N LYS A 1512 -61.07 -19.93 11.19
CA LYS A 1512 -60.94 -19.89 9.74
C LYS A 1512 -59.82 -20.81 9.23
N HIS A 1513 -59.39 -21.77 10.04
CA HIS A 1513 -58.34 -22.70 9.66
C HIS A 1513 -58.96 -24.02 9.18
N GLN A 1514 -58.10 -24.85 8.59
CA GLN A 1514 -58.52 -26.22 8.27
C GLN A 1514 -58.81 -27.00 9.54
N PHE A 1515 -58.02 -26.77 10.59
CA PHE A 1515 -58.19 -27.42 11.88
C PHE A 1515 -58.60 -26.36 12.89
N ASN A 1516 -59.81 -26.48 13.42
CA ASN A 1516 -60.39 -25.48 14.32
C ASN A 1516 -60.44 -26.05 15.74
N TYR A 1517 -59.88 -25.31 16.69
CA TYR A 1517 -59.85 -25.70 18.10
C TYR A 1517 -60.64 -24.69 18.92
N MET A 1518 -61.14 -25.15 20.07
CA MET A 1518 -61.91 -24.30 20.96
C MET A 1518 -61.66 -24.71 22.40
N GLU A 1519 -61.71 -23.73 23.31
CA GLU A 1519 -61.56 -23.97 24.73
C GLU A 1519 -62.88 -23.63 25.43
N ILE A 1520 -63.33 -24.53 26.30
CA ILE A 1520 -64.59 -24.30 27.02
C ILE A 1520 -64.37 -23.25 28.09
N PRO A 1521 -65.23 -22.21 28.17
CA PRO A 1521 -65.03 -21.19 29.21
C PRO A 1521 -65.31 -21.73 30.60
N ALA A 1522 -64.72 -21.06 31.59
CA ALA A 1522 -64.85 -21.49 32.98
C ALA A 1522 -66.29 -21.43 33.45
N LEU A 1523 -67.01 -20.36 33.10
CA LEU A 1523 -68.37 -20.15 33.58
C LEU A 1523 -69.33 -20.08 32.40
N MET A 1524 -70.47 -20.76 32.53
CA MET A 1524 -71.52 -20.74 31.52
C MET A 1524 -72.86 -20.53 32.20
N ASP A 1525 -73.76 -19.82 31.50
CA ASP A 1525 -75.06 -19.48 32.08
C ASP A 1525 -75.92 -20.72 32.27
N ASN A 1526 -76.00 -21.58 31.26
CA ASN A 1526 -76.85 -22.76 31.32
C ASN A 1526 -76.35 -23.77 30.30
N ASP A 1527 -76.99 -24.94 30.31
CA ASP A 1527 -76.66 -25.98 29.34
C ASP A 1527 -76.91 -25.49 27.93
N ILE A 1528 -75.93 -25.69 27.05
CA ILE A 1528 -76.01 -25.23 25.67
C ILE A 1528 -75.50 -26.33 24.76
N SER A 1529 -76.18 -26.51 23.63
CA SER A 1529 -75.81 -27.53 22.65
C SER A 1529 -75.68 -26.87 21.29
N PHE A 1530 -74.57 -27.15 20.61
CA PHE A 1530 -74.32 -26.62 19.27
C PHE A 1530 -73.71 -27.72 18.41
N LYS A 1531 -73.88 -27.57 17.10
CA LYS A 1531 -73.47 -28.59 16.14
C LYS A 1531 -72.48 -28.01 15.14
N CYS A 1532 -71.60 -28.87 14.65
CA CYS A 1532 -70.68 -28.53 13.57
C CYS A 1532 -70.84 -29.56 12.47
N ILE A 1533 -71.07 -29.10 11.25
CA ILE A 1533 -71.50 -29.96 10.14
C ILE A 1533 -70.55 -29.77 8.97
N CYS A 1534 -70.24 -30.88 8.28
CA CYS A 1534 -69.54 -30.86 7.00
C CYS A 1534 -70.46 -31.44 5.94
N VAL A 1535 -70.56 -30.75 4.80
CA VAL A 1535 -71.45 -31.14 3.72
C VAL A 1535 -70.63 -31.82 2.64
N ASP A 1536 -70.98 -33.06 2.31
CA ASP A 1536 -70.31 -33.84 1.28
C ASP A 1536 -71.31 -34.16 0.17
N LEU A 1537 -70.94 -33.84 -1.07
CA LEU A 1537 -71.76 -34.14 -2.22
C LEU A 1537 -71.29 -35.45 -2.83
N LYS A 1538 -72.22 -36.39 -3.00
CA LYS A 1538 -71.86 -37.74 -3.42
C LYS A 1538 -71.35 -37.80 -4.85
N LYS A 1539 -71.72 -36.84 -5.70
CA LYS A 1539 -71.34 -36.91 -7.11
C LYS A 1539 -69.84 -36.71 -7.31
N LYS A 1540 -69.27 -35.67 -6.70
CA LYS A 1540 -67.90 -35.30 -6.99
C LYS A 1540 -67.19 -34.92 -5.71
N LYS A 1541 -65.86 -34.96 -5.79
CA LYS A 1541 -64.97 -34.64 -4.68
C LYS A 1541 -64.33 -33.28 -4.95
N TYR A 1542 -64.53 -32.33 -4.04
CA TYR A 1542 -64.17 -30.94 -4.27
C TYR A 1542 -62.91 -30.57 -3.49
N ASN A 1543 -61.98 -29.89 -4.16
CA ASN A 1543 -60.75 -29.40 -3.55
C ASN A 1543 -60.98 -27.97 -3.06
N VAL A 1544 -61.31 -27.84 -1.77
CA VAL A 1544 -61.54 -26.53 -1.17
C VAL A 1544 -60.20 -25.92 -0.76
N LYS A 1545 -59.65 -25.06 -1.63
CA LYS A 1545 -58.36 -24.42 -1.37
C LYS A 1545 -58.49 -23.09 -0.63
N SER A 1546 -59.68 -22.49 -0.61
CA SER A 1546 -59.92 -21.23 0.06
C SER A 1546 -61.20 -21.34 0.86
N PRO A 1547 -61.34 -20.55 1.93
CA PRO A 1547 -62.57 -20.60 2.72
C PRO A 1547 -63.78 -20.25 1.86
N LEU A 1548 -64.89 -20.95 2.11
CA LEU A 1548 -66.08 -20.79 1.30
C LEU A 1548 -66.68 -19.40 1.50
N GLY A 1549 -67.04 -18.76 0.40
CA GLY A 1549 -67.64 -17.44 0.45
C GLY A 1549 -69.08 -17.51 0.91
N PRO A 1550 -69.62 -16.36 1.30
CA PRO A 1550 -71.02 -16.31 1.75
C PRO A 1550 -72.01 -16.72 0.69
N LYS A 1551 -71.67 -16.57 -0.59
CA LYS A 1551 -72.58 -16.98 -1.66
C LYS A 1551 -72.83 -18.48 -1.62
N VAL A 1552 -71.76 -19.27 -1.54
CA VAL A 1552 -71.92 -20.72 -1.45
C VAL A 1552 -72.56 -21.11 -0.13
N LEU A 1553 -72.15 -20.44 0.96
CA LEU A 1553 -72.66 -20.79 2.28
C LEU A 1553 -74.17 -20.53 2.38
N ARG A 1554 -74.64 -19.40 1.83
CA ARG A 1554 -76.07 -19.11 1.90
C ARG A 1554 -76.87 -20.13 1.10
N ALA A 1555 -76.36 -20.55 -0.06
CA ALA A 1555 -77.03 -21.57 -0.85
C ALA A 1555 -77.12 -22.88 -0.07
N LEU A 1556 -76.07 -23.25 0.65
CA LEU A 1556 -76.11 -24.44 1.49
C LEU A 1556 -77.11 -24.27 2.63
N TYR A 1557 -77.18 -23.07 3.21
CA TYR A 1557 -78.13 -22.83 4.29
C TYR A 1557 -79.57 -23.04 3.83
N LYS A 1558 -79.90 -22.54 2.64
CA LYS A 1558 -81.26 -22.71 2.12
C LYS A 1558 -81.56 -24.19 1.88
N LYS A 1559 -80.61 -24.94 1.32
CA LYS A 1559 -80.84 -26.34 1.04
C LYS A 1559 -80.84 -27.17 2.32
N LEU A 1560 -80.00 -26.80 3.29
CA LEU A 1560 -79.88 -27.53 4.55
C LEU A 1560 -80.85 -27.02 5.61
N ASN A 1561 -81.74 -26.09 5.25
CA ASN A 1561 -82.74 -25.55 6.16
C ASN A 1561 -82.10 -24.90 7.39
N ILE A 1562 -81.32 -23.85 7.13
CA ILE A 1562 -80.65 -23.08 8.17
C ILE A 1562 -81.05 -21.62 7.98
N LYS A 1563 -81.47 -20.98 9.07
CA LYS A 1563 -81.93 -19.61 9.05
C LYS A 1563 -81.07 -18.75 9.97
N PHE A 1564 -80.74 -17.54 9.53
CA PHE A 1564 -79.94 -16.61 10.32
C PHE A 1564 -80.57 -15.23 10.20
N ASP A 1565 -81.33 -14.84 11.22
CA ASP A 1565 -81.98 -13.54 11.25
C ASP A 1565 -81.68 -12.73 12.51
N ASN A 1566 -81.05 -13.31 13.53
CA ASN A 1566 -80.70 -12.61 14.74
C ASN A 1566 -79.19 -12.55 14.97
N TYR A 1567 -78.40 -12.78 13.91
CA TYR A 1567 -76.95 -12.79 14.04
C TYR A 1567 -76.42 -11.39 14.33
N VAL A 1568 -75.41 -11.32 15.19
CA VAL A 1568 -74.77 -10.07 15.58
C VAL A 1568 -73.27 -10.22 15.35
N THR A 1569 -72.67 -9.24 14.70
CA THR A 1569 -71.24 -9.27 14.42
C THR A 1569 -70.44 -8.79 15.63
N GLY A 1570 -69.14 -9.11 15.62
CA GLY A 1570 -68.27 -8.72 16.70
C GLY A 1570 -67.87 -7.27 16.64
N THR A 1571 -67.19 -6.82 17.71
CA THR A 1571 -66.75 -5.43 17.83
C THR A 1571 -65.26 -5.34 18.15
N ASP A 1572 -64.48 -6.37 17.83
CA ASP A 1572 -63.05 -6.33 18.10
C ASP A 1572 -62.36 -5.31 17.20
N GLN A 1573 -61.36 -4.63 17.75
CA GLN A 1573 -60.61 -3.62 17.02
C GLN A 1573 -59.13 -3.81 17.23
N ASN A 1574 -58.34 -3.37 16.25
CA ASN A 1574 -56.88 -3.44 16.30
C ASN A 1574 -56.40 -4.86 16.59
N LYS A 1575 -56.99 -5.83 15.89
CA LYS A 1575 -56.66 -7.23 16.10
C LYS A 1575 -56.35 -7.90 14.76
N TYR A 1576 -56.07 -9.20 14.84
CA TYR A 1576 -55.48 -9.96 13.75
C TYR A 1576 -56.10 -11.36 13.72
N LEU A 1577 -56.13 -11.94 12.51
CA LEU A 1577 -56.68 -13.27 12.30
C LEU A 1577 -55.87 -13.98 11.22
N MET A 1578 -55.83 -15.31 11.33
CA MET A 1578 -55.15 -16.17 10.35
C MET A 1578 -56.18 -16.80 9.42
N THR A 1579 -55.90 -16.75 8.12
CA THR A 1579 -56.74 -17.42 7.13
C THR A 1579 -55.84 -18.20 6.18
N TYR A 1580 -56.30 -19.37 5.75
CA TYR A 1580 -55.53 -20.21 4.86
C TYR A 1580 -55.81 -19.83 3.41
N MET A 1581 -54.73 -19.68 2.64
CA MET A 1581 -54.81 -19.49 1.19
C MET A 1581 -53.55 -20.13 0.60
N ASP A 1582 -53.68 -21.39 0.18
CA ASP A 1582 -52.60 -22.13 -0.47
C ASP A 1582 -51.26 -21.89 0.24
N LEU A 1583 -50.21 -21.66 -0.53
CA LEU A 1583 -48.97 -21.10 -0.03
C LEU A 1583 -48.53 -19.87 -0.80
N HIS A 1584 -48.71 -19.87 -2.12
CA HIS A 1584 -48.48 -18.71 -2.97
C HIS A 1584 -49.69 -18.57 -3.90
N LEU A 1585 -50.33 -17.41 -3.88
CA LEU A 1585 -51.57 -17.22 -4.63
C LEU A 1585 -51.33 -17.38 -6.12
N SER A 1586 -52.07 -18.31 -6.73
CA SER A 1586 -52.06 -18.49 -8.18
C SER A 1586 -53.15 -17.70 -8.88
N HIS A 1587 -54.03 -17.03 -8.13
CA HIS A 1587 -55.07 -16.20 -8.73
C HIS A 1587 -54.58 -14.80 -9.06
N LYS A 1588 -53.50 -14.34 -8.44
CA LYS A 1588 -52.89 -13.05 -8.76
C LYS A 1588 -52.13 -13.21 -10.07
N ARG A 1589 -52.87 -13.09 -11.17
CA ARG A 1589 -52.30 -13.32 -12.50
C ARG A 1589 -51.17 -12.35 -12.78
N ASN A 1590 -50.07 -12.88 -13.32
CA ASN A 1590 -48.93 -12.07 -13.70
C ASN A 1590 -49.22 -11.43 -15.06
N TYR A 1591 -49.50 -10.13 -15.05
CA TYR A 1591 -49.84 -9.43 -16.30
C TYR A 1591 -48.67 -9.43 -17.27
N LEU A 1592 -47.45 -9.22 -16.76
CA LEU A 1592 -46.28 -9.21 -17.63
C LEU A 1592 -46.06 -10.56 -18.30
N LYS A 1593 -46.22 -11.65 -17.54
CA LYS A 1593 -46.05 -12.98 -18.12
C LYS A 1593 -47.06 -13.24 -19.23
N GLU A 1594 -48.31 -12.85 -19.01
CA GLU A 1594 -49.33 -13.02 -20.05
C GLU A 1594 -49.02 -12.16 -21.27
N LEU A 1595 -48.55 -10.92 -21.05
CA LEU A 1595 -48.23 -10.05 -22.17
C LEU A 1595 -47.09 -10.62 -23.01
N PHE A 1596 -46.04 -11.13 -22.36
CA PHE A 1596 -44.94 -11.72 -23.11
C PHE A 1596 -45.36 -13.01 -23.79
N HIS A 1597 -46.20 -13.82 -23.14
CA HIS A 1597 -46.68 -15.06 -23.75
C HIS A 1597 -47.49 -14.77 -25.02
N ASP A 1598 -48.38 -13.79 -24.95
CA ASP A 1598 -49.14 -13.40 -26.14
C ASP A 1598 -48.21 -12.80 -27.20
N LEU A 1599 -47.23 -12.00 -26.76
CA LEU A 1599 -46.26 -11.44 -27.71
C LEU A 1599 -45.44 -12.52 -28.39
N GLY A 1600 -45.04 -13.55 -27.63
CA GLY A 1600 -44.27 -14.63 -28.22
C GLY A 1600 -45.04 -15.40 -29.28
N LYS A 1601 -46.36 -15.53 -29.09
CA LYS A 1601 -47.17 -16.23 -30.08
C LYS A 1601 -47.17 -15.50 -31.42
N LYS A 1602 -47.09 -14.18 -31.40
CA LYS A 1602 -47.13 -13.39 -32.62
C LYS A 1602 -45.81 -13.38 -33.37
N LYS A 1603 -44.72 -13.89 -32.78
CA LYS A 1603 -43.40 -13.89 -33.38
C LYS A 1603 -43.03 -12.47 -33.83
N PRO A 1604 -42.70 -11.59 -32.88
CA PRO A 1604 -42.53 -10.17 -33.23
C PRO A 1604 -41.43 -9.89 -34.23
N ALA A 1605 -40.44 -10.77 -34.37
CA ALA A 1605 -39.33 -10.53 -35.28
C ALA A 1605 -38.94 -11.85 -35.95
N ASP A 1606 -39.41 -12.03 -37.19
CA ASP A 1606 -38.98 -13.16 -38.02
C ASP A 1606 -38.24 -12.67 -39.26
N THR A 1607 -38.88 -11.85 -40.08
CA THR A 1607 -38.20 -11.20 -41.21
C THR A 1607 -38.97 -9.93 -41.57
N ASP A 1608 -38.39 -8.78 -41.23
CA ASP A 1608 -39.02 -7.48 -41.46
C ASP A 1608 -40.44 -7.45 -40.88
N ALA A 1609 -40.60 -7.99 -39.68
CA ALA A 1609 -41.91 -8.14 -39.07
C ALA A 1609 -42.39 -6.88 -38.36
N ASN A 1610 -41.53 -5.86 -38.24
CA ASN A 1610 -41.86 -4.61 -37.55
C ASN A 1610 -42.39 -4.88 -36.15
N PRO A 1611 -41.53 -5.27 -35.21
CA PRO A 1611 -42.01 -5.60 -33.86
C PRO A 1611 -42.65 -4.43 -33.13
N GLU A 1612 -42.38 -3.19 -33.54
CA GLU A 1612 -42.97 -2.04 -32.86
C GLU A 1612 -44.48 -2.05 -32.99
N SER A 1613 -45.00 -2.33 -34.18
CA SER A 1613 -46.44 -2.39 -34.37
C SER A 1613 -47.06 -3.56 -33.61
N ILE A 1614 -46.38 -4.70 -33.58
CA ILE A 1614 -46.89 -5.87 -32.88
C ILE A 1614 -46.97 -5.60 -31.38
N ILE A 1615 -45.94 -4.97 -30.83
CA ILE A 1615 -45.95 -4.64 -29.40
C ILE A 1615 -47.07 -3.67 -29.08
N GLU A 1616 -47.26 -2.66 -29.94
CA GLU A 1616 -48.33 -1.68 -29.72
C GLU A 1616 -49.70 -2.35 -29.77
N SER A 1617 -49.90 -3.28 -30.71
CA SER A 1617 -51.16 -4.00 -30.79
C SER A 1617 -51.37 -4.93 -29.60
N LEU A 1618 -50.31 -5.28 -28.87
CA LEU A 1618 -50.44 -6.15 -27.72
C LEU A 1618 -51.08 -5.39 -26.55
N SER A 1619 -52.22 -5.86 -26.09
CA SER A 1619 -52.94 -5.23 -25.00
C SER A 1619 -53.59 -6.29 -24.13
N ILE A 1620 -53.53 -6.08 -22.81
CA ILE A 1620 -54.16 -7.00 -21.86
C ILE A 1620 -55.63 -6.65 -21.73
N ASN A 1621 -56.48 -7.68 -21.63
CA ASN A 1621 -57.91 -7.48 -21.50
C ASN A 1621 -58.22 -7.06 -20.06
N GLU A 1622 -58.93 -5.95 -19.91
CA GLU A 1622 -59.29 -5.46 -18.58
C GLU A 1622 -60.28 -6.37 -17.87
N SER A 1623 -60.96 -7.26 -18.60
CA SER A 1623 -61.88 -8.19 -17.97
C SER A 1623 -61.17 -9.20 -17.07
N ASN A 1624 -59.87 -9.39 -17.25
CA ASN A 1624 -59.11 -10.29 -16.39
C ASN A 1624 -59.02 -9.78 -14.96
N GLU A 1625 -59.30 -8.50 -14.74
CA GLU A 1625 -59.25 -7.90 -13.42
C GLU A 1625 -60.65 -7.46 -13.00
N SER A 1626 -60.90 -7.52 -11.69
CA SER A 1626 -62.20 -7.16 -11.13
C SER A 1626 -62.33 -5.67 -10.86
N GLY A 1627 -61.54 -4.84 -11.55
CA GLY A 1627 -61.57 -3.41 -11.34
C GLY A 1627 -60.91 -3.03 -10.04
N PRO A 1628 -61.31 -1.89 -9.46
CA PRO A 1628 -60.74 -1.46 -8.18
C PRO A 1628 -61.17 -2.41 -7.07
N PHE A 1629 -60.17 -3.01 -6.40
CA PHE A 1629 -60.48 -3.91 -5.29
C PHE A 1629 -61.29 -3.28 -4.18
N PRO A 1630 -61.05 -2.04 -3.73
CA PRO A 1630 -61.91 -1.47 -2.68
C PRO A 1630 -63.31 -1.19 -3.17
N THR A 1631 -64.10 -2.25 -3.37
CA THR A 1631 -65.48 -2.13 -3.82
C THR A 1631 -66.38 -1.72 -2.66
N GLY A 1632 -67.55 -1.20 -3.02
CA GLY A 1632 -68.51 -0.79 -2.01
C GLY A 1632 -68.06 0.46 -1.27
N ASP A 1633 -68.64 0.65 -0.09
CA ASP A 1633 -68.34 1.80 0.76
C ASP A 1633 -67.37 1.36 1.86
N VAL A 1634 -66.26 2.07 1.98
CA VAL A 1634 -65.22 1.74 2.95
C VAL A 1634 -65.20 2.83 4.02
N ASP A 1635 -65.41 2.43 5.27
CA ASP A 1635 -65.32 3.37 6.37
C ASP A 1635 -63.90 3.91 6.53
N ALA A 1636 -62.90 3.06 6.34
CA ALA A 1636 -61.48 3.40 6.36
C ALA A 1636 -61.00 3.89 7.71
N GLU A 1637 -61.76 3.65 8.78
CA GLU A 1637 -61.35 4.06 10.12
C GLU A 1637 -60.40 3.08 10.78
N HIS A 1638 -60.24 1.88 10.22
CA HIS A 1638 -59.37 0.85 10.80
C HIS A 1638 -57.94 1.07 10.30
N LEU A 1639 -57.23 1.97 10.98
CA LEU A 1639 -55.86 2.31 10.66
C LEU A 1639 -54.95 1.88 11.80
N ILE A 1640 -53.92 1.10 11.49
CA ILE A 1640 -52.99 0.61 12.50
C ILE A 1640 -51.70 0.19 11.81
N LEU A 1641 -50.57 0.54 12.44
CA LEU A 1641 -49.24 0.15 12.01
C LEU A 1641 -48.99 0.40 10.52
N GLU A 1642 -48.95 -0.68 9.73
CA GLU A 1642 -48.64 -0.55 8.32
C GLU A 1642 -49.70 0.28 7.59
N GLY A 1643 -50.97 0.07 7.93
CA GLY A 1643 -52.04 0.87 7.35
C GLY A 1643 -52.75 0.13 6.23
N TYR A 1644 -52.92 0.80 5.09
CA TYR A 1644 -53.70 0.27 3.98
C TYR A 1644 -52.80 -0.67 3.18
N ASP A 1645 -52.89 -1.96 3.48
CA ASP A 1645 -52.08 -2.96 2.80
C ASP A 1645 -52.77 -3.40 1.51
N THR A 1646 -52.27 -4.47 0.90
CA THR A 1646 -52.87 -4.99 -0.32
C THR A 1646 -54.24 -5.59 0.01
N TRP A 1647 -55.23 -5.28 -0.82
CA TRP A 1647 -56.61 -5.74 -0.65
C TRP A 1647 -56.91 -6.72 -1.78
N GLU A 1648 -56.86 -8.01 -1.49
CA GLU A 1648 -57.07 -9.05 -2.48
C GLU A 1648 -58.30 -9.87 -2.13
N SER A 1649 -58.96 -10.39 -3.16
CA SER A 1649 -60.11 -11.26 -2.96
C SER A 1649 -59.65 -12.66 -2.57
N LEU A 1650 -60.35 -13.26 -1.62
CA LEU A 1650 -60.01 -14.59 -1.12
C LEU A 1650 -60.87 -15.70 -1.71
N TYR A 1651 -62.12 -15.38 -2.07
CA TYR A 1651 -63.04 -16.40 -2.56
C TYR A 1651 -62.68 -16.77 -3.99
N ASP A 1652 -62.45 -18.05 -4.23
CA ASP A 1652 -62.10 -18.55 -5.57
C ASP A 1652 -63.41 -18.67 -6.33
N GLU A 1653 -63.70 -17.67 -7.17
CA GLU A 1653 -65.02 -17.55 -7.79
C GLU A 1653 -65.31 -18.71 -8.74
N GLN A 1654 -64.31 -19.15 -9.51
CA GLN A 1654 -64.55 -20.15 -10.54
C GLN A 1654 -65.06 -21.46 -9.95
N LEU A 1655 -64.41 -21.96 -8.90
CA LEU A 1655 -64.87 -23.19 -8.27
C LEU A 1655 -66.17 -22.96 -7.50
N GLU A 1656 -66.32 -21.78 -6.88
CA GLU A 1656 -67.53 -21.48 -6.15
C GLU A 1656 -68.75 -21.45 -7.07
N GLU A 1657 -68.57 -20.91 -8.29
CA GLU A 1657 -69.67 -20.92 -9.26
C GLU A 1657 -70.06 -22.34 -9.63
N VAL A 1658 -69.08 -23.22 -9.81
CA VAL A 1658 -69.38 -24.62 -10.08
C VAL A 1658 -70.09 -25.26 -8.89
N ILE A 1659 -69.61 -24.97 -7.68
CA ILE A 1659 -70.25 -25.51 -6.47
C ILE A 1659 -71.66 -24.93 -6.33
N TYR A 1660 -71.82 -23.63 -6.58
CA TYR A 1660 -73.12 -23.00 -6.47
C TYR A 1660 -74.12 -23.62 -7.45
N ASN A 1661 -73.69 -23.87 -8.69
CA ASN A 1661 -74.56 -24.53 -9.66
C ASN A 1661 -74.87 -25.96 -9.24
N ASP A 1662 -73.88 -26.66 -8.69
CA ASP A 1662 -74.11 -28.05 -8.28
C ASP A 1662 -75.12 -28.15 -7.14
N ILE A 1663 -75.05 -27.23 -6.19
CA ILE A 1663 -75.97 -27.26 -5.04
C ILE A 1663 -77.41 -27.12 -5.50
N GLU A 1664 -77.66 -26.18 -6.42
CA GLU A 1664 -79.01 -25.96 -6.91
C GLU A 1664 -79.55 -27.18 -7.65
N SER A 1665 -78.70 -27.82 -8.46
CA SER A 1665 -79.14 -28.98 -9.23
C SER A 1665 -79.35 -30.21 -8.36
N LEU A 1666 -78.54 -30.38 -7.31
CA LEU A 1666 -78.64 -31.57 -6.49
C LEU A 1666 -79.86 -31.52 -5.57
N GLU A 1667 -80.19 -32.67 -4.99
CA GLU A 1667 -81.32 -32.82 -4.10
C GLU A 1667 -80.85 -33.41 -2.77
N LEU A 1668 -81.80 -33.65 -1.87
CA LEU A 1668 -81.47 -34.13 -0.53
C LEU A 1668 -80.82 -35.50 -0.57
N LYS A 1669 -81.31 -36.40 -1.44
CA LYS A 1669 -80.82 -37.77 -1.46
C LYS A 1669 -79.33 -37.84 -1.79
N ASP A 1670 -78.81 -36.85 -2.51
CA ASP A 1670 -77.42 -36.85 -2.94
C ASP A 1670 -76.51 -36.05 -2.01
N ILE A 1671 -77.03 -35.58 -0.88
CA ILE A 1671 -76.28 -34.77 0.07
C ILE A 1671 -76.08 -35.58 1.34
N GLU A 1672 -74.84 -35.66 1.81
CA GLU A 1672 -74.48 -36.37 3.03
C GLU A 1672 -73.91 -35.39 4.03
N GLN A 1673 -74.22 -35.59 5.31
CA GLN A 1673 -73.84 -34.68 6.38
C GLN A 1673 -72.98 -35.39 7.40
N TYR A 1674 -71.88 -34.77 7.81
CA TYR A 1674 -71.05 -35.22 8.91
C TYR A 1674 -71.11 -34.17 10.00
N VAL A 1675 -71.70 -34.53 11.15
CA VAL A 1675 -72.06 -33.57 12.18
C VAL A 1675 -71.32 -33.91 13.47
N LEU A 1676 -70.70 -32.90 14.08
CA LEU A 1676 -70.17 -32.99 15.43
C LEU A 1676 -71.13 -32.28 16.38
N GLN A 1677 -71.54 -32.97 17.44
CA GLN A 1677 -72.44 -32.42 18.44
C GLN A 1677 -71.68 -32.26 19.75
N VAL A 1678 -71.71 -31.05 20.31
CA VAL A 1678 -70.98 -30.72 21.53
C VAL A 1678 -71.98 -30.29 22.59
N ASN A 1679 -71.94 -30.96 23.75
CA ASN A 1679 -72.77 -30.63 24.89
C ASN A 1679 -71.91 -29.95 25.95
N LEU A 1680 -72.30 -28.75 26.35
CA LEU A 1680 -71.62 -28.00 27.40
C LEU A 1680 -72.55 -27.87 28.60
N LYS A 1681 -72.10 -28.36 29.75
CA LYS A 1681 -72.91 -28.32 30.97
C LYS A 1681 -72.14 -27.69 32.13
N GLU B 1 26.59 11.21 19.59
CA GLU B 1 25.56 10.41 18.95
C GLU B 1 24.62 11.28 18.13
N VAL B 2 23.77 12.04 18.81
CA VAL B 2 22.81 12.95 18.18
C VAL B 2 23.06 14.35 18.72
N GLN B 3 23.18 15.32 17.81
CA GLN B 3 23.46 16.69 18.18
C GLN B 3 22.41 17.61 17.57
N LEU B 4 21.97 18.60 18.36
CA LEU B 4 21.03 19.62 17.92
C LEU B 4 21.66 20.98 18.16
N GLN B 5 21.92 21.71 17.08
CA GLN B 5 22.60 23.00 17.14
C GLN B 5 21.62 24.13 16.85
N GLN B 6 21.58 25.11 17.75
CA GLN B 6 20.73 26.28 17.61
C GLN B 6 21.59 27.53 17.43
N SER B 7 20.93 28.63 17.10
CA SER B 7 21.60 29.90 16.92
C SER B 7 21.81 30.60 18.25
N GLY B 8 22.51 31.74 18.21
CA GLY B 8 22.74 32.54 19.38
C GLY B 8 21.52 33.34 19.78
N PRO B 9 21.65 34.09 20.87
CA PRO B 9 20.53 34.91 21.34
C PRO B 9 20.19 36.02 20.36
N GLU B 10 18.92 36.43 20.39
CA GLU B 10 18.43 37.54 19.57
C GLU B 10 18.03 38.71 20.47
N LEU B 11 18.01 39.90 19.88
CA LEU B 11 17.56 41.12 20.56
C LEU B 11 16.86 41.98 19.52
N GLU B 12 15.52 41.89 19.49
CA GLU B 12 14.71 42.64 18.53
C GLU B 12 13.88 43.69 19.25
N LYS B 13 13.39 44.65 18.46
CA LYS B 13 12.51 45.69 18.96
C LYS B 13 11.11 45.12 19.20
N PRO B 14 10.30 45.80 20.00
CA PRO B 14 8.91 45.32 20.20
C PRO B 14 8.15 45.28 18.89
N GLY B 15 7.34 44.23 18.72
CA GLY B 15 6.58 44.04 17.51
C GLY B 15 7.36 43.51 16.33
N ALA B 16 8.61 43.10 16.52
CA ALA B 16 9.44 42.59 15.43
C ALA B 16 9.23 41.09 15.26
N SER B 17 9.99 40.48 14.36
CA SER B 17 9.89 39.06 14.05
C SER B 17 11.27 38.44 14.04
N VAL B 18 11.33 37.15 14.41
CA VAL B 18 12.56 36.38 14.44
C VAL B 18 12.32 35.09 13.68
N LYS B 19 13.41 34.51 13.18
CA LYS B 19 13.38 33.20 12.53
C LYS B 19 14.60 32.41 13.02
N ILE B 20 14.41 31.68 14.12
CA ILE B 20 15.49 30.87 14.67
C ILE B 20 15.63 29.58 13.87
N SER B 21 16.79 28.93 14.01
CA SER B 21 17.10 27.73 13.25
C SER B 21 17.52 26.61 14.19
N CYS B 22 17.37 25.38 13.71
CA CYS B 22 17.74 24.18 14.47
C CYS B 22 18.37 23.19 13.49
N LYS B 23 19.68 22.96 13.66
CA LYS B 23 20.42 22.03 12.81
C LYS B 23 20.54 20.69 13.52
N ALA B 24 20.16 19.61 12.81
CA ALA B 24 20.20 18.26 13.35
C ALA B 24 21.27 17.46 12.63
N SER B 25 21.98 16.62 13.40
CA SER B 25 23.05 15.79 12.85
C SER B 25 23.07 14.46 13.57
N GLY B 26 23.65 13.47 12.92
CA GLY B 26 23.75 12.13 13.47
C GLY B 26 22.57 11.23 13.16
N TYR B 27 21.52 11.74 12.53
CA TYR B 27 20.35 10.94 12.22
C TYR B 27 19.60 11.60 11.07
N SER B 28 18.76 10.82 10.42
CA SER B 28 17.94 11.35 9.33
C SER B 28 16.81 12.19 9.90
N ILE B 29 16.66 13.43 9.39
CA ILE B 29 15.70 14.36 9.95
C ILE B 29 14.27 13.86 9.75
N THR B 30 14.01 13.13 8.66
CA THR B 30 12.68 12.62 8.39
C THR B 30 12.30 11.45 9.29
N ASP B 31 13.25 10.89 10.04
CA ASP B 31 12.98 9.71 10.85
C ASP B 31 12.48 10.03 12.25
N TYR B 32 12.44 11.31 12.65
CA TYR B 32 12.01 11.68 13.99
C TYR B 32 11.23 12.99 13.93
N ASN B 33 10.15 13.05 14.70
CA ASN B 33 9.40 14.29 14.85
C ASN B 33 10.19 15.26 15.71
N MET B 34 10.03 16.56 15.42
CA MET B 34 10.80 17.58 16.12
C MET B 34 9.86 18.72 16.50
N ASN B 35 10.02 19.23 17.72
CA ASN B 35 9.13 20.24 18.27
C ASN B 35 9.94 21.27 19.05
N TRP B 36 9.29 22.40 19.35
CA TRP B 36 9.87 23.45 20.18
C TRP B 36 9.20 23.47 21.55
N VAL B 37 9.96 23.86 22.57
CA VAL B 37 9.47 24.00 23.93
C VAL B 37 9.85 25.39 24.43
N LYS B 38 8.89 26.08 25.04
CA LYS B 38 9.11 27.41 25.60
C LYS B 38 9.28 27.32 27.10
N LEU B 39 10.24 28.08 27.63
CA LEU B 39 10.55 28.09 29.06
C LEU B 39 10.18 29.47 29.61
N SER B 40 8.95 29.59 30.12
CA SER B 40 8.51 30.85 30.72
C SER B 40 9.34 31.14 31.96
N ASN B 41 10.09 32.23 31.93
CA ASN B 41 10.97 32.69 33.01
C ASN B 41 11.95 31.61 33.46
N GLY B 42 12.13 30.55 32.66
CA GLY B 42 13.08 29.52 32.97
C GLY B 42 12.67 28.57 34.08
N LYS B 43 11.38 28.53 34.42
CA LYS B 43 10.90 27.63 35.47
C LYS B 43 9.62 26.91 35.10
N SER B 44 9.11 27.07 33.89
CA SER B 44 7.88 26.39 33.48
C SER B 44 7.97 26.07 32.00
N LEU B 45 8.00 24.77 31.68
CA LEU B 45 8.05 24.33 30.30
C LEU B 45 6.69 24.48 29.64
N GLU B 46 6.69 24.82 28.35
CA GLU B 46 5.47 24.99 27.58
C GLU B 46 5.68 24.42 26.18
N TRP B 47 4.71 23.63 25.71
CA TRP B 47 4.79 23.03 24.38
C TRP B 47 4.21 24.00 23.36
N ILE B 48 5.00 24.30 22.33
CA ILE B 48 4.61 25.28 21.32
C ILE B 48 3.95 24.59 20.13
N GLY B 49 4.69 23.71 19.47
CA GLY B 49 4.16 22.99 18.32
C GLY B 49 5.21 22.08 17.74
N ASN B 50 4.80 21.33 16.72
CA ASN B 50 5.69 20.37 16.09
C ASN B 50 5.46 20.37 14.59
N ILE B 51 6.47 19.90 13.86
CA ILE B 51 6.42 19.79 12.41
C ILE B 51 7.04 18.46 12.00
N ASP B 52 6.42 17.80 11.03
CA ASP B 52 6.92 16.52 10.52
C ASP B 52 7.47 16.73 9.12
N PRO B 53 8.80 16.71 8.93
CA PRO B 53 9.35 16.91 7.59
C PRO B 53 8.99 15.80 6.61
N SER B 54 8.59 14.63 7.09
CA SER B 54 8.27 13.53 6.19
C SER B 54 7.09 13.84 5.28
N HIS B 55 6.11 14.61 5.77
CA HIS B 55 4.95 14.97 4.98
C HIS B 55 4.67 16.46 5.00
N GLY B 56 5.41 17.26 5.77
CA GLY B 56 5.16 18.68 5.86
C GLY B 56 4.02 19.07 6.77
N GLY B 57 3.38 18.12 7.45
CA GLY B 57 2.29 18.45 8.34
C GLY B 57 2.77 19.21 9.56
N THR B 58 1.91 20.10 10.05
CA THR B 58 2.23 20.96 11.19
C THR B 58 1.10 20.93 12.20
N THR B 59 1.46 20.88 13.48
CA THR B 59 0.51 20.95 14.58
C THR B 59 0.99 22.01 15.56
N TYR B 60 0.11 22.96 15.89
CA TYR B 60 0.46 24.05 16.78
C TYR B 60 -0.45 24.02 18.00
N ASN B 61 0.12 24.33 19.16
CA ASN B 61 -0.69 24.50 20.36
C ASN B 61 -1.59 25.71 20.18
N GLN B 62 -2.80 25.66 20.76
CA GLN B 62 -3.85 26.58 20.34
C GLN B 62 -3.49 28.02 20.64
N LYS B 63 -2.97 28.31 21.84
CA LYS B 63 -2.62 29.69 22.14
C LYS B 63 -1.33 30.14 21.45
N PHE B 64 -0.64 29.24 20.77
CA PHE B 64 0.51 29.61 19.95
C PHE B 64 0.24 29.54 18.46
N LYS B 65 -0.96 29.11 18.05
CA LYS B 65 -1.29 29.07 16.64
C LYS B 65 -1.41 30.48 16.07
N GLY B 66 -0.89 30.67 14.86
CA GLY B 66 -0.90 31.99 14.24
C GLY B 66 0.20 32.91 14.71
N LYS B 67 0.43 32.97 16.03
CA LYS B 67 1.53 33.76 16.57
C LYS B 67 2.89 33.20 16.18
N ALA B 68 2.96 31.91 15.84
CA ALA B 68 4.21 31.27 15.47
C ALA B 68 4.02 30.46 14.20
N THR B 69 5.09 30.38 13.40
CA THR B 69 5.09 29.63 12.15
C THR B 69 6.27 28.68 12.15
N LEU B 70 6.05 27.46 11.68
CA LEU B 70 7.05 26.41 11.70
C LEU B 70 7.30 25.92 10.27
N THR B 71 8.57 25.71 9.95
CA THR B 71 8.97 25.25 8.63
C THR B 71 10.23 24.39 8.76
N VAL B 72 10.46 23.56 7.73
CA VAL B 72 11.59 22.66 7.71
C VAL B 72 12.28 22.75 6.34
N ASP B 73 13.58 22.44 6.33
CA ASP B 73 14.36 22.35 5.10
C ASP B 73 15.05 20.99 5.11
N LYS B 74 14.57 20.07 4.26
CA LYS B 74 15.14 18.74 4.23
C LYS B 74 16.51 18.71 3.56
N SER B 75 16.76 19.60 2.60
CA SER B 75 18.04 19.61 1.91
C SER B 75 19.19 19.94 2.87
N SER B 76 18.99 20.93 3.74
CA SER B 76 20.00 21.31 4.72
C SER B 76 19.85 20.58 6.05
N SER B 77 18.79 19.79 6.22
CA SER B 77 18.50 19.11 7.48
C SER B 77 18.41 20.11 8.63
N THR B 78 17.83 21.27 8.35
CA THR B 78 17.69 22.34 9.33
C THR B 78 16.26 22.84 9.33
N ALA B 79 15.73 23.10 10.51
CA ALA B 79 14.34 23.53 10.68
C ALA B 79 14.30 24.91 11.33
N TYR B 80 13.27 25.67 10.99
CA TYR B 80 13.16 27.06 11.40
C TYR B 80 11.81 27.33 12.05
N MET B 81 11.80 28.24 13.01
CA MET B 81 10.59 28.70 13.68
C MET B 81 10.54 30.22 13.65
N GLN B 82 9.35 30.76 13.35
CA GLN B 82 9.17 32.20 13.20
C GLN B 82 8.13 32.69 14.18
N LEU B 83 8.39 33.86 14.78
CA LEU B 83 7.47 34.49 15.71
C LEU B 83 7.03 35.84 15.16
N LYS B 84 5.76 36.16 15.36
CA LYS B 84 5.17 37.39 14.85
C LYS B 84 4.77 38.30 16.01
N SER B 85 5.02 39.59 15.84
CA SER B 85 4.60 40.63 16.79
C SER B 85 5.07 40.30 18.22
N LEU B 86 6.40 40.32 18.37
CA LEU B 86 7.00 40.02 19.66
C LEU B 86 6.51 40.97 20.73
N THR B 87 6.22 40.40 21.91
CA THR B 87 5.84 41.16 23.08
C THR B 87 6.68 40.70 24.26
N SER B 88 6.64 41.49 25.35
CA SER B 88 7.45 41.19 26.52
C SER B 88 7.14 39.81 27.08
N GLU B 89 5.91 39.32 26.89
CA GLU B 89 5.57 37.97 27.33
C GLU B 89 6.31 36.89 26.54
N ASP B 90 6.78 37.21 25.32
CA ASP B 90 7.48 36.23 24.50
C ASP B 90 8.95 36.09 24.88
N SER B 91 9.47 36.94 25.78
CA SER B 91 10.86 36.87 26.18
C SER B 91 11.09 35.61 27.00
N ALA B 92 11.70 34.60 26.39
CA ALA B 92 11.94 33.32 27.04
C ALA B 92 12.99 32.57 26.25
N VAL B 93 13.49 31.48 26.84
CA VAL B 93 14.46 30.61 26.18
C VAL B 93 13.72 29.48 25.50
N TYR B 94 13.97 29.29 24.20
CA TYR B 94 13.27 28.30 23.40
C TYR B 94 14.23 27.16 23.06
N HIS B 95 13.77 25.93 23.30
CA HIS B 95 14.58 24.74 23.08
C HIS B 95 13.97 23.89 21.97
N CYS B 96 14.84 23.27 21.18
CA CYS B 96 14.44 22.32 20.14
C CYS B 96 14.58 20.90 20.67
N ALA B 97 13.59 20.06 20.39
CA ALA B 97 13.56 18.70 20.91
C ALA B 97 13.21 17.72 19.80
N ARG B 98 13.67 16.48 19.96
CA ARG B 98 13.47 15.41 19.00
C ARG B 98 12.55 14.34 19.58
N SER B 99 11.62 13.86 18.78
CA SER B 99 10.64 12.87 19.23
C SER B 99 10.28 11.96 18.07
N THR B 100 9.61 10.85 18.40
CA THR B 100 9.19 9.89 17.39
C THR B 100 8.05 10.44 16.55
N LEU B 101 7.97 9.99 15.30
CA LEU B 101 6.89 10.41 14.42
C LEU B 101 5.54 9.89 14.90
N TYR B 102 5.38 8.58 14.98
CA TYR B 102 4.12 7.95 15.31
C TYR B 102 4.23 7.15 16.59
N GLY B 103 3.14 7.11 17.34
CA GLY B 103 3.12 6.41 18.61
C GLY B 103 3.42 7.32 19.77
N ASN B 104 4.58 7.13 20.41
CA ASN B 104 4.98 8.01 21.49
C ASN B 104 5.57 9.30 20.94
N SER B 105 5.59 10.33 21.79
CA SER B 105 6.15 11.64 21.42
C SER B 105 7.11 12.12 22.49
N ALA B 106 7.75 11.20 23.20
CA ALA B 106 8.73 11.57 24.22
C ALA B 106 9.90 12.29 23.57
N MET B 107 10.28 13.42 24.15
CA MET B 107 11.37 14.23 23.61
C MET B 107 12.70 13.69 24.12
N ASP B 108 13.54 13.23 23.19
CA ASP B 108 14.74 12.47 23.53
C ASP B 108 16.00 13.32 23.57
N CYS B 109 16.19 14.21 22.60
CA CYS B 109 17.38 15.05 22.51
C CYS B 109 16.98 16.51 22.54
N TRP B 110 17.77 17.32 23.23
CA TRP B 110 17.50 18.74 23.39
C TRP B 110 18.74 19.54 23.00
N GLY B 111 18.50 20.71 22.41
CA GLY B 111 19.56 21.62 22.06
C GLY B 111 20.01 22.47 23.23
N GLN B 112 20.96 23.37 22.95
CA GLN B 112 21.47 24.25 23.98
C GLN B 112 20.54 25.42 24.28
N GLY B 113 19.50 25.63 23.47
CA GLY B 113 18.53 26.66 23.74
C GLY B 113 18.88 28.02 23.18
N THR B 114 17.92 28.67 22.55
CA THR B 114 18.07 30.01 22.01
C THR B 114 17.26 30.99 22.85
N SER B 115 17.90 32.06 23.30
CA SER B 115 17.26 33.07 24.13
C SER B 115 16.75 34.21 23.26
N VAL B 116 15.46 34.51 23.35
CA VAL B 116 14.84 35.60 22.63
C VAL B 116 14.46 36.67 23.64
N THR B 117 15.00 37.87 23.47
CA THR B 117 14.78 38.98 24.39
C THR B 117 14.14 40.12 23.63
N VAL B 118 13.00 40.60 24.11
CA VAL B 118 12.34 41.77 23.55
C VAL B 118 12.99 43.01 24.18
N SER B 119 13.64 43.82 23.35
CA SER B 119 14.47 44.92 23.83
C SER B 119 13.66 45.94 24.63
N SER B 120 13.93 46.02 25.93
CA SER B 120 13.41 47.07 26.79
C SER B 120 14.46 48.14 27.09
N ALA B 121 15.72 47.89 26.76
CA ALA B 121 16.80 48.84 26.94
C ALA B 121 17.78 48.71 25.78
N SER B 122 18.56 49.77 25.57
CA SER B 122 19.51 49.78 24.47
C SER B 122 20.65 48.82 24.72
N THR B 123 21.26 48.35 23.63
CA THR B 123 22.39 47.44 23.73
C THR B 123 23.60 48.16 24.32
N LYS B 124 24.38 47.43 25.13
CA LYS B 124 25.57 47.99 25.76
C LYS B 124 26.57 46.88 25.99
N GLY B 125 27.85 47.26 26.03
CA GLY B 125 28.92 46.32 26.24
C GLY B 125 29.37 46.29 27.69
N PRO B 126 29.80 45.12 28.17
CA PRO B 126 30.21 44.99 29.56
C PRO B 126 31.50 45.75 29.86
N SER B 127 31.64 46.12 31.13
CA SER B 127 32.85 46.77 31.63
C SER B 127 33.49 45.83 32.64
N VAL B 128 34.62 45.25 32.27
CA VAL B 128 35.32 44.27 33.11
C VAL B 128 36.29 45.00 34.03
N PHE B 129 36.21 44.70 35.32
CA PHE B 129 37.08 45.31 36.32
C PHE B 129 37.69 44.23 37.20
N PRO B 130 38.92 44.42 37.66
CA PRO B 130 39.57 43.42 38.51
C PRO B 130 39.23 43.60 39.99
N LEU B 131 39.20 42.47 40.69
CA LEU B 131 38.92 42.43 42.13
C LEU B 131 40.15 41.84 42.82
N ALA B 132 40.98 42.70 43.39
CA ALA B 132 42.22 42.27 44.03
C ALA B 132 42.01 42.08 45.52
N PRO B 133 42.14 40.87 46.05
CA PRO B 133 42.01 40.69 47.51
C PRO B 133 43.04 41.46 48.31
N SER B 134 44.22 41.69 47.75
CA SER B 134 45.31 42.35 48.47
C SER B 134 44.98 43.82 48.73
N SER B 135 45.94 44.52 49.33
CA SER B 135 45.79 45.91 49.77
C SER B 135 44.67 46.01 50.82
N LYS B 136 44.86 45.24 51.88
CA LYS B 136 43.83 45.06 52.91
C LYS B 136 44.51 44.51 54.15
N SER B 137 43.70 44.04 55.11
CA SER B 137 44.24 43.50 56.36
C SER B 137 45.24 42.38 56.08
N THR B 138 44.79 41.30 55.45
CA THR B 138 45.66 40.19 55.10
C THR B 138 44.91 39.25 54.16
N SER B 139 45.67 38.51 53.36
CA SER B 139 45.12 37.47 52.50
C SER B 139 45.37 36.12 53.19
N GLY B 140 44.60 35.87 54.24
CA GLY B 140 44.79 34.66 55.01
C GLY B 140 44.32 33.42 54.26
N GLY B 141 44.99 32.31 54.53
CA GLY B 141 44.66 31.06 53.86
C GLY B 141 44.76 31.20 52.36
N THR B 142 43.74 30.71 51.66
CA THR B 142 43.66 30.88 50.22
C THR B 142 43.13 32.27 49.88
N ALA B 143 43.62 32.82 48.78
CA ALA B 143 43.27 34.16 48.35
C ALA B 143 42.20 34.09 47.27
N ALA B 144 41.01 34.63 47.59
CA ALA B 144 39.93 34.66 46.62
C ALA B 144 40.01 35.92 45.78
N LEU B 145 40.00 35.74 44.45
CA LEU B 145 40.06 36.85 43.52
C LEU B 145 39.04 36.64 42.42
N GLY B 146 38.65 37.73 41.78
CA GLY B 146 37.63 37.65 40.76
C GLY B 146 37.58 38.91 39.91
N CYS B 147 36.50 39.02 39.13
CA CYS B 147 36.31 40.15 38.23
C CYS B 147 34.88 40.64 38.36
N LEU B 148 34.67 41.92 38.03
CA LEU B 148 33.36 42.55 38.09
C LEU B 148 32.91 42.88 36.66
N VAL B 149 31.74 42.38 36.29
CA VAL B 149 31.12 42.67 35.00
C VAL B 149 29.91 43.55 35.26
N LYS B 150 29.93 44.77 34.71
CA LYS B 150 28.94 45.78 35.04
C LYS B 150 28.42 46.45 33.77
N ASP B 151 27.12 46.78 33.78
CA ASP B 151 26.48 47.58 32.75
C ASP B 151 26.60 46.94 31.37
N TYR B 152 25.97 45.78 31.24
CA TYR B 152 25.84 45.09 29.96
C TYR B 152 24.40 44.66 29.76
N PHE B 153 23.98 44.63 28.48
CA PHE B 153 22.63 44.23 28.13
C PHE B 153 22.62 43.82 26.67
N PRO B 154 21.91 42.75 26.30
CA PRO B 154 21.14 41.84 27.15
C PRO B 154 21.93 40.62 27.61
N GLU B 155 21.28 39.73 28.36
CA GLU B 155 21.90 38.48 28.77
C GLU B 155 22.02 37.53 27.57
N PRO B 156 22.90 36.53 27.65
CA PRO B 156 23.83 36.18 28.73
C PRO B 156 25.26 36.65 28.49
N VAL B 157 26.12 36.49 29.50
CA VAL B 157 27.55 36.77 29.38
C VAL B 157 28.31 35.56 29.89
N THR B 158 29.38 35.20 29.17
CA THR B 158 30.18 34.03 29.51
C THR B 158 31.50 34.48 30.12
N VAL B 159 31.85 33.90 31.26
CA VAL B 159 33.08 34.21 31.97
C VAL B 159 33.88 32.92 32.15
N SER B 160 35.15 32.95 31.74
CA SER B 160 36.04 31.82 31.90
C SER B 160 37.39 32.31 32.40
N TRP B 161 38.11 31.42 33.08
CA TRP B 161 39.40 31.74 33.69
C TRP B 161 40.50 30.96 32.99
N ASN B 162 41.59 31.65 32.66
CA ASN B 162 42.78 31.04 32.06
C ASN B 162 42.43 30.24 30.81
N SER B 163 41.54 30.81 29.99
CA SER B 163 41.11 30.18 28.73
C SER B 163 40.55 28.78 28.97
N GLY B 164 39.72 28.64 30.00
CA GLY B 164 39.10 27.37 30.33
C GLY B 164 39.84 26.54 31.36
N ALA B 165 41.04 26.94 31.75
CA ALA B 165 41.78 26.21 32.77
C ALA B 165 41.30 26.60 34.17
N LEU B 166 41.77 25.85 35.16
CA LEU B 166 41.44 26.09 36.57
C LEU B 166 39.92 26.11 36.77
N THR B 167 39.26 25.07 36.28
CA THR B 167 37.81 25.00 36.38
C THR B 167 37.35 24.91 37.84
N SER B 168 38.07 24.15 38.65
CA SER B 168 37.67 23.97 40.04
C SER B 168 37.82 25.25 40.83
N GLY B 169 36.92 25.44 41.80
CA GLY B 169 36.97 26.61 42.66
C GLY B 169 36.53 27.90 42.01
N VAL B 170 35.70 27.84 40.97
CA VAL B 170 35.22 29.01 40.27
C VAL B 170 33.74 29.19 40.59
N HIS B 171 33.37 30.39 41.04
CA HIS B 171 32.00 30.73 41.39
C HIS B 171 31.54 31.89 40.52
N THR B 172 30.63 31.62 39.59
CA THR B 172 30.04 32.65 38.74
C THR B 172 28.63 32.94 39.25
N PHE B 173 28.39 34.19 39.66
CA PHE B 173 27.12 34.53 40.26
C PHE B 173 26.11 34.96 39.20
N PRO B 174 24.82 34.74 39.47
CA PRO B 174 23.79 35.18 38.52
C PRO B 174 23.79 36.71 38.37
N ALA B 175 23.39 37.16 37.19
CA ALA B 175 23.37 38.58 36.90
C ALA B 175 22.30 39.30 37.71
N VAL B 176 22.55 40.58 37.97
CA VAL B 176 21.60 41.44 38.69
C VAL B 176 21.20 42.58 37.76
N LEU B 177 19.91 42.87 37.72
CA LEU B 177 19.36 43.90 36.84
C LEU B 177 19.18 45.18 37.63
N GLN B 178 19.77 46.26 37.15
CA GLN B 178 19.73 47.55 37.83
C GLN B 178 18.58 48.41 37.31
N SER B 179 18.36 49.53 37.99
CA SER B 179 17.28 50.43 37.60
C SER B 179 17.48 51.03 36.22
N SER B 180 18.72 51.08 35.73
CA SER B 180 19.01 51.60 34.41
C SER B 180 18.73 50.59 33.30
N GLY B 181 18.36 49.35 33.64
CA GLY B 181 18.14 48.32 32.65
C GLY B 181 19.37 47.61 32.17
N LEU B 182 20.49 47.73 32.90
CA LEU B 182 21.75 47.12 32.52
C LEU B 182 22.12 46.05 33.54
N TYR B 183 22.46 44.86 33.05
CA TYR B 183 22.82 43.76 33.92
C TYR B 183 24.21 43.93 34.48
N SER B 184 24.44 43.33 35.66
CA SER B 184 25.75 43.30 36.28
C SER B 184 26.01 41.90 36.83
N LEU B 185 27.25 41.43 36.70
CA LEU B 185 27.60 40.08 37.11
C LEU B 185 28.99 40.09 37.74
N SER B 186 29.22 39.15 38.66
CA SER B 186 30.52 39.00 39.30
C SER B 186 30.90 37.52 39.32
N SER B 187 32.16 37.24 38.99
CA SER B 187 32.70 35.90 39.03
C SER B 187 33.98 35.91 39.85
N VAL B 188 34.13 34.90 40.72
CA VAL B 188 35.27 34.82 41.62
C VAL B 188 35.88 33.42 41.55
N VAL B 189 37.13 33.32 41.97
CA VAL B 189 37.85 32.06 42.02
C VAL B 189 38.75 32.08 43.24
N THR B 190 38.88 30.92 43.89
CA THR B 190 39.68 30.77 45.10
C THR B 190 40.98 30.06 44.75
N VAL B 191 42.10 30.70 45.04
CA VAL B 191 43.42 30.14 44.75
C VAL B 191 44.29 30.27 45.99
N PRO B 192 45.30 29.41 46.17
CA PRO B 192 46.20 29.56 47.32
C PRO B 192 46.95 30.87 47.29
N SER B 193 47.22 31.42 48.47
CA SER B 193 47.93 32.69 48.56
C SER B 193 49.37 32.58 48.10
N SER B 194 49.99 31.41 48.26
CA SER B 194 51.39 31.24 47.86
C SER B 194 51.57 31.43 46.35
N SER B 195 50.51 31.26 45.56
CA SER B 195 50.56 31.46 44.12
C SER B 195 50.22 32.88 43.70
N LEU B 196 49.99 33.79 44.65
CA LEU B 196 49.68 35.17 44.29
C LEU B 196 50.84 35.84 43.57
N GLY B 197 52.07 35.53 43.96
CA GLY B 197 53.24 36.13 43.37
C GLY B 197 53.96 35.32 42.33
N THR B 198 53.50 34.09 42.05
CA THR B 198 54.18 33.21 41.10
C THR B 198 53.23 32.64 40.04
N GLN B 199 52.01 33.15 39.93
CA GLN B 199 51.05 32.64 38.98
C GLN B 199 50.25 33.80 38.40
N THR B 200 49.84 33.64 37.14
CA THR B 200 49.06 34.64 36.43
C THR B 200 47.63 34.14 36.26
N TYR B 201 46.66 34.95 36.70
CA TYR B 201 45.24 34.63 36.59
C TYR B 201 44.59 35.64 35.67
N ILE B 202 43.93 35.15 34.62
CA ILE B 202 43.32 36.00 33.60
C ILE B 202 41.89 35.51 33.37
N CYS B 203 40.95 36.46 33.35
CA CYS B 203 39.54 36.16 33.16
C CYS B 203 39.12 36.55 31.75
N ASN B 204 38.41 35.65 31.08
CA ASN B 204 37.93 35.89 29.72
C ASN B 204 36.43 36.16 29.78
N VAL B 205 36.02 37.31 29.27
CA VAL B 205 34.62 37.72 29.26
C VAL B 205 34.20 37.93 27.81
N ASN B 206 33.11 37.27 27.42
CA ASN B 206 32.58 37.35 26.06
C ASN B 206 31.11 37.77 26.12
N HIS B 207 30.76 38.76 25.30
CA HIS B 207 29.39 39.26 25.20
C HIS B 207 29.00 39.25 23.73
N LYS B 208 28.28 38.20 23.32
CA LYS B 208 27.90 38.05 21.92
C LYS B 208 27.05 39.21 21.38
N PRO B 209 26.02 39.72 22.09
CA PRO B 209 25.23 40.81 21.49
C PRO B 209 26.05 42.03 21.11
N SER B 210 27.04 42.39 21.91
CA SER B 210 27.90 43.53 21.61
C SER B 210 29.23 43.14 21.00
N ASN B 211 29.48 41.83 20.81
CA ASN B 211 30.73 41.32 20.25
C ASN B 211 31.93 41.84 21.03
N THR B 212 31.80 41.86 22.35
CA THR B 212 32.84 42.36 23.24
C THR B 212 33.61 41.19 23.82
N LYS B 213 34.93 41.17 23.60
CA LYS B 213 35.82 40.16 24.15
C LYS B 213 36.89 40.87 24.97
N VAL B 214 36.96 40.56 26.26
CA VAL B 214 37.88 41.21 27.18
C VAL B 214 38.64 40.12 27.93
N ASP B 215 39.97 40.26 27.98
CA ASP B 215 40.84 39.35 28.72
C ASP B 215 41.59 40.19 29.75
N LYS B 216 41.07 40.21 30.99
CA LYS B 216 41.58 41.06 32.04
C LYS B 216 42.38 40.22 33.04
N LYS B 217 43.60 40.66 33.35
CA LYS B 217 44.43 40.02 34.34
C LYS B 217 44.10 40.55 35.73
N VAL B 218 44.11 39.65 36.71
CA VAL B 218 43.86 40.00 38.11
C VAL B 218 45.15 39.76 38.88
N GLU B 219 45.68 40.82 39.50
CA GLU B 219 46.92 40.76 40.24
C GLU B 219 46.75 41.49 41.56
N PRO B 220 47.51 41.10 42.58
CA PRO B 220 47.42 41.80 43.87
C PRO B 220 47.94 43.23 43.77
N LYS B 221 47.38 44.09 44.62
CA LYS B 221 47.78 45.49 44.67
C LYS B 221 47.92 45.97 46.11
N SER C 1 -7.90 21.74 28.08
CA SER C 1 -6.81 20.78 27.89
C SER C 1 -6.50 20.04 29.18
N ILE C 2 -5.74 18.95 29.08
CA ILE C 2 -5.37 18.14 30.23
C ILE C 2 -4.27 18.87 30.98
N VAL C 3 -4.42 18.96 32.30
CA VAL C 3 -3.51 19.74 33.15
C VAL C 3 -2.88 18.82 34.19
N MET C 4 -1.56 18.86 34.28
CA MET C 4 -0.81 18.13 35.29
C MET C 4 -0.72 18.93 36.59
N THR C 5 -0.83 18.24 37.71
CA THR C 5 -0.54 18.80 39.03
C THR C 5 0.57 17.97 39.65
N GLN C 6 1.68 18.61 39.99
CA GLN C 6 2.88 17.93 40.46
C GLN C 6 3.25 18.46 41.84
N THR C 7 3.36 17.55 42.81
CA THR C 7 3.65 17.88 44.20
C THR C 7 4.66 16.89 44.74
N PRO C 8 5.45 17.29 45.75
CA PRO C 8 5.54 18.62 46.38
C PRO C 8 6.41 19.57 45.57
N LYS C 9 6.10 20.87 45.61
CA LYS C 9 6.83 21.83 44.77
C LYS C 9 8.31 21.88 45.13
N PHE C 10 8.62 21.89 46.42
CA PHE C 10 10.01 21.85 46.89
C PHE C 10 10.18 20.62 47.79
N LEU C 11 11.18 19.79 47.46
CA LEU C 11 11.41 18.54 48.17
C LEU C 11 12.85 18.51 48.66
N LEU C 12 13.03 18.14 49.92
CA LEU C 12 14.34 18.06 50.55
C LEU C 12 14.62 16.62 50.98
N VAL C 13 15.83 16.15 50.70
CA VAL C 13 16.21 14.77 50.99
C VAL C 13 17.71 14.72 51.25
N PRO C 14 18.17 13.96 52.25
CA PRO C 14 19.62 13.82 52.44
C PRO C 14 20.23 12.92 51.38
N ALA C 15 21.54 13.08 51.20
CA ALA C 15 22.26 12.31 50.18
C ALA C 15 22.21 10.82 50.51
N GLY C 16 21.96 10.01 49.47
CA GLY C 16 21.88 8.57 49.61
C GLY C 16 20.55 8.04 50.05
N ASP C 17 19.55 8.90 50.23
CA ASP C 17 18.22 8.47 50.68
C ASP C 17 17.23 8.47 49.53
N ARG C 18 16.24 7.60 49.62
CA ARG C 18 15.22 7.49 48.58
C ARG C 18 14.30 8.70 48.61
N VAL C 19 13.84 9.12 47.42
CA VAL C 19 12.96 10.26 47.27
C VAL C 19 11.94 9.93 46.19
N THR C 20 10.70 10.39 46.39
CA THR C 20 9.60 10.12 45.48
C THR C 20 8.89 11.41 45.13
N ILE C 21 8.53 11.55 43.85
CA ILE C 21 7.82 12.72 43.34
C ILE C 21 6.52 12.24 42.73
N THR C 22 5.41 12.88 43.11
CA THR C 22 4.07 12.46 42.68
C THR C 22 3.57 13.33 41.53
N CYS C 23 2.58 12.80 40.82
CA CYS C 23 1.96 13.50 39.70
C CYS C 23 0.51 13.05 39.58
N LYS C 24 -0.39 14.00 39.35
CA LYS C 24 -1.81 13.71 39.20
C LYS C 24 -2.33 14.36 37.93
N ALA C 25 -3.20 13.64 37.23
CA ALA C 25 -3.80 14.10 35.98
C ALA C 25 -5.26 14.48 36.21
N SER C 26 -5.87 15.05 35.17
CA SER C 26 -7.27 15.45 35.22
C SER C 26 -8.21 14.43 34.58
N GLN C 27 -7.68 13.55 33.72
CA GLN C 27 -8.50 12.53 33.07
C GLN C 27 -7.60 11.35 32.74
N SER C 28 -8.24 10.23 32.41
CA SER C 28 -7.49 9.01 32.08
C SER C 28 -6.57 9.25 30.90
N VAL C 29 -5.30 8.85 31.06
CA VAL C 29 -4.29 9.01 30.03
C VAL C 29 -3.62 7.68 29.76
N ASN C 30 -4.19 6.60 30.31
CA ASN C 30 -3.66 5.25 30.19
C ASN C 30 -2.20 5.18 30.62
N ASN C 31 -1.27 5.18 29.67
CA ASN C 31 0.14 5.01 29.98
C ASN C 31 1.02 5.98 29.20
N ASP C 32 0.47 7.11 28.79
CA ASP C 32 1.22 8.11 28.03
C ASP C 32 1.62 9.24 28.97
N VAL C 33 2.69 9.01 29.73
CA VAL C 33 3.27 10.01 30.61
C VAL C 33 4.79 9.86 30.56
N THR C 34 5.49 11.00 30.58
CA THR C 34 6.95 11.03 30.55
C THR C 34 7.48 11.98 31.63
N TRP C 35 8.72 11.73 32.05
CA TRP C 35 9.38 12.50 33.10
C TRP C 35 10.67 13.10 32.56
N TYR C 36 10.93 14.36 32.91
CA TYR C 36 12.13 15.06 32.47
C TYR C 36 12.85 15.65 33.67
N GLN C 37 14.18 15.76 33.54
CA GLN C 37 15.05 16.28 34.59
C GLN C 37 15.99 17.30 33.98
N GLN C 38 16.18 18.44 34.65
CA GLN C 38 16.95 19.55 34.10
C GLN C 38 17.90 20.13 35.12
N LYS C 39 19.19 20.28 34.74
CA LYS C 39 20.18 20.99 35.54
C LYS C 39 20.11 22.48 35.26
N PRO C 40 20.55 23.31 36.19
CA PRO C 40 20.74 24.73 35.87
C PRO C 40 21.77 24.90 34.75
N GLY C 41 21.49 25.81 33.83
CA GLY C 41 22.37 26.01 32.71
C GLY C 41 22.53 24.83 31.80
N GLN C 42 21.55 23.92 31.77
CA GLN C 42 21.60 22.76 30.90
C GLN C 42 20.18 22.41 30.46
N SER C 43 20.08 21.77 29.31
CA SER C 43 18.78 21.39 28.76
C SER C 43 18.18 20.21 29.53
N PRO C 44 16.86 20.10 29.54
CA PRO C 44 16.22 18.97 30.22
C PRO C 44 16.60 17.64 29.58
N LYS C 45 16.61 16.59 30.40
CA LYS C 45 16.94 15.24 29.95
C LYS C 45 15.80 14.29 30.29
N LEU C 46 15.46 13.42 29.35
CA LEU C 46 14.39 12.46 29.55
C LEU C 46 14.90 11.27 30.36
N LEU C 47 14.11 10.85 31.35
CA LEU C 47 14.45 9.71 32.19
C LEU C 47 13.49 8.56 32.03
N ILE C 48 12.18 8.81 32.13
CA ILE C 48 11.17 7.76 32.10
C ILE C 48 10.22 8.05 30.96
N TYR C 49 9.94 7.03 30.15
CA TYR C 49 8.92 7.10 29.10
C TYR C 49 7.98 5.92 29.30
N TYR C 50 6.75 6.10 28.83
CA TYR C 50 5.61 5.22 29.12
C TYR C 50 5.31 5.14 30.61
N ALA C 51 5.86 6.08 31.40
CA ALA C 51 5.53 6.29 32.80
C ALA C 51 6.05 5.19 33.72
N SER C 52 6.59 4.11 33.14
CA SER C 52 7.16 3.04 33.95
C SER C 52 8.45 2.47 33.38
N ASN C 53 8.89 2.90 32.20
CA ASN C 53 10.05 2.33 31.53
C ASN C 53 11.19 3.34 31.52
N ARG C 54 12.38 2.89 31.91
CA ARG C 54 13.57 3.73 31.81
C ARG C 54 13.96 3.92 30.35
N TYR C 55 14.42 5.12 30.02
CA TYR C 55 14.94 5.37 28.69
C TYR C 55 16.36 4.81 28.58
N THR C 56 16.80 4.62 27.34
CA THR C 56 18.13 4.07 27.08
C THR C 56 19.20 4.94 27.73
N GLY C 57 20.09 4.30 28.49
CA GLY C 57 21.18 4.99 29.15
C GLY C 57 20.82 5.63 30.48
N VAL C 58 19.57 5.56 30.91
CA VAL C 58 19.19 6.14 32.20
C VAL C 58 19.72 5.27 33.33
N PRO C 59 20.31 5.85 34.37
CA PRO C 59 20.79 5.03 35.49
C PRO C 59 19.66 4.26 36.16
N ASP C 60 20.01 3.09 36.71
CA ASP C 60 19.02 2.22 37.32
C ASP C 60 18.34 2.85 38.53
N ARG C 61 18.97 3.85 39.16
CA ARG C 61 18.40 4.46 40.35
C ARG C 61 17.16 5.28 40.07
N PHE C 62 16.84 5.56 38.80
CA PHE C 62 15.65 6.31 38.44
C PHE C 62 14.55 5.34 38.02
N THR C 63 13.40 5.44 38.66
CA THR C 63 12.26 4.55 38.38
C THR C 63 10.98 5.37 38.37
N GLY C 64 9.96 4.81 37.72
CA GLY C 64 8.67 5.45 37.66
C GLY C 64 7.56 4.41 37.72
N SER C 65 6.40 4.86 38.19
CA SER C 65 5.25 3.98 38.36
C SER C 65 3.98 4.82 38.31
N GLY C 66 2.86 4.13 38.09
CA GLY C 66 1.57 4.77 38.04
C GLY C 66 0.81 4.48 36.76
N TYR C 67 -0.51 4.58 36.82
CA TYR C 67 -1.35 4.32 35.65
C TYR C 67 -2.69 5.01 35.83
N GLY C 68 -3.22 5.53 34.74
CA GLY C 68 -4.51 6.18 34.74
C GLY C 68 -4.49 7.64 35.15
N THR C 69 -4.44 7.91 36.45
CA THR C 69 -4.50 9.29 36.94
C THR C 69 -3.40 9.65 37.94
N ASP C 70 -2.89 8.70 38.72
CA ASP C 70 -1.84 8.98 39.70
C ASP C 70 -0.54 8.34 39.25
N PHE C 71 0.50 9.16 39.12
CA PHE C 71 1.80 8.69 38.64
C PHE C 71 2.88 9.21 39.58
N THR C 72 3.89 8.37 39.82
CA THR C 72 4.96 8.69 40.77
C THR C 72 6.32 8.48 40.13
N PHE C 73 7.26 9.35 40.47
CA PHE C 73 8.66 9.22 40.07
C PHE C 73 9.49 9.03 41.33
N THR C 74 10.34 8.00 41.33
CA THR C 74 11.11 7.63 42.52
C THR C 74 12.58 7.47 42.17
N ILE C 75 13.44 7.99 43.03
CA ILE C 75 14.88 7.80 42.94
C ILE C 75 15.31 6.91 44.10
N SER C 76 15.92 5.77 43.79
CA SER C 76 16.27 4.81 44.83
C SER C 76 17.32 5.38 45.78
N THR C 77 18.37 5.98 45.23
CA THR C 77 19.45 6.55 46.03
C THR C 77 19.89 7.86 45.38
N VAL C 78 19.51 8.98 46.00
CA VAL C 78 19.87 10.29 45.47
C VAL C 78 21.37 10.50 45.59
N GLN C 79 21.95 11.15 44.59
CA GLN C 79 23.37 11.46 44.56
C GLN C 79 23.59 12.95 44.72
N ALA C 80 24.87 13.33 44.92
CA ALA C 80 25.22 14.74 45.05
C ALA C 80 25.00 15.51 43.76
N GLU C 81 25.03 14.85 42.61
CA GLU C 81 24.82 15.50 41.32
C GLU C 81 23.37 15.46 40.87
N ASP C 82 22.46 14.98 41.70
CA ASP C 82 21.05 14.88 41.36
C ASP C 82 20.28 16.15 41.64
N LEU C 83 20.94 17.21 42.10
CA LEU C 83 20.29 18.49 42.30
C LEU C 83 19.75 19.02 40.98
N ALA C 84 18.43 19.00 40.82
CA ALA C 84 17.78 19.38 39.57
C ALA C 84 16.30 19.55 39.85
N VAL C 85 15.57 19.99 38.82
CA VAL C 85 14.13 20.18 38.89
C VAL C 85 13.48 19.21 37.92
N TYR C 86 12.43 18.52 38.38
CA TYR C 86 11.82 17.42 37.66
C TYR C 86 10.45 17.83 37.15
N PHE C 87 10.13 17.45 35.91
CA PHE C 87 8.85 17.76 35.30
C PHE C 87 8.18 16.48 34.81
N CYS C 88 6.85 16.51 34.79
CA CYS C 88 6.04 15.45 34.22
C CYS C 88 5.32 15.96 32.98
N GLN C 89 5.03 15.05 32.05
CA GLN C 89 4.41 15.42 30.79
C GLN C 89 3.45 14.32 30.35
N GLN C 90 2.29 14.72 29.84
CA GLN C 90 1.30 13.79 29.30
C GLN C 90 1.40 13.77 27.78
N ASP C 91 1.30 12.57 27.21
CA ASP C 91 1.41 12.36 25.77
C ASP C 91 0.18 11.65 25.22
N TYR C 92 -0.99 11.96 25.77
CA TYR C 92 -2.24 11.33 25.34
C TYR C 92 -2.96 12.16 24.28
N SER C 93 -3.29 13.40 24.60
CA SER C 93 -4.03 14.27 23.69
C SER C 93 -3.34 15.62 23.60
N SER C 94 -3.24 16.14 22.37
CA SER C 94 -2.67 17.46 22.17
C SER C 94 -3.61 18.54 22.71
N PRO C 95 -3.07 19.64 23.24
CA PRO C 95 -1.64 19.96 23.38
C PRO C 95 -0.97 19.22 24.52
N LEU C 96 0.30 18.86 24.37
CA LEU C 96 1.03 18.20 25.45
C LEU C 96 1.32 19.21 26.55
N THR C 97 1.00 18.83 27.78
CA THR C 97 1.10 19.73 28.93
C THR C 97 2.19 19.25 29.86
N PHE C 98 3.04 20.19 30.29
CA PHE C 98 4.11 19.92 31.23
C PHE C 98 3.65 20.23 32.65
N GLY C 99 4.25 19.53 33.61
CA GLY C 99 3.95 19.77 35.01
C GLY C 99 4.56 21.07 35.50
N ALA C 100 4.08 21.50 36.67
CA ALA C 100 4.61 22.72 37.29
C ALA C 100 6.07 22.58 37.68
N GLY C 101 6.56 21.36 37.85
CA GLY C 101 7.95 21.14 38.21
C GLY C 101 8.16 21.04 39.70
N THR C 102 9.14 20.22 40.09
CA THR C 102 9.48 20.01 41.48
C THR C 102 10.99 20.08 41.63
N LYS C 103 11.46 20.84 42.61
CA LYS C 103 12.88 21.05 42.84
C LYS C 103 13.36 20.15 43.97
N LEU C 104 14.48 19.47 43.75
CA LEU C 104 15.07 18.56 44.72
C LEU C 104 16.32 19.18 45.31
N GLU C 105 16.43 19.14 46.65
CA GLU C 105 17.52 19.77 47.36
C GLU C 105 18.15 18.78 48.34
N LEU C 106 19.40 19.04 48.69
CA LEU C 106 20.13 18.24 49.67
C LEU C 106 20.31 19.04 50.95
N LYS C 107 20.26 18.34 52.09
CA LYS C 107 20.25 19.02 53.38
C LYS C 107 21.65 19.45 53.81
N ARG C 108 22.54 18.49 54.03
CA ARG C 108 23.87 18.75 54.59
C ARG C 108 23.79 19.40 55.96
N THR C 109 24.94 19.60 56.60
CA THR C 109 24.98 20.20 57.92
C THR C 109 25.16 21.72 57.83
N VAL C 110 24.95 22.39 58.96
CA VAL C 110 25.09 23.84 59.02
C VAL C 110 26.56 24.23 58.97
N ALA C 111 26.88 25.22 58.15
CA ALA C 111 28.24 25.70 58.01
C ALA C 111 28.26 27.22 57.99
N ALA C 112 29.33 27.81 58.55
CA ALA C 112 29.44 29.26 58.65
C ALA C 112 30.19 29.83 57.44
N PRO C 113 29.81 31.01 56.99
CA PRO C 113 30.48 31.63 55.84
C PRO C 113 31.84 32.18 56.23
N SER C 114 32.70 32.31 55.21
CA SER C 114 33.97 33.00 55.31
C SER C 114 33.90 34.24 54.43
N VAL C 115 34.20 35.40 55.01
CA VAL C 115 33.87 36.69 54.42
C VAL C 115 35.12 37.31 53.81
N PHE C 116 35.00 37.78 52.57
CA PHE C 116 36.03 38.59 51.92
C PHE C 116 35.37 39.81 51.31
N ILE C 117 36.14 40.89 51.20
CA ILE C 117 35.70 42.13 50.56
C ILE C 117 36.77 42.55 49.57
N PHE C 118 36.34 43.14 48.46
CA PHE C 118 37.24 43.57 47.40
C PHE C 118 37.15 45.07 47.21
N PRO C 119 38.27 45.78 47.19
CA PRO C 119 38.23 47.24 47.05
C PRO C 119 37.91 47.64 45.62
N PRO C 120 37.45 48.86 45.39
CA PRO C 120 37.23 49.31 44.01
C PRO C 120 38.53 49.37 43.23
N SER C 121 38.45 49.00 41.96
CA SER C 121 39.64 48.97 41.10
C SER C 121 40.01 50.36 40.63
N ASP C 122 41.28 50.53 40.30
CA ASP C 122 41.76 51.81 39.77
C ASP C 122 41.14 52.12 38.42
N GLU C 123 40.90 51.10 37.59
CA GLU C 123 40.28 51.31 36.29
C GLU C 123 38.88 51.89 36.43
N GLN C 124 38.09 51.36 37.38
CA GLN C 124 36.74 51.86 37.57
C GLN C 124 36.73 53.29 38.11
N LEU C 125 37.70 53.63 38.95
CA LEU C 125 37.79 54.98 39.48
C LEU C 125 38.03 56.01 38.38
N LYS C 126 38.67 55.60 37.28
CA LYS C 126 38.88 56.51 36.16
C LYS C 126 37.55 56.90 35.52
N SER C 127 36.54 56.05 35.62
CA SER C 127 35.23 56.33 35.05
C SER C 127 34.32 57.11 35.99
N GLY C 128 34.80 57.46 37.19
CA GLY C 128 33.99 58.20 38.13
C GLY C 128 33.05 57.37 38.98
N THR C 129 33.23 56.05 39.01
CA THR C 129 32.38 55.18 39.81
C THR C 129 33.26 54.29 40.68
N ALA C 130 32.77 54.01 41.89
CA ALA C 130 33.46 53.14 42.83
C ALA C 130 32.51 52.04 43.31
N SER C 131 32.97 50.79 43.23
CA SER C 131 32.17 49.64 43.63
C SER C 131 32.95 48.80 44.61
N VAL C 132 32.28 48.40 45.69
CA VAL C 132 32.85 47.53 46.72
C VAL C 132 32.09 46.22 46.72
N VAL C 133 32.81 45.11 46.63
CA VAL C 133 32.22 43.78 46.48
C VAL C 133 32.60 42.93 47.68
N CYS C 134 31.61 42.30 48.30
CA CYS C 134 31.81 41.39 49.41
C CYS C 134 31.45 39.97 48.97
N LEU C 135 32.30 39.01 49.36
CA LEU C 135 32.16 37.63 48.93
C LEU C 135 31.94 36.72 50.14
N LEU C 136 30.92 35.87 50.04
CA LEU C 136 30.63 34.85 51.04
C LEU C 136 30.60 33.49 50.36
N ASN C 137 31.16 32.48 51.04
CA ASN C 137 31.30 31.16 50.45
C ASN C 137 30.93 30.07 51.45
N ASN C 138 30.58 28.92 50.90
CA ASN C 138 30.37 27.65 51.61
C ASN C 138 29.65 27.83 52.96
N PHE C 139 28.46 28.44 52.89
CA PHE C 139 27.63 28.65 54.07
C PHE C 139 26.28 27.97 53.88
N TYR C 140 25.74 27.45 54.99
CA TYR C 140 24.40 26.88 55.04
C TYR C 140 23.82 27.28 56.39
N PRO C 141 22.56 27.71 56.43
CA PRO C 141 21.58 27.79 55.33
C PRO C 141 21.69 29.00 54.42
N ARG C 142 20.69 29.19 53.56
CA ARG C 142 20.75 30.25 52.56
C ARG C 142 20.50 31.63 53.16
N GLU C 143 19.79 31.70 54.29
CA GLU C 143 19.38 32.98 54.87
C GLU C 143 20.60 33.66 55.51
N ALA C 144 21.42 34.28 54.67
CA ALA C 144 22.55 35.08 55.09
C ALA C 144 22.25 36.54 54.81
N LYS C 145 22.39 37.38 55.83
CA LYS C 145 22.08 38.81 55.73
C LYS C 145 23.36 39.62 55.74
N VAL C 146 23.39 40.65 54.90
CA VAL C 146 24.59 41.46 54.67
C VAL C 146 24.23 42.92 54.86
N GLN C 147 25.07 43.65 55.60
CA GLN C 147 24.91 45.08 55.81
C GLN C 147 26.23 45.78 55.55
N TRP C 148 26.13 47.01 55.04
CA TRP C 148 27.30 47.81 54.67
C TRP C 148 27.41 49.03 55.56
N LYS C 149 28.64 49.35 55.98
CA LYS C 149 28.92 50.51 56.80
C LYS C 149 30.09 51.28 56.20
N VAL C 150 29.94 52.60 56.10
CA VAL C 150 30.99 53.48 55.59
C VAL C 150 31.32 54.47 56.71
N ASP C 151 32.54 54.39 57.24
CA ASP C 151 32.94 55.18 58.40
C ASP C 151 31.95 55.01 59.55
N ASN C 152 31.56 53.75 59.79
CA ASN C 152 30.62 53.35 60.83
C ASN C 152 29.22 53.90 60.61
N ALA C 153 28.92 54.38 59.40
CA ALA C 153 27.58 54.87 59.05
C ALA C 153 26.90 53.82 58.19
N LEU C 154 25.72 53.37 58.62
CA LEU C 154 24.99 52.33 57.91
C LEU C 154 24.52 52.86 56.54
N GLN C 155 24.61 51.99 55.53
CA GLN C 155 24.20 52.32 54.18
C GLN C 155 22.99 51.48 53.79
N SER C 156 22.06 52.09 53.06
CA SER C 156 20.86 51.41 52.61
C SER C 156 20.42 52.00 51.28
N GLY C 157 19.76 51.17 50.47
CA GLY C 157 19.26 51.60 49.18
C GLY C 157 20.31 51.74 48.10
N ASN C 158 21.54 51.27 48.33
CA ASN C 158 22.60 51.39 47.35
C ASN C 158 23.44 50.11 47.27
N SER C 159 22.84 48.97 47.59
CA SER C 159 23.55 47.69 47.56
C SER C 159 22.63 46.63 46.96
N GLN C 160 23.26 45.62 46.35
CA GLN C 160 22.53 44.51 45.75
C GLN C 160 23.20 43.21 46.13
N GLU C 161 22.42 42.13 46.10
CA GLU C 161 22.89 40.81 46.49
C GLU C 161 22.55 39.80 45.39
N SER C 162 23.33 38.72 45.35
CA SER C 162 23.14 37.67 44.37
C SER C 162 23.61 36.35 44.95
N VAL C 163 22.77 35.33 44.89
CA VAL C 163 23.08 34.00 45.42
C VAL C 163 23.14 33.02 44.26
N THR C 164 24.04 32.04 44.37
CA THR C 164 24.24 31.07 43.32
C THR C 164 23.24 29.92 43.48
N GLU C 165 23.47 28.83 42.74
CA GLU C 165 22.54 27.71 42.71
C GLU C 165 23.00 26.52 43.55
N GLN C 166 23.84 26.77 44.56
CA GLN C 166 24.37 25.72 45.44
C GLN C 166 25.12 24.66 44.64
N ASP C 167 26.25 25.12 44.09
CA ASP C 167 27.15 24.30 43.28
C ASP C 167 27.33 22.91 43.89
N SER C 168 27.19 21.89 43.05
CA SER C 168 27.12 20.50 43.49
C SER C 168 28.45 19.96 43.98
N LYS C 169 29.54 20.72 43.89
CA LYS C 169 30.82 20.23 44.39
C LYS C 169 30.77 19.95 45.89
N ASP C 170 30.13 20.82 46.66
CA ASP C 170 29.96 20.60 48.08
C ASP C 170 28.56 20.92 48.60
N SER C 171 27.61 21.25 47.72
CA SER C 171 26.21 21.50 48.10
C SER C 171 26.09 22.63 49.13
N THR C 172 26.84 23.70 48.92
CA THR C 172 26.80 24.86 49.79
C THR C 172 26.53 26.12 48.97
N TYR C 173 25.93 27.11 49.62
CA TYR C 173 25.59 28.37 48.97
C TYR C 173 26.76 29.34 48.98
N SER C 174 26.73 30.28 48.04
CA SER C 174 27.65 31.41 48.00
C SER C 174 26.87 32.66 47.66
N LEU C 175 27.25 33.78 48.27
CA LEU C 175 26.56 35.05 48.06
C LEU C 175 27.58 36.15 47.85
N SER C 176 27.24 37.09 46.96
CA SER C 176 28.08 38.23 46.67
C SER C 176 27.27 39.50 46.84
N SER C 177 27.81 40.47 47.59
CA SER C 177 27.16 41.75 47.83
C SER C 177 28.00 42.86 47.23
N THR C 178 27.38 43.72 46.44
CA THR C 178 28.06 44.81 45.76
C THR C 178 27.48 46.13 46.22
N LEU C 179 28.37 47.05 46.62
CA LEU C 179 27.99 48.39 47.05
C LEU C 179 28.46 49.38 45.99
N THR C 180 27.53 50.15 45.44
CA THR C 180 27.81 51.09 44.36
C THR C 180 27.80 52.50 44.93
N LEU C 181 28.91 53.23 44.76
CA LEU C 181 29.03 54.60 45.22
C LEU C 181 29.69 55.43 44.14
N SER C 182 29.40 56.73 44.13
CA SER C 182 30.04 57.64 43.21
C SER C 182 31.48 57.93 43.67
N LYS C 183 32.31 58.34 42.72
CA LYS C 183 33.71 58.63 43.04
C LYS C 183 33.82 59.79 44.02
N ALA C 184 33.01 60.83 43.83
CA ALA C 184 33.04 61.97 44.75
C ALA C 184 32.63 61.54 46.16
N ASP C 185 31.58 60.72 46.26
CA ASP C 185 31.17 60.23 47.58
C ASP C 185 32.21 59.28 48.16
N TYR C 186 32.89 58.51 47.31
CA TYR C 186 33.90 57.58 47.80
C TYR C 186 35.07 58.31 48.45
N GLU C 187 35.47 59.44 47.88
CA GLU C 187 36.61 60.19 48.40
C GLU C 187 36.32 60.88 49.73
N LYS C 188 35.05 60.97 50.13
CA LYS C 188 34.69 61.68 51.35
C LYS C 188 34.87 60.84 52.62
N HIS C 189 35.20 59.56 52.48
CA HIS C 189 35.27 58.67 53.64
C HIS C 189 36.52 57.81 53.55
N LYS C 190 36.96 57.33 54.71
CA LYS C 190 38.19 56.55 54.84
C LYS C 190 37.92 55.06 55.03
N VAL C 191 37.14 54.70 56.03
CA VAL C 191 36.93 53.31 56.42
C VAL C 191 35.66 52.79 55.77
N TYR C 192 35.77 51.62 55.13
CA TYR C 192 34.63 50.95 54.51
C TYR C 192 34.54 49.55 55.09
N ALA C 193 33.39 49.21 55.67
CA ALA C 193 33.21 47.94 56.36
C ALA C 193 31.89 47.30 55.94
N CYS C 194 31.86 45.97 56.02
CA CYS C 194 30.66 45.19 55.74
C CYS C 194 30.42 44.23 56.89
N GLU C 195 29.19 44.18 57.37
CA GLU C 195 28.81 43.32 58.50
C GLU C 195 27.99 42.15 57.98
N VAL C 196 28.36 40.94 58.40
CA VAL C 196 27.71 39.71 57.96
C VAL C 196 27.15 39.00 59.18
N THR C 197 25.86 38.65 59.13
CA THR C 197 25.18 37.90 60.17
C THR C 197 24.61 36.64 59.56
N HIS C 198 24.84 35.50 60.21
CA HIS C 198 24.39 34.22 59.69
C HIS C 198 24.14 33.28 60.86
N GLN C 199 23.34 32.24 60.60
CA GLN C 199 22.98 31.28 61.64
C GLN C 199 24.22 30.60 62.22
N GLY C 200 25.25 30.39 61.41
CA GLY C 200 26.45 29.73 61.86
C GLY C 200 27.43 30.61 62.62
N LEU C 201 27.13 31.89 62.78
CA LEU C 201 28.00 32.82 63.50
C LEU C 201 27.38 33.15 64.85
N SER C 202 28.17 33.01 65.91
CA SER C 202 27.71 33.40 67.24
C SER C 202 27.65 34.91 67.40
N SER C 203 28.33 35.66 66.54
CA SER C 203 28.35 37.11 66.57
C SER C 203 28.57 37.62 65.16
N PRO C 204 28.16 38.86 64.87
CA PRO C 204 28.39 39.40 63.52
C PRO C 204 29.88 39.45 63.19
N VAL C 205 30.20 39.18 61.93
CA VAL C 205 31.56 39.16 61.44
C VAL C 205 31.78 40.41 60.60
N THR C 206 32.82 41.17 60.94
CA THR C 206 33.09 42.46 60.31
C THR C 206 34.43 42.41 59.59
N LYS C 207 34.43 42.83 58.33
CA LYS C 207 35.64 42.98 57.54
C LYS C 207 35.75 44.43 57.07
N SER C 208 36.94 45.00 57.16
CA SER C 208 37.13 46.41 56.88
C SER C 208 38.43 46.62 56.12
N PHE C 209 38.52 47.76 55.43
CA PHE C 209 39.73 48.13 54.72
C PHE C 209 39.85 49.65 54.72
N ASN C 210 41.08 50.12 54.50
CA ASN C 210 41.38 51.54 54.44
C ASN C 210 41.91 51.88 53.06
N ARG C 211 41.19 52.74 52.34
CA ARG C 211 41.62 53.15 51.00
C ARG C 211 41.00 54.52 50.73
N GLY C 212 41.81 55.56 50.84
CA GLY C 212 41.34 56.92 50.60
C GLY C 212 42.18 57.97 51.31
N GLN D 1 22.97 -11.85 -8.66
CA GLN D 1 22.20 -10.84 -7.95
C GLN D 1 21.19 -11.48 -7.01
N VAL D 2 20.54 -12.55 -7.49
CA VAL D 2 19.52 -13.23 -6.70
C VAL D 2 20.16 -13.92 -5.51
N GLN D 3 19.50 -13.84 -4.35
CA GLN D 3 19.98 -14.47 -3.12
C GLN D 3 18.80 -14.93 -2.29
N LEU D 4 18.97 -16.04 -1.58
CA LEU D 4 17.94 -16.62 -0.75
C LEU D 4 18.32 -16.51 0.72
N VAL D 5 17.38 -16.10 1.56
CA VAL D 5 17.60 -15.91 2.99
C VAL D 5 16.56 -16.74 3.75
N GLN D 6 17.03 -17.49 4.74
CA GLN D 6 16.17 -18.30 5.60
C GLN D 6 16.35 -17.89 7.05
N SER D 7 15.35 -18.24 7.86
CA SER D 7 15.36 -17.90 9.28
C SER D 7 16.43 -18.71 10.01
N GLY D 8 16.53 -18.48 11.32
CA GLY D 8 17.48 -19.20 12.14
C GLY D 8 16.96 -20.56 12.58
N ALA D 9 17.86 -21.32 13.19
CA ALA D 9 17.49 -22.64 13.71
C ALA D 9 16.56 -22.50 14.91
N GLU D 10 15.66 -23.47 15.06
CA GLU D 10 14.65 -23.44 16.11
C GLU D 10 14.49 -24.83 16.71
N VAL D 11 14.17 -24.87 17.99
CA VAL D 11 13.90 -26.10 18.72
C VAL D 11 12.45 -26.07 19.18
N LYS D 12 11.75 -27.19 18.98
CA LYS D 12 10.33 -27.28 19.32
C LYS D 12 10.06 -28.59 20.05
N LYS D 13 9.02 -28.59 20.87
CA LYS D 13 8.59 -29.77 21.59
C LYS D 13 7.80 -30.70 20.67
N PRO D 14 7.78 -32.00 20.96
CA PRO D 14 6.97 -32.92 20.16
C PRO D 14 5.49 -32.54 20.20
N GLY D 15 4.83 -32.69 19.06
CA GLY D 15 3.44 -32.33 18.94
C GLY D 15 3.16 -30.88 18.63
N SER D 16 4.19 -30.04 18.60
CA SER D 16 4.03 -28.62 18.31
C SER D 16 4.16 -28.38 16.80
N SER D 17 4.31 -27.13 16.41
CA SER D 17 4.47 -26.77 15.00
C SER D 17 5.68 -25.84 14.87
N VAL D 18 6.39 -25.98 13.75
CA VAL D 18 7.57 -25.18 13.45
C VAL D 18 7.35 -24.47 12.12
N LYS D 19 7.77 -23.21 12.06
CA LYS D 19 7.62 -22.38 10.86
C LYS D 19 9.00 -21.98 10.36
N VAL D 20 9.21 -22.14 9.05
CA VAL D 20 10.46 -21.76 8.40
C VAL D 20 10.17 -20.64 7.42
N SER D 21 10.90 -19.53 7.55
CA SER D 21 10.69 -18.36 6.72
C SER D 21 11.68 -18.37 5.55
N CYS D 22 11.16 -18.10 4.34
CA CYS D 22 11.97 -18.05 3.13
C CYS D 22 11.69 -16.76 2.38
N LYS D 23 12.74 -16.13 1.87
CA LYS D 23 12.63 -14.91 1.11
C LYS D 23 13.48 -15.01 -0.15
N VAL D 24 12.96 -14.48 -1.26
CA VAL D 24 13.66 -14.45 -2.53
C VAL D 24 13.92 -12.99 -2.87
N SER D 25 15.19 -12.61 -2.90
CA SER D 25 15.61 -11.26 -3.24
C SER D 25 16.31 -11.26 -4.58
N GLY D 26 15.90 -10.33 -5.46
CA GLY D 26 16.41 -10.27 -6.81
C GLY D 26 15.60 -11.11 -7.78
N GLY D 27 15.89 -10.91 -9.07
CA GLY D 27 15.11 -11.56 -10.10
C GLY D 27 13.65 -11.14 -10.05
N THR D 28 12.76 -12.12 -10.17
CA THR D 28 11.34 -11.90 -10.00
C THR D 28 10.75 -13.06 -9.22
N PHE D 29 9.59 -12.84 -8.63
CA PHE D 29 9.00 -13.74 -7.65
C PHE D 29 7.84 -14.55 -8.17
N ASN D 30 6.98 -13.96 -9.00
CA ASN D 30 5.69 -14.58 -9.31
C ASN D 30 5.85 -15.83 -10.18
N THR D 31 6.63 -15.75 -11.25
CA THR D 31 6.58 -16.75 -12.32
C THR D 31 7.69 -17.79 -12.25
N TYR D 32 8.17 -18.11 -11.05
CA TYR D 32 9.10 -19.21 -10.86
C TYR D 32 8.78 -19.95 -9.57
N ALA D 33 8.95 -21.26 -9.59
CA ALA D 33 8.58 -22.10 -8.47
C ALA D 33 9.67 -22.12 -7.40
N ILE D 34 9.25 -22.26 -6.14
CA ILE D 34 10.15 -22.34 -5.00
C ILE D 34 9.99 -23.70 -4.37
N ILE D 35 11.09 -24.43 -4.23
CA ILE D 35 11.07 -25.81 -3.78
C ILE D 35 11.71 -25.92 -2.40
N TRP D 36 11.39 -27.03 -1.72
CA TRP D 36 11.86 -27.29 -0.37
C TRP D 36 12.45 -28.69 -0.29
N VAL D 37 13.59 -28.81 0.39
CA VAL D 37 14.28 -30.08 0.59
C VAL D 37 14.79 -30.14 2.02
N ARG D 38 14.69 -31.31 2.65
CA ARG D 38 15.26 -31.54 3.97
C ARG D 38 16.15 -32.78 3.91
N GLN D 39 17.09 -32.86 4.85
CA GLN D 39 18.05 -33.95 4.86
C GLN D 39 18.41 -34.28 6.30
N ALA D 40 18.17 -35.52 6.70
CA ALA D 40 18.67 -36.00 7.98
C ALA D 40 20.18 -36.15 7.90
N PRO D 41 20.92 -35.70 8.91
CA PRO D 41 22.39 -35.80 8.84
C PRO D 41 22.86 -37.24 8.65
N GLY D 42 23.86 -37.41 7.80
CA GLY D 42 24.39 -38.73 7.50
C GLY D 42 23.61 -39.53 6.51
N GLN D 43 22.53 -38.98 5.94
CA GLN D 43 21.71 -39.70 4.97
C GLN D 43 21.38 -38.78 3.80
N GLY D 44 20.71 -39.34 2.81
CA GLY D 44 20.37 -38.59 1.62
C GLY D 44 19.29 -37.56 1.88
N LEU D 45 19.24 -36.56 0.98
CA LEU D 45 18.25 -35.51 1.09
C LEU D 45 16.87 -36.02 0.69
N GLU D 46 15.84 -35.32 1.16
CA GLU D 46 14.45 -35.68 0.92
C GLU D 46 13.70 -34.46 0.40
N TRP D 47 12.97 -34.64 -0.70
CA TRP D 47 12.17 -33.57 -1.28
C TRP D 47 10.79 -33.55 -0.64
N MET D 48 10.25 -32.35 -0.46
CA MET D 48 9.02 -32.15 0.32
C MET D 48 7.90 -31.51 -0.47
N GLY D 49 8.16 -30.46 -1.23
CA GLY D 49 7.11 -29.79 -1.96
C GLY D 49 7.62 -28.54 -2.65
N ALA D 50 6.72 -27.91 -3.39
CA ALA D 50 7.05 -26.68 -4.11
C ALA D 50 5.77 -25.91 -4.37
N ILE D 51 5.92 -24.64 -4.73
CA ILE D 51 4.80 -23.76 -5.01
C ILE D 51 5.24 -22.69 -6.01
N ILE D 52 4.32 -22.27 -6.85
CA ILE D 52 4.52 -21.13 -7.74
C ILE D 52 3.73 -19.96 -7.18
N PRO D 53 4.38 -18.85 -6.79
CA PRO D 53 3.69 -17.84 -5.97
C PRO D 53 2.41 -17.27 -6.58
N PHE D 54 2.33 -17.14 -7.91
CA PHE D 54 1.14 -16.52 -8.50
C PHE D 54 -0.12 -17.35 -8.25
N GLN D 55 0.03 -18.64 -7.96
CA GLN D 55 -1.10 -19.51 -7.61
C GLN D 55 -0.87 -20.05 -6.20
N ASP D 56 -1.86 -19.85 -5.33
CA ASP D 56 -1.73 -20.29 -3.94
C ASP D 56 -1.82 -21.80 -3.79
N ARG D 57 -2.21 -22.52 -4.84
CA ARG D 57 -2.35 -23.98 -4.78
C ARG D 57 -0.97 -24.62 -4.90
N GLY D 58 -0.41 -25.04 -3.76
CA GLY D 58 0.84 -25.77 -3.77
C GLY D 58 0.63 -27.27 -3.83
N GLN D 59 1.72 -27.99 -4.06
CA GLN D 59 1.71 -29.44 -4.12
C GLN D 59 2.87 -29.98 -3.30
N TYR D 60 2.66 -31.15 -2.70
CA TYR D 60 3.61 -31.74 -1.77
C TYR D 60 3.95 -33.16 -2.19
N ALA D 61 4.86 -33.78 -1.44
CA ALA D 61 5.24 -35.15 -1.71
C ALA D 61 4.08 -36.10 -1.43
N GLN D 62 4.07 -37.22 -2.15
CA GLN D 62 3.00 -38.20 -1.97
C GLN D 62 3.04 -38.84 -0.59
N LYS D 63 4.23 -38.90 0.03
CA LYS D 63 4.34 -39.52 1.34
C LYS D 63 3.94 -38.56 2.46
N PHE D 64 4.18 -37.26 2.28
CA PHE D 64 3.88 -36.25 3.29
C PHE D 64 2.59 -35.53 2.93
N GLN D 65 1.57 -35.67 3.78
CA GLN D 65 0.31 -34.97 3.61
C GLN D 65 -0.08 -34.31 4.93
N GLY D 66 -0.73 -33.16 4.83
CA GLY D 66 -1.27 -32.49 6.00
C GLY D 66 -0.24 -31.80 6.87
N ARG D 67 0.74 -32.54 7.36
CA ARG D 67 1.73 -31.96 8.27
C ARG D 67 2.54 -30.86 7.59
N VAL D 68 2.95 -31.09 6.35
CA VAL D 68 3.74 -30.10 5.62
C VAL D 68 2.80 -29.09 4.98
N THR D 69 3.17 -27.82 5.07
CA THR D 69 2.41 -26.74 4.45
C THR D 69 3.38 -25.73 3.86
N ILE D 70 3.15 -25.34 2.61
CA ILE D 70 3.97 -24.37 1.92
C ILE D 70 3.07 -23.30 1.35
N THR D 71 3.40 -22.04 1.63
CA THR D 71 2.59 -20.91 1.17
C THR D 71 3.51 -19.82 0.63
N ALA D 72 2.96 -18.98 -0.24
CA ALA D 72 3.69 -17.89 -0.85
C ALA D 72 2.90 -16.60 -0.69
N ASP D 73 3.62 -15.49 -0.55
CA ASP D 73 3.01 -14.18 -0.31
C ASP D 73 3.81 -13.22 -1.20
N LYS D 74 3.21 -12.82 -2.32
CA LYS D 74 3.89 -11.97 -3.29
C LYS D 74 4.08 -10.54 -2.78
N SER D 75 3.29 -10.11 -1.78
CA SER D 75 3.44 -8.75 -1.28
C SER D 75 4.78 -8.56 -0.58
N THR D 76 5.27 -9.58 0.12
CA THR D 76 6.57 -9.53 0.78
C THR D 76 7.61 -10.40 0.10
N SER D 77 7.25 -11.05 -1.02
CA SER D 77 8.17 -11.93 -1.76
C SER D 77 8.73 -13.03 -0.84
N THR D 78 7.83 -13.72 -0.15
CA THR D 78 8.21 -14.73 0.83
C THR D 78 7.52 -16.05 0.53
N ALA D 79 8.13 -17.12 1.03
CA ALA D 79 7.70 -18.50 0.77
C ALA D 79 7.69 -19.30 2.06
N TYR D 80 7.01 -18.76 3.08
CA TYR D 80 6.99 -19.39 4.40
C TYR D 80 6.52 -20.83 4.32
N MET D 81 7.05 -21.66 5.21
CA MET D 81 6.61 -23.03 5.40
C MET D 81 6.14 -23.21 6.84
N GLU D 82 5.05 -23.97 7.01
CA GLU D 82 4.58 -24.38 8.32
C GLU D 82 4.52 -25.90 8.37
N LEU D 83 5.20 -26.48 9.36
CA LEU D 83 5.19 -27.91 9.60
C LEU D 83 4.58 -28.18 10.97
N SER D 84 3.55 -29.02 10.99
CA SER D 84 2.78 -29.28 12.20
C SER D 84 2.90 -30.75 12.60
N SER D 85 2.61 -31.00 13.87
CA SER D 85 2.63 -32.36 14.45
C SER D 85 3.99 -33.01 14.27
N LEU D 86 5.01 -32.36 14.83
CA LEU D 86 6.37 -32.87 14.74
C LEU D 86 6.54 -34.13 15.56
N ARG D 87 7.49 -34.95 15.15
CA ARG D 87 7.74 -36.25 15.77
C ARG D 87 9.22 -36.56 15.62
N SER D 88 9.69 -37.54 16.38
CA SER D 88 11.09 -37.98 16.31
C SER D 88 11.49 -38.29 14.87
N GLU D 89 12.79 -38.20 14.59
CA GLU D 89 13.45 -38.32 13.30
C GLU D 89 13.27 -37.04 12.47
N ASP D 90 12.44 -36.09 12.91
CA ASP D 90 12.33 -34.82 12.21
C ASP D 90 13.54 -33.92 12.43
N THR D 91 14.45 -34.29 13.32
CA THR D 91 15.66 -33.50 13.56
C THR D 91 16.54 -33.60 12.32
N ALA D 92 16.49 -32.56 11.49
CA ALA D 92 17.20 -32.58 10.22
C ALA D 92 17.39 -31.14 9.76
N VAL D 93 18.26 -30.97 8.76
CA VAL D 93 18.50 -29.67 8.17
C VAL D 93 17.51 -29.45 7.04
N TYR D 94 16.90 -28.26 7.01
CA TYR D 94 15.90 -27.92 6.01
C TYR D 94 16.46 -26.90 5.03
N TYR D 95 16.21 -27.12 3.74
CA TYR D 95 16.80 -26.34 2.67
C TYR D 95 15.72 -25.83 1.75
N CYS D 96 15.91 -24.64 1.21
CA CYS D 96 14.98 -24.03 0.26
C CYS D 96 15.72 -23.72 -1.04
N ALA D 97 14.98 -23.74 -2.13
CA ALA D 97 15.56 -23.49 -3.45
C ALA D 97 14.48 -23.04 -4.41
N LYS D 98 14.92 -22.43 -5.51
CA LYS D 98 14.03 -21.97 -6.56
C LYS D 98 14.68 -22.27 -7.92
N GLU D 99 13.83 -22.38 -8.94
CA GLU D 99 14.29 -22.72 -10.28
C GLU D 99 14.47 -21.43 -11.08
N SER D 100 15.58 -21.36 -11.83
CA SER D 100 15.99 -20.16 -12.52
C SER D 100 15.55 -20.11 -13.98
N GLY D 101 14.55 -20.92 -14.36
CA GLY D 101 14.11 -20.98 -15.74
C GLY D 101 14.79 -22.06 -16.56
N ARG D 102 15.80 -22.73 -16.01
CA ARG D 102 16.51 -23.80 -16.68
C ARG D 102 16.00 -25.18 -16.27
N ALA D 103 14.79 -25.24 -15.71
CA ALA D 103 14.08 -26.45 -15.27
C ALA D 103 14.68 -27.06 -14.01
N VAL D 104 15.78 -26.53 -13.49
CA VAL D 104 16.44 -27.07 -12.31
C VAL D 104 16.60 -25.97 -11.27
N ALA D 105 16.55 -26.36 -10.00
CA ALA D 105 16.84 -25.45 -8.91
C ALA D 105 18.30 -24.98 -9.00
N ASP D 106 18.50 -23.69 -9.26
CA ASP D 106 19.84 -23.15 -9.46
C ASP D 106 20.37 -22.40 -8.24
N ARG D 107 19.50 -21.97 -7.34
CA ARG D 107 19.89 -21.21 -6.16
C ARG D 107 19.29 -21.85 -4.92
N TRP D 108 20.09 -21.92 -3.86
CA TRP D 108 19.67 -22.54 -2.60
C TRP D 108 19.94 -21.58 -1.45
N GLY D 109 19.11 -21.69 -0.42
CA GLY D 109 19.22 -20.83 0.74
C GLY D 109 20.31 -21.29 1.70
N GLN D 110 20.51 -20.47 2.74
CA GLN D 110 21.51 -20.79 3.74
C GLN D 110 21.15 -22.03 4.54
N GLY D 111 19.86 -22.31 4.70
CA GLY D 111 19.41 -23.51 5.38
C GLY D 111 18.95 -23.23 6.79
N THR D 112 18.22 -24.20 7.34
CA THR D 112 17.69 -24.13 8.69
C THR D 112 17.86 -25.48 9.38
N LEU D 113 18.04 -25.45 10.69
CA LEU D 113 18.19 -26.65 11.50
C LEU D 113 17.01 -26.77 12.45
N VAL D 114 16.46 -27.98 12.55
CA VAL D 114 15.30 -28.26 13.37
C VAL D 114 15.63 -29.40 14.33
N THR D 115 15.22 -29.25 15.59
CA THR D 115 15.40 -30.28 16.60
C THR D 115 14.05 -30.57 17.25
N VAL D 116 13.80 -31.85 17.51
CA VAL D 116 12.50 -32.30 17.99
C VAL D 116 12.60 -33.18 19.23
N SER D 117 13.78 -33.36 19.79
CA SER D 117 13.94 -34.22 20.96
C SER D 117 13.14 -33.66 22.15
N SER D 118 12.63 -34.57 22.97
CA SER D 118 11.77 -34.20 24.09
C SER D 118 12.51 -33.45 25.20
N ALA D 119 13.84 -33.40 25.15
CA ALA D 119 14.61 -32.70 26.17
C ALA D 119 14.34 -31.19 26.09
N SER D 120 14.85 -30.47 27.08
CA SER D 120 14.65 -29.03 27.21
C SER D 120 16.00 -28.35 27.39
N THR D 121 15.95 -27.05 27.61
CA THR D 121 17.18 -26.27 27.76
C THR D 121 17.92 -26.67 29.02
N LYS D 122 19.23 -26.83 28.90
CA LYS D 122 20.08 -27.20 30.03
C LYS D 122 21.52 -26.82 29.72
N GLY D 123 22.27 -26.47 30.75
CA GLY D 123 23.65 -26.07 30.60
C GLY D 123 24.60 -27.23 30.75
N PRO D 124 25.71 -27.19 30.01
CA PRO D 124 26.69 -28.28 30.07
C PRO D 124 27.49 -28.26 31.35
N SER D 125 28.05 -29.42 31.68
CA SER D 125 28.97 -29.58 32.80
C SER D 125 30.35 -29.86 32.24
N VAL D 126 31.32 -29.03 32.61
CA VAL D 126 32.67 -29.11 32.07
C VAL D 126 33.57 -29.78 33.10
N PHE D 127 34.28 -30.81 32.68
CA PHE D 127 35.23 -31.51 33.52
C PHE D 127 36.57 -31.61 32.81
N PRO D 128 37.68 -31.59 33.54
CA PRO D 128 39.00 -31.58 32.90
C PRO D 128 39.52 -32.97 32.58
N LEU D 129 40.03 -33.14 31.36
CA LEU D 129 40.74 -34.37 30.97
C LEU D 129 42.23 -34.06 31.07
N ALA D 130 42.75 -34.16 32.29
CA ALA D 130 44.11 -33.76 32.56
C ALA D 130 45.10 -34.67 31.83
N PRO D 131 46.23 -34.12 31.36
CA PRO D 131 47.22 -34.96 30.68
C PRO D 131 47.82 -35.97 31.64
N SER D 132 48.21 -37.12 31.08
CA SER D 132 48.88 -38.15 31.86
C SER D 132 50.07 -37.56 32.60
N SER D 133 50.01 -37.56 33.92
CA SER D 133 51.02 -36.93 34.77
C SER D 133 52.04 -37.99 35.15
N LYS D 134 53.16 -38.00 34.43
CA LYS D 134 54.23 -38.95 34.70
C LYS D 134 55.56 -38.31 34.33
N SER D 135 56.63 -38.86 34.90
CA SER D 135 57.98 -38.33 34.69
C SER D 135 58.55 -38.69 33.32
N THR D 136 57.85 -39.50 32.53
CA THR D 136 58.38 -39.92 31.23
C THR D 136 58.64 -38.73 30.32
N SER D 137 57.68 -37.80 30.27
CA SER D 137 57.76 -36.59 29.43
C SER D 137 58.03 -37.02 27.98
N GLY D 138 58.79 -36.22 27.25
CA GLY D 138 59.14 -36.52 25.88
C GLY D 138 58.50 -35.64 24.82
N GLY D 139 57.91 -34.51 25.20
CA GLY D 139 57.29 -33.62 24.22
C GLY D 139 56.12 -34.23 23.48
N THR D 140 55.38 -35.13 24.12
CA THR D 140 54.22 -35.74 23.50
C THR D 140 53.19 -36.01 24.59
N ALA D 141 52.23 -35.10 24.74
CA ALA D 141 51.19 -35.23 25.75
C ALA D 141 49.87 -34.74 25.17
N ALA D 142 48.78 -35.33 25.65
CA ALA D 142 47.44 -34.96 25.22
C ALA D 142 46.59 -34.60 26.43
N LEU D 143 45.85 -33.50 26.30
CA LEU D 143 44.94 -33.05 27.35
C LEU D 143 43.69 -32.48 26.72
N GLY D 144 42.62 -32.42 27.50
CA GLY D 144 41.37 -31.94 26.99
C GLY D 144 40.35 -31.68 28.08
N CYS D 145 39.10 -31.56 27.66
CA CYS D 145 37.99 -31.31 28.56
C CYS D 145 36.78 -32.13 28.13
N LEU D 146 35.87 -32.35 29.06
CA LEU D 146 34.66 -33.13 28.82
C LEU D 146 33.44 -32.23 28.94
N VAL D 147 32.60 -32.25 27.91
CA VAL D 147 31.34 -31.51 27.90
C VAL D 147 30.21 -32.53 27.95
N LYS D 148 29.38 -32.44 28.99
CA LYS D 148 28.36 -33.45 29.22
C LYS D 148 27.06 -32.80 29.68
N ASP D 149 25.94 -33.47 29.38
CA ASP D 149 24.61 -33.12 29.88
C ASP D 149 24.22 -31.69 29.48
N TYR D 150 24.09 -31.48 28.17
CA TYR D 150 23.57 -30.23 27.65
C TYR D 150 22.62 -30.52 26.50
N PHE D 151 21.71 -29.57 26.24
CA PHE D 151 20.75 -29.69 25.17
C PHE D 151 20.16 -28.32 24.90
N PRO D 152 19.97 -27.93 23.63
CA PRO D 152 20.34 -28.64 22.41
C PRO D 152 21.66 -28.14 21.82
N GLU D 153 21.97 -28.53 20.58
CA GLU D 153 23.14 -28.00 19.89
C GLU D 153 22.90 -26.54 19.51
N PRO D 154 23.98 -25.79 19.26
CA PRO D 154 25.40 -26.17 19.32
C PRO D 154 26.13 -25.65 20.56
N VAL D 155 27.33 -26.17 20.80
CA VAL D 155 28.23 -25.66 21.83
C VAL D 155 29.60 -25.51 21.21
N THR D 156 30.26 -24.39 21.48
CA THR D 156 31.54 -24.06 20.89
C THR D 156 32.63 -24.15 21.94
N VAL D 157 33.77 -24.75 21.57
CA VAL D 157 34.90 -24.93 22.47
C VAL D 157 36.13 -24.31 21.82
N SER D 158 36.83 -23.48 22.58
CA SER D 158 38.08 -22.87 22.12
C SER D 158 39.11 -22.98 23.24
N TRP D 159 40.38 -22.99 22.85
CA TRP D 159 41.48 -23.16 23.78
C TRP D 159 42.34 -21.91 23.80
N ASN D 160 42.59 -21.39 25.02
CA ASN D 160 43.43 -20.20 25.22
C ASN D 160 42.91 -19.03 24.40
N SER D 161 41.58 -18.87 24.37
CA SER D 161 40.93 -17.79 23.63
C SER D 161 41.34 -17.79 22.16
N GLY D 162 41.48 -18.97 21.58
CA GLY D 162 41.85 -19.10 20.18
C GLY D 162 43.35 -19.05 19.97
N ALA D 163 44.09 -19.89 20.69
CA ALA D 163 45.54 -19.96 20.57
C ALA D 163 45.97 -21.42 20.52
N LEU D 164 47.12 -21.66 19.87
CA LEU D 164 47.67 -23.01 19.70
C LEU D 164 46.65 -23.93 19.02
N THR D 165 46.19 -23.49 17.84
CA THR D 165 45.20 -24.24 17.08
C THR D 165 45.75 -25.52 16.48
N SER D 166 47.07 -25.72 16.50
CA SER D 166 47.64 -26.96 16.00
C SER D 166 47.35 -28.10 16.96
N GLY D 167 46.72 -29.16 16.45
CA GLY D 167 46.50 -30.36 17.21
C GLY D 167 45.29 -30.38 18.12
N VAL D 168 44.40 -29.39 18.02
CA VAL D 168 43.18 -29.37 18.82
C VAL D 168 42.04 -29.89 17.96
N HIS D 169 41.37 -30.94 18.44
CA HIS D 169 40.26 -31.58 17.73
C HIS D 169 38.99 -31.41 18.55
N THR D 170 37.97 -30.84 17.93
CA THR D 170 36.66 -30.67 18.57
C THR D 170 35.72 -31.75 18.02
N PHE D 171 35.33 -32.67 18.89
CA PHE D 171 34.59 -33.85 18.44
C PHE D 171 33.11 -33.53 18.27
N PRO D 172 32.46 -34.10 17.26
CA PRO D 172 31.01 -33.93 17.12
C PRO D 172 30.27 -34.48 18.33
N ALA D 173 29.15 -33.84 18.66
CA ALA D 173 28.37 -34.22 19.82
C ALA D 173 27.68 -35.57 19.60
N VAL D 174 27.37 -36.24 20.70
CA VAL D 174 26.70 -37.53 20.69
C VAL D 174 25.46 -37.43 21.58
N LEU D 175 24.44 -38.22 21.24
CA LEU D 175 23.16 -38.22 21.96
C LEU D 175 23.13 -39.39 22.94
N GLN D 176 22.90 -39.09 24.21
CA GLN D 176 22.75 -40.09 25.25
C GLN D 176 21.30 -40.54 25.35
N SER D 177 21.10 -41.71 25.96
CA SER D 177 19.75 -42.25 26.11
C SER D 177 18.87 -41.33 26.95
N SER D 178 19.47 -40.55 27.84
CA SER D 178 18.73 -39.59 28.65
C SER D 178 18.25 -38.39 27.84
N GLY D 179 18.74 -38.22 26.61
CA GLY D 179 18.32 -37.12 25.77
C GLY D 179 19.19 -35.88 25.83
N LEU D 180 20.38 -35.97 26.42
CA LEU D 180 21.29 -34.84 26.53
C LEU D 180 22.53 -35.09 25.70
N TYR D 181 23.00 -34.05 25.02
CA TYR D 181 24.17 -34.13 24.17
C TYR D 181 25.45 -34.11 24.99
N SER D 182 26.53 -34.58 24.38
CA SER D 182 27.83 -34.60 25.05
C SER D 182 28.93 -34.72 24.01
N LEU D 183 30.06 -34.06 24.29
CA LEU D 183 31.22 -34.12 23.42
C LEU D 183 32.48 -33.84 24.23
N SER D 184 33.62 -34.11 23.63
CA SER D 184 34.91 -33.85 24.24
C SER D 184 35.78 -33.06 23.27
N SER D 185 36.66 -32.23 23.82
CA SER D 185 37.64 -31.47 23.04
C SER D 185 39.01 -31.73 23.61
N VAL D 186 39.98 -32.05 22.75
CA VAL D 186 41.32 -32.40 23.15
C VAL D 186 42.32 -31.56 22.37
N VAL D 187 43.56 -31.51 22.88
CA VAL D 187 44.65 -30.81 22.23
C VAL D 187 45.95 -31.51 22.60
N THR D 188 46.88 -31.57 21.65
CA THR D 188 48.17 -32.22 21.84
C THR D 188 49.23 -31.14 22.07
N VAL D 189 49.94 -31.24 23.19
CA VAL D 189 50.97 -30.27 23.56
C VAL D 189 52.21 -31.03 24.00
N PRO D 190 53.38 -30.40 23.89
CA PRO D 190 54.60 -31.04 24.41
C PRO D 190 54.50 -31.28 25.91
N SER D 191 55.04 -32.42 26.34
CA SER D 191 54.97 -32.81 27.75
C SER D 191 55.76 -31.86 28.64
N SER D 192 56.92 -31.39 28.17
CA SER D 192 57.74 -30.49 28.97
C SER D 192 57.10 -29.12 29.18
N SER D 193 56.06 -28.78 28.43
CA SER D 193 55.39 -27.50 28.56
C SER D 193 54.32 -27.48 29.63
N LEU D 194 54.01 -28.62 30.24
CA LEU D 194 52.98 -28.65 31.28
C LEU D 194 53.37 -27.82 32.48
N GLY D 195 54.64 -27.87 32.88
CA GLY D 195 55.11 -27.12 34.01
C GLY D 195 55.47 -25.68 33.75
N THR D 196 55.41 -25.23 32.49
CA THR D 196 55.76 -23.85 32.15
C THR D 196 54.69 -23.16 31.32
N GLN D 197 53.56 -23.81 31.07
CA GLN D 197 52.49 -23.23 30.26
C GLN D 197 51.15 -23.58 30.89
N THR D 198 50.19 -22.67 30.74
CA THR D 198 48.84 -22.83 31.25
C THR D 198 47.87 -22.96 30.07
N TYR D 199 47.05 -24.00 30.10
CA TYR D 199 46.09 -24.27 29.05
C TYR D 199 44.67 -24.09 29.60
N ILE D 200 43.89 -23.25 28.93
CA ILE D 200 42.52 -22.92 29.34
C ILE D 200 41.58 -23.23 28.18
N CYS D 201 40.49 -23.92 28.48
CA CYS D 201 39.47 -24.24 27.49
C CYS D 201 38.24 -23.40 27.75
N ASN D 202 37.68 -22.83 26.68
CA ASN D 202 36.51 -21.97 26.76
C ASN D 202 35.31 -22.69 26.17
N VAL D 203 34.23 -22.80 26.95
CA VAL D 203 33.01 -23.48 26.53
C VAL D 203 31.88 -22.46 26.54
N ASN D 204 31.13 -22.39 25.44
CA ASN D 204 30.03 -21.44 25.31
C ASN D 204 28.82 -22.17 24.76
N HIS D 205 27.74 -22.21 25.53
CA HIS D 205 26.49 -22.84 25.12
C HIS D 205 25.44 -21.75 24.97
N LYS D 206 25.26 -21.27 23.74
CA LYS D 206 24.33 -20.18 23.48
C LYS D 206 22.89 -20.47 23.89
N PRO D 207 22.31 -21.65 23.62
CA PRO D 207 20.90 -21.86 24.02
C PRO D 207 20.63 -21.63 25.50
N SER D 208 21.55 -22.04 26.36
CA SER D 208 21.41 -21.84 27.80
C SER D 208 22.17 -20.63 28.30
N ASN D 209 22.86 -19.91 27.42
CA ASN D 209 23.66 -18.73 27.79
C ASN D 209 24.67 -19.06 28.88
N THR D 210 25.28 -20.24 28.78
CA THR D 210 26.24 -20.73 29.76
C THR D 210 27.64 -20.67 29.16
N LYS D 211 28.54 -19.97 29.85
CA LYS D 211 29.93 -19.88 29.44
C LYS D 211 30.81 -20.28 30.62
N VAL D 212 31.69 -21.27 30.39
CA VAL D 212 32.53 -21.83 31.45
C VAL D 212 33.96 -21.90 30.94
N ASP D 213 34.90 -21.44 31.75
CA ASP D 213 36.33 -21.56 31.47
C ASP D 213 36.94 -22.54 32.47
N LYS D 214 37.58 -23.58 31.95
CA LYS D 214 38.15 -24.64 32.77
C LYS D 214 39.64 -24.77 32.51
N LYS D 215 40.43 -24.83 33.57
CA LYS D 215 41.87 -25.00 33.45
C LYS D 215 42.23 -26.48 33.53
N VAL D 216 43.19 -26.88 32.70
CA VAL D 216 43.65 -28.27 32.64
C VAL D 216 45.09 -28.30 33.13
N GLU D 217 45.34 -29.05 34.20
CA GLU D 217 46.67 -29.19 34.78
C GLU D 217 46.87 -30.65 35.17
N PRO D 218 48.12 -31.12 35.16
CA PRO D 218 48.38 -32.52 35.54
C PRO D 218 47.99 -32.79 36.98
N LYS D 219 47.52 -34.01 37.23
CA LYS D 219 47.09 -34.42 38.57
C LYS D 219 48.27 -34.92 39.39
N ASP E 1 8.26 -42.86 -6.82
CA ASP E 1 9.18 -41.77 -7.13
C ASP E 1 10.40 -42.29 -7.88
N ILE E 2 11.15 -41.37 -8.49
CA ILE E 2 12.37 -41.73 -9.21
C ILE E 2 13.48 -41.94 -8.19
N VAL E 3 14.09 -43.12 -8.22
CA VAL E 3 15.13 -43.48 -7.25
C VAL E 3 16.49 -43.05 -7.78
N MET E 4 17.33 -42.56 -6.88
CA MET E 4 18.70 -42.13 -7.20
C MET E 4 19.65 -43.15 -6.58
N THR E 5 20.05 -44.13 -7.39
CA THR E 5 21.01 -45.16 -6.96
C THR E 5 22.43 -44.67 -7.26
N GLN E 6 22.87 -43.72 -6.45
CA GLN E 6 24.19 -43.13 -6.62
C GLN E 6 25.26 -44.05 -6.04
N SER E 7 26.33 -44.27 -6.81
CA SER E 7 27.42 -45.13 -6.41
C SER E 7 28.74 -44.49 -6.85
N PRO E 8 29.83 -44.73 -6.11
CA PRO E 8 29.94 -45.51 -4.87
C PRO E 8 29.57 -44.69 -3.64
N ALA E 9 29.91 -45.19 -2.45
CA ALA E 9 29.61 -44.48 -1.21
C ALA E 9 30.71 -43.48 -0.83
N SER E 10 31.97 -43.82 -1.09
CA SER E 10 33.08 -42.94 -0.75
C SER E 10 34.22 -43.17 -1.73
N LEU E 11 35.10 -42.18 -1.84
CA LEU E 11 36.26 -42.24 -2.72
C LEU E 11 37.45 -41.60 -2.01
N ALA E 12 38.54 -42.34 -1.91
CA ALA E 12 39.78 -41.85 -1.32
C ALA E 12 40.79 -41.58 -2.42
N LEU E 13 41.21 -40.33 -2.56
CA LEU E 13 42.11 -39.93 -3.63
C LEU E 13 43.02 -38.82 -3.14
N SER E 14 44.10 -38.60 -3.88
CA SER E 14 45.06 -37.55 -3.60
C SER E 14 44.95 -36.45 -4.65
N LEU E 15 45.78 -35.43 -4.52
CA LEU E 15 45.78 -34.32 -5.46
C LEU E 15 46.27 -34.77 -6.82
N GLY E 16 45.57 -34.32 -7.87
CA GLY E 16 45.96 -34.62 -9.24
C GLY E 16 45.37 -35.90 -9.81
N GLU E 17 44.71 -36.71 -8.99
CA GLU E 17 44.13 -37.96 -9.48
C GLU E 17 42.79 -37.71 -10.14
N ARG E 18 42.28 -38.74 -10.81
CA ARG E 18 41.01 -38.65 -11.52
C ARG E 18 39.90 -39.30 -10.71
N ALA E 19 38.74 -38.66 -10.70
CA ALA E 19 37.56 -39.16 -10.01
C ALA E 19 36.40 -39.24 -10.98
N THR E 20 35.63 -40.33 -10.90
CA THR E 20 34.52 -40.58 -11.79
C THR E 20 33.30 -40.95 -10.96
N LEU E 21 32.30 -40.08 -10.93
CA LEU E 21 31.08 -40.31 -10.18
C LEU E 21 30.02 -40.95 -11.09
N TYR E 22 29.07 -41.64 -10.47
CA TYR E 22 27.99 -42.30 -11.18
C TYR E 22 26.68 -42.08 -10.46
N CYS E 23 25.60 -42.02 -11.24
CA CYS E 23 24.25 -41.90 -10.70
C CYS E 23 23.29 -42.56 -11.69
N ARG E 24 22.79 -43.73 -11.34
CA ARG E 24 21.84 -44.45 -12.18
C ARG E 24 20.41 -44.08 -11.80
N ALA E 25 19.46 -44.54 -12.62
CA ALA E 25 18.05 -44.25 -12.41
C ALA E 25 17.26 -45.55 -12.45
N SER E 26 16.07 -45.51 -11.83
CA SER E 26 15.21 -46.68 -11.80
C SER E 26 14.77 -47.08 -13.20
N HIS E 27 14.43 -46.09 -14.04
CA HIS E 27 14.01 -46.35 -15.40
C HIS E 27 14.67 -45.33 -16.31
N SER E 28 14.65 -45.63 -17.62
CA SER E 28 15.28 -44.75 -18.59
C SER E 28 14.65 -43.37 -18.57
N ILE E 29 15.47 -42.34 -18.42
CA ILE E 29 15.03 -40.96 -18.38
C ILE E 29 15.95 -40.14 -19.27
N SER E 30 15.37 -39.29 -20.11
CA SER E 30 16.14 -38.46 -21.04
C SER E 30 16.54 -37.18 -20.32
N SER E 31 17.82 -37.13 -19.91
CA SER E 31 18.41 -35.94 -19.30
C SER E 31 17.66 -35.52 -18.03
N TRP E 32 17.74 -34.22 -17.70
CA TRP E 32 17.10 -33.63 -16.51
C TRP E 32 17.70 -34.17 -15.21
N LEU E 33 19.03 -34.23 -15.14
CA LEU E 33 19.72 -34.63 -13.93
C LEU E 33 20.75 -33.55 -13.58
N ALA E 34 20.87 -33.26 -12.28
CA ALA E 34 21.79 -32.25 -11.79
C ALA E 34 22.62 -32.82 -10.65
N TRP E 35 23.86 -32.32 -10.52
CA TRP E 35 24.77 -32.73 -9.48
C TRP E 35 25.02 -31.58 -8.51
N TYR E 36 25.01 -31.89 -7.21
CA TYR E 36 25.13 -30.89 -6.17
C TYR E 36 26.38 -31.15 -5.33
N GLN E 37 27.15 -30.10 -5.09
CA GLN E 37 28.35 -30.18 -4.27
C GLN E 37 28.08 -29.59 -2.89
N GLN E 38 28.58 -30.24 -1.85
CA GLN E 38 28.32 -29.80 -0.49
C GLN E 38 29.43 -30.29 0.43
N LYS E 39 30.23 -29.36 0.95
CA LYS E 39 31.14 -29.66 2.05
C LYS E 39 30.39 -29.64 3.37
N PRO E 40 30.93 -30.28 4.41
CA PRO E 40 30.29 -30.19 5.73
C PRO E 40 30.10 -28.75 6.19
N GLY E 41 28.85 -28.35 6.38
CA GLY E 41 28.53 -26.99 6.77
C GLY E 41 28.24 -26.05 5.62
N LYS E 42 27.99 -26.57 4.42
CA LYS E 42 27.71 -25.77 3.25
C LYS E 42 26.30 -26.05 2.75
N ALA E 43 25.76 -25.09 2.00
CA ALA E 43 24.51 -25.32 1.29
C ALA E 43 24.77 -26.09 0.00
N PRO E 44 23.88 -27.02 -0.37
CA PRO E 44 24.04 -27.73 -1.64
C PRO E 44 24.13 -26.78 -2.82
N LYS E 45 25.28 -26.75 -3.49
CA LYS E 45 25.54 -25.82 -4.57
C LYS E 45 25.43 -26.54 -5.91
N LEU E 46 24.69 -25.94 -6.83
CA LEU E 46 24.54 -26.52 -8.17
C LEU E 46 25.78 -26.26 -9.00
N LEU E 47 26.34 -27.32 -9.57
CA LEU E 47 27.49 -27.23 -10.45
C LEU E 47 27.18 -27.60 -11.88
N ILE E 48 26.30 -28.60 -12.09
CA ILE E 48 25.91 -29.04 -13.42
C ILE E 48 24.39 -29.02 -13.48
N TYR E 49 23.83 -28.20 -14.37
CA TYR E 49 22.40 -27.92 -14.40
C TYR E 49 21.66 -28.67 -15.51
N LYS E 50 22.33 -29.58 -16.20
CA LYS E 50 21.70 -30.36 -17.27
C LYS E 50 22.57 -31.59 -17.52
N ALA E 51 22.32 -32.28 -18.65
CA ALA E 51 23.06 -33.49 -18.96
C ALA E 51 24.57 -33.28 -18.90
N SER E 52 25.06 -32.23 -19.57
CA SER E 52 26.48 -31.95 -19.57
C SER E 52 26.85 -30.48 -19.35
N THR E 53 25.92 -29.55 -19.41
CA THR E 53 26.25 -28.14 -19.29
C THR E 53 26.61 -27.79 -17.85
N LEU E 54 27.27 -26.64 -17.69
CA LEU E 54 27.77 -26.18 -16.40
C LEU E 54 27.24 -24.79 -16.09
N GLU E 55 27.16 -24.50 -14.80
CA GLU E 55 26.73 -23.19 -14.32
C GLU E 55 27.88 -22.19 -14.42
N SER E 56 27.54 -20.91 -14.54
CA SER E 56 28.54 -19.86 -14.57
C SER E 56 29.39 -19.89 -13.31
N GLY E 57 30.71 -19.83 -13.50
CA GLY E 57 31.65 -19.87 -12.40
C GLY E 57 32.11 -21.26 -12.00
N VAL E 58 31.51 -22.31 -12.54
CA VAL E 58 31.94 -23.68 -12.23
C VAL E 58 33.24 -23.97 -12.99
N PRO E 59 34.23 -24.57 -12.32
CA PRO E 59 35.51 -24.83 -13.00
C PRO E 59 35.37 -25.78 -14.17
N SER E 60 36.34 -25.69 -15.09
CA SER E 60 36.27 -26.44 -16.35
C SER E 60 36.62 -27.91 -16.20
N ARG E 61 37.27 -28.31 -15.10
CA ARG E 61 37.60 -29.72 -14.94
C ARG E 61 36.37 -30.61 -14.76
N PHE E 62 35.21 -30.02 -14.44
CA PHE E 62 33.99 -30.81 -14.33
C PHE E 62 33.45 -31.14 -15.71
N SER E 63 32.97 -32.37 -15.88
CA SER E 63 32.45 -32.83 -17.17
C SER E 63 31.41 -33.90 -16.92
N GLY E 64 30.16 -33.62 -17.31
CA GLY E 64 29.08 -34.57 -17.18
C GLY E 64 28.79 -35.30 -18.48
N SER E 65 28.19 -36.48 -18.34
CA SER E 65 27.87 -37.32 -19.49
C SER E 65 26.85 -38.36 -19.07
N GLY E 66 26.39 -39.13 -20.06
CA GLY E 66 25.47 -40.21 -19.81
C GLY E 66 24.03 -39.82 -20.04
N SER E 67 23.21 -40.81 -20.40
CA SER E 67 21.79 -40.59 -20.61
C SER E 67 21.06 -41.92 -20.45
N GLY E 68 19.76 -41.84 -20.21
CA GLY E 68 18.95 -43.03 -20.07
C GLY E 68 18.96 -43.61 -18.67
N THR E 69 19.30 -44.90 -18.56
CA THR E 69 19.31 -45.55 -17.25
C THR E 69 20.59 -45.28 -16.47
N GLU E 70 21.65 -44.80 -17.12
CA GLU E 70 22.93 -44.57 -16.47
C GLU E 70 23.45 -43.19 -16.82
N PHE E 71 24.05 -42.52 -15.83
CA PHE E 71 24.70 -41.23 -16.02
C PHE E 71 26.06 -41.26 -15.34
N THR E 72 27.01 -40.53 -15.91
CA THR E 72 28.38 -40.52 -15.41
C THR E 72 28.88 -39.09 -15.31
N LEU E 73 29.48 -38.75 -14.18
CA LEU E 73 30.16 -37.47 -13.97
C LEU E 73 31.63 -37.77 -13.74
N THR E 74 32.50 -37.20 -14.58
CA THR E 74 33.92 -37.45 -14.52
C THR E 74 34.66 -36.15 -14.20
N ILE E 75 35.51 -36.19 -13.18
CA ILE E 75 36.38 -35.08 -12.83
C ILE E 75 37.79 -35.45 -13.28
N SER E 76 38.34 -34.65 -14.20
CA SER E 76 39.64 -34.97 -14.79
C SER E 76 40.75 -34.95 -13.74
N SER E 77 40.75 -33.94 -12.87
CA SER E 77 41.77 -33.82 -11.83
C SER E 77 41.18 -33.08 -10.65
N LEU E 78 41.61 -33.46 -9.44
CA LEU E 78 41.13 -32.85 -8.22
C LEU E 78 42.10 -31.76 -7.76
N GLN E 79 41.53 -30.65 -7.30
CA GLN E 79 42.28 -29.52 -6.79
C GLN E 79 41.98 -29.39 -5.30
N PRO E 80 42.69 -28.53 -4.54
CA PRO E 80 42.44 -28.46 -3.09
C PRO E 80 41.02 -28.09 -2.71
N ASP E 81 40.24 -27.49 -3.60
CA ASP E 81 38.89 -27.06 -3.29
C ASP E 81 37.81 -28.00 -3.84
N ASP E 82 38.19 -29.20 -4.27
CA ASP E 82 37.25 -30.10 -4.94
C ASP E 82 36.75 -31.25 -4.07
N PHE E 83 37.19 -31.35 -2.82
CA PHE E 83 36.73 -32.43 -1.94
C PHE E 83 35.48 -31.98 -1.19
N ALA E 84 34.41 -32.76 -1.33
CA ALA E 84 33.13 -32.46 -0.71
C ALA E 84 32.27 -33.72 -0.79
N THR E 85 31.01 -33.59 -0.41
CA THR E 85 30.01 -34.65 -0.57
C THR E 85 29.09 -34.27 -1.73
N TYR E 86 28.93 -35.18 -2.68
CA TYR E 86 28.21 -34.90 -3.92
C TYR E 86 26.90 -35.69 -3.95
N TYR E 87 25.87 -35.07 -4.50
CA TYR E 87 24.55 -35.68 -4.64
C TYR E 87 24.06 -35.50 -6.06
N CYS E 88 23.18 -36.42 -6.49
CA CYS E 88 22.56 -36.36 -7.80
C CYS E 88 21.04 -36.31 -7.65
N GLN E 89 20.40 -35.46 -8.43
CA GLN E 89 18.97 -35.21 -8.32
C GLN E 89 18.32 -35.27 -9.69
N GLN E 90 17.16 -35.92 -9.76
CA GLN E 90 16.37 -36.01 -10.98
C GLN E 90 15.10 -35.19 -10.83
N TYR E 91 14.70 -34.53 -11.92
CA TYR E 91 13.51 -33.69 -11.89
C TYR E 91 12.63 -33.91 -13.12
N LYS E 92 12.73 -35.07 -13.78
CA LYS E 92 11.84 -35.37 -14.89
C LYS E 92 10.39 -35.42 -14.42
N SER E 93 10.16 -35.85 -13.18
CA SER E 93 8.85 -35.85 -12.55
C SER E 93 8.88 -34.91 -11.35
N TYR E 94 7.69 -34.45 -10.97
CA TYR E 94 7.58 -33.51 -9.85
C TYR E 94 8.15 -34.05 -8.55
N PRO E 95 7.94 -35.33 -8.16
CA PRO E 95 8.55 -35.81 -6.91
C PRO E 95 10.06 -36.00 -7.02
N TRP E 96 10.81 -34.93 -6.81
CA TRP E 96 12.26 -34.99 -6.88
C TRP E 96 12.81 -35.89 -5.78
N THR E 97 14.02 -36.40 -6.01
CA THR E 97 14.70 -37.25 -5.05
C THR E 97 16.20 -37.00 -5.11
N PHE E 98 16.89 -37.37 -4.04
CA PHE E 98 18.33 -37.24 -3.95
C PHE E 98 18.95 -38.58 -3.55
N GLY E 99 20.20 -38.77 -3.97
CA GLY E 99 20.91 -40.01 -3.70
C GLY E 99 21.52 -40.06 -2.31
N GLN E 100 22.17 -41.18 -2.02
CA GLN E 100 22.81 -41.37 -0.73
C GLN E 100 24.01 -40.44 -0.56
N GLY E 101 24.67 -40.07 -1.63
CA GLY E 101 25.81 -39.18 -1.56
C GLY E 101 27.13 -39.93 -1.66
N THR E 102 28.13 -39.24 -2.19
CA THR E 102 29.47 -39.80 -2.36
C THR E 102 30.48 -38.94 -1.61
N LYS E 103 31.42 -39.60 -0.94
CA LYS E 103 32.45 -38.94 -0.16
C LYS E 103 33.76 -38.91 -0.92
N LEU E 104 34.49 -37.80 -0.79
CA LEU E 104 35.79 -37.62 -1.44
C LEU E 104 36.85 -37.48 -0.37
N GLU E 105 37.54 -38.58 -0.07
CA GLU E 105 38.57 -38.59 0.96
C GLU E 105 39.90 -38.06 0.43
N ILE E 106 40.58 -37.28 1.26
CA ILE E 106 41.89 -36.72 0.90
C ILE E 106 42.97 -37.73 1.30
N LYS E 107 43.90 -37.98 0.37
CA LYS E 107 45.09 -38.80 0.60
C LYS E 107 44.77 -40.26 0.87
N ARG E 108 45.78 -41.12 0.76
CA ARG E 108 45.68 -42.56 1.06
C ARG E 108 47.00 -43.00 1.69
N THR E 109 47.05 -42.97 3.02
CA THR E 109 48.24 -43.39 3.76
C THR E 109 47.84 -43.84 5.15
N VAL E 110 48.32 -45.01 5.56
CA VAL E 110 47.92 -45.63 6.81
C VAL E 110 48.81 -45.13 7.93
N ALA E 111 48.18 -44.67 9.02
CA ALA E 111 48.90 -44.16 10.18
C ALA E 111 48.27 -44.72 11.45
N ALA E 112 49.12 -45.22 12.34
CA ALA E 112 48.65 -45.82 13.59
C ALA E 112 48.08 -44.76 14.53
N PRO E 113 47.21 -45.16 15.44
CA PRO E 113 46.64 -44.21 16.42
C PRO E 113 47.59 -43.89 17.57
N SER E 114 47.38 -42.71 18.14
CA SER E 114 47.98 -42.33 19.42
C SER E 114 46.90 -42.44 20.49
N VAL E 115 47.06 -43.41 21.40
CA VAL E 115 46.03 -43.74 22.38
C VAL E 115 46.31 -43.02 23.69
N PHE E 116 45.31 -42.32 24.21
CA PHE E 116 45.39 -41.64 25.50
C PHE E 116 44.15 -41.96 26.31
N ILE E 117 44.33 -41.99 27.63
CA ILE E 117 43.24 -42.30 28.57
C ILE E 117 43.19 -41.20 29.63
N PHE E 118 41.99 -40.93 30.14
CA PHE E 118 41.81 -39.88 31.12
C PHE E 118 40.88 -40.34 32.24
N PRO E 119 41.33 -40.32 33.49
CA PRO E 119 40.46 -40.70 34.60
C PRO E 119 39.52 -39.57 34.97
N PRO E 120 38.38 -39.88 35.60
CA PRO E 120 37.45 -38.82 35.99
C PRO E 120 38.04 -37.93 37.08
N SER E 121 37.63 -36.66 37.06
CA SER E 121 38.12 -35.69 38.02
C SER E 121 37.26 -35.70 39.29
N ASP E 122 37.87 -35.24 40.39
CA ASP E 122 37.20 -35.26 41.68
C ASP E 122 35.94 -34.40 41.67
N GLU E 123 35.92 -33.32 40.88
CA GLU E 123 34.72 -32.50 40.78
C GLU E 123 33.54 -33.30 40.21
N GLN E 124 33.79 -34.09 39.17
CA GLN E 124 32.75 -34.94 38.62
C GLN E 124 32.41 -36.08 39.57
N LEU E 125 33.38 -36.56 40.34
CA LEU E 125 33.12 -37.62 41.32
C LEU E 125 32.04 -37.21 42.32
N LYS E 126 31.95 -35.91 42.64
CA LYS E 126 30.95 -35.45 43.58
C LYS E 126 29.53 -35.50 43.02
N SER E 127 29.38 -35.54 41.69
CA SER E 127 28.08 -35.48 41.05
C SER E 127 27.39 -36.85 40.95
N GLY E 128 28.03 -37.92 41.40
CA GLY E 128 27.44 -39.24 41.32
C GLY E 128 27.67 -39.97 40.01
N THR E 129 28.44 -39.41 39.09
CA THR E 129 28.72 -40.02 37.81
C THR E 129 30.22 -39.90 37.52
N ALA E 130 30.81 -40.96 36.96
CA ALA E 130 32.21 -40.99 36.61
C ALA E 130 32.35 -41.31 35.13
N SER E 131 33.18 -40.53 34.43
CA SER E 131 33.37 -40.68 33.00
C SER E 131 34.84 -40.87 32.69
N VAL E 132 35.15 -41.88 31.87
CA VAL E 132 36.51 -42.16 31.41
C VAL E 132 36.55 -41.97 29.91
N VAL E 133 37.51 -41.17 29.43
CA VAL E 133 37.60 -40.78 28.03
C VAL E 133 38.86 -41.40 27.44
N CYS E 134 38.72 -42.04 26.28
CA CYS E 134 39.85 -42.58 25.52
C CYS E 134 39.99 -41.79 24.22
N LEU E 135 41.21 -41.38 23.91
CA LEU E 135 41.50 -40.52 22.76
C LEU E 135 42.39 -41.26 21.78
N LEU E 136 41.94 -41.36 20.54
CA LEU E 136 42.69 -41.97 19.45
C LEU E 136 43.15 -40.83 18.52
N ASN E 137 44.38 -40.39 18.73
CA ASN E 137 44.87 -39.14 18.16
C ASN E 137 45.64 -39.43 16.86
N ASN E 138 45.15 -38.89 15.74
CA ASN E 138 45.77 -39.03 14.42
C ASN E 138 45.95 -40.47 13.92
N PHE E 139 44.87 -41.16 13.58
CA PHE E 139 45.02 -42.44 12.90
C PHE E 139 44.67 -42.28 11.43
N TYR E 140 44.91 -43.36 10.68
CA TYR E 140 44.41 -43.56 9.32
C TYR E 140 44.61 -45.04 8.99
N PRO E 141 43.57 -45.75 8.51
CA PRO E 141 42.21 -45.31 8.19
C PRO E 141 41.29 -45.12 9.40
N ARG E 142 40.00 -44.86 9.12
CA ARG E 142 39.04 -44.53 10.16
C ARG E 142 38.59 -45.77 10.95
N GLU E 143 38.63 -46.95 10.35
CA GLU E 143 38.08 -48.14 11.00
C GLU E 143 38.96 -48.59 12.16
N ALA E 144 38.93 -47.83 13.25
CA ALA E 144 39.64 -48.17 14.47
C ALA E 144 38.66 -48.71 15.49
N LYS E 145 39.02 -49.82 16.14
CA LYS E 145 38.15 -50.51 17.07
C LYS E 145 38.60 -50.20 18.50
N VAL E 146 37.64 -49.79 19.34
CA VAL E 146 37.91 -49.40 20.72
C VAL E 146 37.05 -50.26 21.63
N GLN E 147 37.67 -50.85 22.65
CA GLN E 147 36.98 -51.65 23.64
C GLN E 147 37.39 -51.20 25.04
N TRP E 148 36.46 -51.30 25.98
CA TRP E 148 36.68 -50.89 27.35
C TRP E 148 36.73 -52.10 28.27
N LYS E 149 37.73 -52.14 29.14
CA LYS E 149 37.89 -53.21 30.12
C LYS E 149 38.04 -52.59 31.50
N VAL E 150 37.27 -53.09 32.45
CA VAL E 150 37.30 -52.63 33.84
C VAL E 150 37.54 -53.84 34.73
N ASP E 151 38.64 -53.80 35.47
CA ASP E 151 39.10 -54.96 36.25
C ASP E 151 39.20 -56.20 35.38
N ASN E 152 39.72 -56.01 34.16
CA ASN E 152 39.88 -57.04 33.13
C ASN E 152 38.55 -57.63 32.70
N ALA E 153 37.44 -56.95 32.98
CA ALA E 153 36.11 -57.38 32.56
C ALA E 153 35.62 -56.46 31.45
N LEU E 154 35.16 -57.05 30.35
CA LEU E 154 34.74 -56.27 29.20
C LEU E 154 33.50 -55.44 29.52
N GLN E 155 33.50 -54.19 29.08
CA GLN E 155 32.37 -53.29 29.23
C GLN E 155 31.87 -52.89 27.85
N SER E 156 30.57 -53.09 27.62
CA SER E 156 29.95 -52.79 26.34
C SER E 156 28.58 -52.19 26.57
N GLY E 157 28.12 -51.40 25.59
CA GLY E 157 26.81 -50.78 25.66
C GLY E 157 26.80 -49.47 26.41
N ASN E 158 27.70 -49.31 27.38
CA ASN E 158 27.79 -48.11 28.18
C ASN E 158 28.86 -47.14 27.68
N SER E 159 29.20 -47.20 26.39
CA SER E 159 30.19 -46.31 25.81
C SER E 159 29.68 -45.77 24.48
N GLN E 160 30.17 -44.58 24.12
CA GLN E 160 29.81 -43.92 22.88
C GLN E 160 31.07 -43.39 22.21
N GLU E 161 31.01 -43.25 20.88
CA GLU E 161 32.15 -42.84 20.08
C GLU E 161 31.77 -41.70 19.16
N SER E 162 32.74 -40.83 18.87
CA SER E 162 32.57 -39.74 17.94
C SER E 162 33.84 -39.58 17.11
N VAL E 163 33.68 -39.17 15.86
CA VAL E 163 34.78 -39.07 14.91
C VAL E 163 34.77 -37.68 14.29
N THR E 164 35.95 -37.07 14.19
CA THR E 164 36.10 -35.78 13.54
C THR E 164 36.30 -35.95 12.04
N GLU E 165 36.14 -34.84 11.32
CA GLU E 165 36.32 -34.84 9.87
C GLU E 165 37.80 -34.89 9.52
N GLN E 166 38.08 -35.47 8.36
CA GLN E 166 39.46 -35.63 7.90
C GLN E 166 40.06 -34.27 7.55
N ASP E 167 41.26 -34.01 8.07
CA ASP E 167 41.95 -32.75 7.88
C ASP E 167 43.13 -32.95 6.94
N SER E 168 43.23 -32.08 5.92
CA SER E 168 44.25 -32.22 4.90
C SER E 168 45.64 -31.84 5.38
N LYS E 169 45.78 -31.27 6.58
CA LYS E 169 47.09 -30.85 7.06
C LYS E 169 48.05 -32.03 7.17
N ASP E 170 47.62 -33.11 7.82
CA ASP E 170 48.43 -34.31 7.92
C ASP E 170 47.58 -35.58 7.81
N SER E 171 46.47 -35.50 7.06
CA SER E 171 45.52 -36.61 6.97
C SER E 171 45.04 -37.05 8.35
N THR E 172 44.75 -36.08 9.20
CA THR E 172 44.48 -36.30 10.61
C THR E 172 42.99 -36.20 10.92
N TYR E 173 42.53 -37.10 11.80
CA TYR E 173 41.16 -37.09 12.30
C TYR E 173 41.12 -38.01 13.52
N SER E 174 40.73 -37.48 14.67
CA SER E 174 40.70 -38.27 15.90
C SER E 174 39.33 -38.86 16.16
N LEU E 175 39.29 -39.85 17.06
CA LEU E 175 38.05 -40.47 17.52
C LEU E 175 38.05 -40.45 19.05
N SER E 176 36.96 -39.98 19.63
CA SER E 176 36.80 -39.90 21.08
C SER E 176 35.85 -40.99 21.55
N SER E 177 36.31 -41.83 22.47
CA SER E 177 35.50 -42.86 23.09
C SER E 177 35.39 -42.56 24.58
N THR E 178 34.16 -42.56 25.10
CA THR E 178 33.90 -42.20 26.49
C THR E 178 33.15 -43.33 27.17
N LEU E 179 33.55 -43.64 28.40
CA LEU E 179 32.91 -44.67 29.22
C LEU E 179 32.18 -44.00 30.36
N THR E 180 30.89 -44.31 30.51
CA THR E 180 30.03 -43.67 31.50
C THR E 180 29.61 -44.69 32.55
N LEU E 181 29.81 -44.34 33.82
CA LEU E 181 29.38 -45.18 34.93
C LEU E 181 29.15 -44.29 36.13
N SER E 182 28.32 -44.78 37.06
CA SER E 182 28.01 -44.01 38.26
C SER E 182 29.23 -43.96 39.19
N LYS E 183 29.22 -42.98 40.09
CA LYS E 183 30.31 -42.82 41.05
C LYS E 183 30.45 -44.03 41.95
N ALA E 184 29.32 -44.65 42.33
CA ALA E 184 29.38 -45.79 43.23
C ALA E 184 30.13 -46.96 42.60
N ASP E 185 29.89 -47.23 41.32
CA ASP E 185 30.61 -48.31 40.64
C ASP E 185 32.08 -47.96 40.44
N TYR E 186 32.41 -46.68 40.27
CA TYR E 186 33.80 -46.29 40.09
C TYR E 186 34.63 -46.64 41.30
N GLU E 187 34.04 -46.59 42.50
CA GLU E 187 34.75 -46.97 43.71
C GLU E 187 34.89 -48.48 43.84
N LYS E 188 33.88 -49.23 43.42
CA LYS E 188 33.93 -50.69 43.53
C LYS E 188 35.01 -51.31 42.66
N HIS E 189 35.40 -50.65 41.58
CA HIS E 189 36.39 -51.18 40.65
C HIS E 189 37.66 -50.34 40.70
N LYS E 190 38.79 -51.01 40.47
CA LYS E 190 40.11 -50.39 40.59
C LYS E 190 40.81 -50.20 39.26
N VAL E 191 40.88 -51.24 38.43
CA VAL E 191 41.64 -51.21 37.18
C VAL E 191 40.70 -50.83 36.04
N TYR E 192 41.08 -49.83 35.26
CA TYR E 192 40.33 -49.38 34.10
C TYR E 192 41.26 -49.30 32.91
N ALA E 193 40.89 -49.94 31.80
CA ALA E 193 41.75 -50.03 30.64
C ALA E 193 40.93 -49.85 29.37
N CYS E 194 41.61 -49.41 28.31
CA CYS E 194 41.02 -49.25 26.99
C CYS E 194 41.95 -49.89 25.96
N GLU E 195 41.37 -50.67 25.06
CA GLU E 195 42.13 -51.39 24.04
C GLU E 195 41.76 -50.86 22.65
N VAL E 196 42.77 -50.56 21.85
CA VAL E 196 42.58 -50.02 20.50
C VAL E 196 43.21 -50.97 19.50
N THR E 197 42.42 -51.37 18.49
CA THR E 197 42.88 -52.23 17.42
C THR E 197 42.74 -51.47 16.10
N HIS E 198 43.83 -51.44 15.32
CA HIS E 198 43.84 -50.67 14.10
C HIS E 198 44.77 -51.34 13.09
N GLN E 199 44.57 -51.00 11.81
CA GLN E 199 45.32 -51.64 10.73
C GLN E 199 46.82 -51.41 10.87
N GLY E 200 47.21 -50.19 11.24
CA GLY E 200 48.62 -49.84 11.35
C GLY E 200 49.32 -50.30 12.60
N LEU E 201 48.60 -50.98 13.51
CA LEU E 201 49.18 -51.50 14.73
C LEU E 201 49.43 -52.99 14.58
N SER E 202 50.67 -53.43 14.83
CA SER E 202 50.97 -54.85 14.82
C SER E 202 50.20 -55.58 15.93
N SER E 203 50.12 -54.97 17.11
CA SER E 203 49.36 -55.49 18.23
C SER E 203 48.52 -54.37 18.83
N PRO E 204 47.41 -54.71 19.46
CA PRO E 204 46.56 -53.67 20.07
C PRO E 204 47.32 -52.89 21.15
N VAL E 205 47.04 -51.60 21.22
CA VAL E 205 47.66 -50.70 22.20
C VAL E 205 46.68 -50.49 23.35
N THR E 206 47.16 -50.69 24.58
CA THR E 206 46.32 -50.61 25.77
C THR E 206 46.84 -49.52 26.69
N LYS E 207 45.95 -48.64 27.14
CA LYS E 207 46.25 -47.64 28.14
C LYS E 207 45.37 -47.89 29.36
N SER E 208 45.99 -47.84 30.54
CA SER E 208 45.27 -48.19 31.77
C SER E 208 45.80 -47.37 32.93
N PHE E 209 44.99 -47.30 33.98
CA PHE E 209 45.38 -46.64 35.22
C PHE E 209 44.75 -47.39 36.39
N ASN E 210 45.34 -47.21 37.56
CA ASN E 210 44.90 -47.89 38.77
C ASN E 210 44.38 -46.83 39.75
N ARG E 211 43.10 -46.49 39.62
CA ARG E 211 42.46 -45.51 40.49
C ARG E 211 41.03 -45.97 40.77
N GLY E 212 40.63 -45.86 42.03
CA GLY E 212 39.29 -46.26 42.44
C GLY E 212 39.10 -46.28 43.94
N GLU F 1 8.34 25.67 -20.33
CA GLU F 1 7.69 24.52 -20.97
C GLU F 1 7.96 23.26 -20.16
N VAL F 2 9.04 22.57 -20.49
CA VAL F 2 9.47 21.36 -19.78
C VAL F 2 10.96 21.47 -19.51
N GLN F 3 11.37 21.19 -18.27
CA GLN F 3 12.76 21.29 -17.87
C GLN F 3 13.18 20.02 -17.15
N LEU F 4 14.44 19.62 -17.35
CA LEU F 4 15.03 18.48 -16.68
C LEU F 4 16.34 18.92 -16.05
N VAL F 5 16.41 18.84 -14.72
CA VAL F 5 17.55 19.32 -13.97
C VAL F 5 18.18 18.17 -13.22
N GLU F 6 19.50 18.01 -13.34
CA GLU F 6 20.25 16.98 -12.64
C GLU F 6 21.15 17.61 -11.60
N ASN F 7 21.33 16.90 -10.48
CA ASN F 7 22.17 17.37 -9.39
C ASN F 7 23.09 16.24 -8.95
N GLY F 8 24.26 16.63 -8.43
CA GLY F 8 25.24 15.66 -8.00
C GLY F 8 26.44 15.60 -8.92
N GLY F 9 27.63 15.88 -8.38
CA GLY F 9 28.85 15.88 -9.17
C GLY F 9 30.04 16.43 -8.44
N GLY F 10 30.78 17.34 -9.09
CA GLY F 10 31.96 17.90 -8.47
C GLY F 10 33.08 16.86 -8.37
N LEU F 11 33.91 17.04 -7.34
CA LEU F 11 35.01 16.11 -7.11
C LEU F 11 34.45 14.77 -6.66
N VAL F 12 34.88 13.69 -7.32
CA VAL F 12 34.40 12.35 -7.05
C VAL F 12 35.60 11.49 -6.66
N LYS F 13 35.46 10.76 -5.56
CA LYS F 13 36.54 9.91 -5.06
C LYS F 13 36.74 8.72 -5.99
N PRO F 14 37.92 8.57 -6.61
CA PRO F 14 38.16 7.36 -7.40
C PRO F 14 38.35 6.15 -6.51
N GLY F 15 37.36 5.28 -6.48
CA GLY F 15 37.33 4.18 -5.54
C GLY F 15 36.27 4.37 -4.48
N GLY F 16 35.18 5.05 -4.86
CA GLY F 16 34.09 5.32 -3.95
C GLY F 16 32.78 5.41 -4.69
N SER F 17 31.70 5.52 -3.92
CA SER F 17 30.35 5.56 -4.46
C SER F 17 29.87 7.00 -4.63
N LEU F 18 28.83 7.16 -5.45
CA LEU F 18 28.21 8.45 -5.68
C LEU F 18 26.80 8.24 -6.21
N ARG F 19 25.91 9.17 -5.89
CA ARG F 19 24.52 9.13 -6.31
C ARG F 19 24.18 10.43 -7.02
N LEU F 20 23.53 10.32 -8.17
CA LEU F 20 23.02 11.46 -8.91
C LEU F 20 21.50 11.40 -9.00
N SER F 21 20.87 12.56 -9.03
CA SER F 21 19.43 12.67 -9.06
C SER F 21 18.99 13.55 -10.22
N CYS F 22 17.81 13.27 -10.75
CA CYS F 22 17.21 14.05 -11.83
C CYS F 22 15.82 14.51 -11.41
N ALA F 23 15.53 15.79 -11.62
CA ALA F 23 14.25 16.38 -11.26
C ALA F 23 13.58 16.93 -12.50
N ALA F 24 12.30 16.62 -12.68
CA ALA F 24 11.53 17.08 -13.82
C ALA F 24 10.46 18.08 -13.36
N SER F 25 10.35 19.17 -14.09
CA SER F 25 9.39 20.22 -13.79
C SER F 25 8.59 20.57 -15.04
N GLY F 26 7.33 20.93 -14.83
CA GLY F 26 6.44 21.27 -15.94
C GLY F 26 5.87 20.08 -16.66
N PHE F 27 6.09 18.86 -16.18
CA PHE F 27 5.57 17.67 -16.83
C PHE F 27 5.50 16.55 -15.80
N THR F 28 4.42 15.77 -15.85
CA THR F 28 4.22 14.67 -14.92
C THR F 28 4.76 13.39 -15.54
N ILE F 29 5.80 12.83 -14.92
CA ILE F 29 6.47 11.64 -15.46
C ILE F 29 5.59 10.43 -15.14
N SER F 30 4.80 10.01 -16.12
CA SER F 30 3.94 8.84 -15.99
C SER F 30 3.72 8.24 -17.37
N SER F 31 3.75 6.91 -17.44
CA SER F 31 3.57 6.17 -18.70
C SER F 31 4.61 6.57 -19.74
N TYR F 32 5.83 6.89 -19.30
CA TYR F 32 6.92 7.25 -20.18
C TYR F 32 8.22 6.67 -19.64
N GLY F 33 9.18 6.50 -20.54
CA GLY F 33 10.47 5.95 -20.19
C GLY F 33 11.51 7.03 -19.95
N MET F 34 12.53 6.67 -19.19
CA MET F 34 13.63 7.57 -18.85
C MET F 34 14.96 6.85 -19.06
N ASN F 35 15.95 7.58 -19.56
CA ASN F 35 17.23 7.00 -19.93
C ASN F 35 18.36 7.85 -19.38
N TRP F 36 19.52 7.19 -19.20
CA TRP F 36 20.76 7.85 -18.83
C TRP F 36 21.79 7.63 -19.92
N VAL F 37 22.42 8.72 -20.36
CA VAL F 37 23.46 8.67 -21.38
C VAL F 37 24.63 9.54 -20.92
N ARG F 38 25.84 9.10 -21.24
CA ARG F 38 27.05 9.82 -20.88
C ARG F 38 27.86 10.14 -22.14
N GLN F 39 28.72 11.15 -22.01
CA GLN F 39 29.53 11.59 -23.14
C GLN F 39 30.88 12.04 -22.60
N ALA F 40 31.89 11.20 -22.75
CA ALA F 40 33.23 11.54 -22.30
C ALA F 40 33.80 12.66 -23.17
N PRO F 41 34.65 13.52 -22.60
CA PRO F 41 35.28 14.58 -23.40
C PRO F 41 36.08 13.98 -24.55
N GLY F 42 35.91 14.56 -25.74
CA GLY F 42 36.56 14.04 -26.92
C GLY F 42 35.99 12.73 -27.42
N LYS F 43 34.83 12.31 -26.93
CA LYS F 43 34.22 11.05 -27.32
C LYS F 43 32.73 11.27 -27.53
N GLY F 44 32.12 10.35 -28.28
CA GLY F 44 30.71 10.42 -28.59
C GLY F 44 29.85 9.98 -27.42
N LEU F 45 28.54 10.13 -27.62
CA LEU F 45 27.57 9.75 -26.59
C LEU F 45 27.56 8.24 -26.39
N GLU F 46 27.21 7.83 -25.18
CA GLU F 46 27.14 6.42 -24.82
C GLU F 46 25.99 6.20 -23.85
N TRP F 47 25.18 5.19 -24.12
CA TRP F 47 24.07 4.86 -23.24
C TRP F 47 24.57 4.23 -21.94
N VAL F 48 23.87 4.53 -20.85
CA VAL F 48 24.27 4.04 -19.53
C VAL F 48 23.20 3.11 -18.97
N SER F 49 21.99 3.63 -18.75
CA SER F 49 20.93 2.85 -18.14
C SER F 49 19.59 3.47 -18.49
N SER F 50 18.54 2.68 -18.30
CA SER F 50 17.17 3.13 -18.54
C SER F 50 16.22 2.30 -17.68
N ILE F 51 15.02 2.84 -17.48
CA ILE F 51 14.02 2.23 -16.63
C ILE F 51 12.67 2.30 -17.31
N SER F 52 11.80 1.33 -17.02
CA SER F 52 10.50 1.21 -17.68
C SER F 52 9.41 0.92 -16.65
N SER F 53 8.19 1.34 -16.99
CA SER F 53 7.00 1.08 -16.18
C SER F 53 7.18 1.59 -14.75
N GLY F 54 7.81 2.76 -14.61
CA GLY F 54 8.04 3.33 -13.30
C GLY F 54 9.23 2.70 -12.60
N SER F 55 9.05 1.50 -12.06
CA SER F 55 10.15 0.77 -11.44
C SER F 55 10.12 -0.72 -11.73
N THR F 56 9.24 -1.19 -12.62
CA THR F 56 9.09 -2.62 -12.83
C THR F 56 10.31 -3.21 -13.54
N TYR F 57 10.75 -2.57 -14.62
CA TYR F 57 11.87 -3.06 -15.41
C TYR F 57 13.00 -2.06 -15.41
N LYS F 58 14.22 -2.57 -15.46
CA LYS F 58 15.42 -1.73 -15.40
C LYS F 58 16.50 -2.36 -16.26
N TYR F 59 17.30 -1.52 -16.92
CA TYR F 59 18.28 -1.99 -17.88
C TYR F 59 19.59 -1.24 -17.65
N TYR F 60 20.69 -1.95 -17.88
CA TYR F 60 22.03 -1.38 -17.70
C TYR F 60 22.91 -1.78 -18.88
N SER F 61 23.94 -0.96 -19.11
CA SER F 61 24.92 -1.27 -20.13
C SER F 61 25.83 -2.40 -19.64
N ASP F 62 26.54 -3.02 -20.60
CA ASP F 62 27.43 -4.12 -20.27
C ASP F 62 28.56 -3.66 -19.35
N SER F 63 29.10 -2.47 -19.60
CA SER F 63 30.19 -1.97 -18.77
C SER F 63 29.72 -1.67 -17.35
N VAL F 64 28.50 -1.20 -17.20
CA VAL F 64 27.95 -0.84 -15.90
C VAL F 64 26.94 -1.88 -15.41
N LYS F 65 27.00 -3.10 -15.93
CA LYS F 65 26.08 -4.15 -15.52
C LYS F 65 26.31 -4.52 -14.06
N GLY F 66 25.28 -4.36 -13.23
CA GLY F 66 25.38 -4.71 -11.83
C GLY F 66 26.02 -3.62 -10.98
N ARG F 67 27.10 -3.04 -11.49
CA ARG F 67 27.82 -2.00 -10.75
C ARG F 67 26.98 -0.74 -10.61
N PHE F 68 26.05 -0.49 -11.54
CA PHE F 68 25.16 0.66 -11.49
C PHE F 68 23.73 0.19 -11.25
N THR F 69 22.99 0.99 -10.48
CA THR F 69 21.60 0.71 -10.17
C THR F 69 20.76 1.95 -10.47
N ILE F 70 19.60 1.74 -11.09
CA ILE F 70 18.70 2.82 -11.47
C ILE F 70 17.39 2.66 -10.69
N SER F 71 16.78 3.79 -10.35
CA SER F 71 15.52 3.79 -9.63
C SER F 71 14.74 5.04 -9.99
N ARG F 72 13.41 4.93 -9.90
CA ARG F 72 12.51 6.05 -10.20
C ARG F 72 11.41 6.10 -9.15
N ASP F 73 11.11 7.30 -8.66
CA ASP F 73 10.08 7.51 -7.66
C ASP F 73 8.96 8.33 -8.31
N ASN F 74 7.74 7.79 -8.29
CA ASN F 74 6.61 8.50 -8.86
C ASN F 74 6.12 9.61 -7.94
N ALA F 75 6.16 9.38 -6.62
CA ALA F 75 5.71 10.40 -5.68
C ALA F 75 6.57 11.66 -5.76
N LYS F 76 7.88 11.49 -5.85
CA LYS F 76 8.80 12.62 -5.96
C LYS F 76 9.05 13.05 -7.40
N ASN F 77 8.59 12.27 -8.38
CA ASN F 77 8.78 12.57 -9.80
C ASN F 77 10.26 12.81 -10.10
N SER F 78 11.10 11.89 -9.64
CA SER F 78 12.55 12.03 -9.78
C SER F 78 13.15 10.73 -10.25
N LEU F 79 14.31 10.83 -10.89
CA LEU F 79 15.06 9.69 -11.41
C LEU F 79 16.39 9.63 -10.69
N TYR F 80 16.73 8.44 -10.19
CA TYR F 80 17.97 8.24 -9.44
C TYR F 80 18.76 7.08 -10.04
N LEU F 81 20.07 7.27 -10.17
CA LEU F 81 20.98 6.18 -10.47
C LEU F 81 22.02 6.09 -9.36
N GLN F 82 22.43 4.86 -9.03
CA GLN F 82 23.37 4.62 -7.95
C GLN F 82 24.57 3.85 -8.48
N MET F 83 25.76 4.41 -8.28
CA MET F 83 27.02 3.71 -8.54
C MET F 83 27.43 3.03 -7.24
N ASN F 84 27.13 1.73 -7.12
CA ASN F 84 27.11 1.04 -5.84
C ASN F 84 28.43 1.08 -5.08
N THR F 85 29.47 0.42 -5.59
CA THR F 85 30.70 0.29 -4.81
C THR F 85 31.78 1.28 -5.22
N LEU F 86 32.24 1.20 -6.47
CA LEU F 86 33.24 2.12 -6.97
C LEU F 86 33.46 1.88 -8.46
N ARG F 87 33.61 2.96 -9.21
CA ARG F 87 34.07 2.92 -10.61
C ARG F 87 34.81 4.21 -10.88
N ALA F 88 35.97 4.12 -11.53
CA ALA F 88 36.85 5.27 -11.71
C ALA F 88 37.09 5.66 -13.16
N GLU F 89 36.92 4.75 -14.11
CA GLU F 89 37.20 5.03 -15.51
C GLU F 89 35.98 5.53 -16.28
N ASP F 90 34.88 5.84 -15.58
CA ASP F 90 33.67 6.35 -16.21
C ASP F 90 33.59 7.87 -16.16
N THR F 91 34.72 8.56 -16.18
CA THR F 91 34.72 10.02 -16.13
C THR F 91 34.07 10.62 -17.37
N ALA F 92 32.90 11.24 -17.18
CA ALA F 92 32.13 11.82 -18.27
C ALA F 92 31.02 12.67 -17.68
N VAL F 93 30.32 13.38 -18.56
CA VAL F 93 29.13 14.14 -18.20
C VAL F 93 27.90 13.33 -18.56
N TYR F 94 26.99 13.18 -17.62
CA TYR F 94 25.84 12.29 -17.76
C TYR F 94 24.58 13.11 -18.05
N TYR F 95 23.82 12.68 -19.04
CA TYR F 95 22.59 13.33 -19.46
C TYR F 95 21.41 12.41 -19.24
N CYS F 96 20.24 13.03 -19.07
CA CYS F 96 18.97 12.32 -18.96
C CYS F 96 18.05 12.76 -20.09
N ALA F 97 17.26 11.83 -20.61
CA ALA F 97 16.41 12.10 -21.75
C ALA F 97 15.07 11.42 -21.56
N ARG F 98 13.99 12.20 -21.68
CA ARG F 98 12.65 11.63 -21.68
C ARG F 98 12.43 10.85 -22.98
N ALA F 99 11.66 9.76 -22.87
CA ALA F 99 11.46 8.86 -24.00
C ALA F 99 10.17 8.09 -23.78
N PRO F 100 9.61 7.48 -24.83
CA PRO F 100 8.41 6.66 -24.66
C PRO F 100 8.63 5.43 -23.79
N GLU F 101 7.58 4.64 -23.60
CA GLU F 101 7.68 3.45 -22.77
C GLU F 101 8.62 2.44 -23.41
N PRO F 102 9.67 1.99 -22.72
CA PRO F 102 10.59 1.01 -23.31
C PRO F 102 9.86 -0.28 -23.68
N GLY F 103 10.25 -0.84 -24.81
CA GLY F 103 9.64 -2.06 -25.29
C GLY F 103 10.48 -2.70 -26.38
N LEU F 104 9.88 -3.64 -27.09
CA LEU F 104 10.53 -4.29 -28.21
C LEU F 104 10.48 -3.46 -29.48
N THR F 105 10.01 -2.23 -29.40
CA THR F 105 9.98 -1.31 -30.54
C THR F 105 10.86 -0.08 -30.30
N TRP F 106 10.67 0.62 -29.18
CA TRP F 106 11.40 1.82 -28.79
C TRP F 106 11.17 3.01 -29.72
N PHE F 107 10.20 2.92 -30.62
CA PHE F 107 9.93 4.05 -31.51
C PHE F 107 9.20 5.17 -30.77
N GLY F 108 9.31 6.37 -31.32
CA GLY F 108 8.72 7.57 -30.76
C GLY F 108 9.72 8.69 -30.71
N GLU F 109 9.34 9.75 -29.99
CA GLU F 109 10.21 10.92 -29.83
C GLU F 109 11.18 10.69 -28.68
N TRP F 110 12.14 9.79 -28.92
CA TRP F 110 13.18 9.53 -27.93
C TRP F 110 14.05 10.76 -27.75
N GLY F 111 14.23 11.16 -26.50
CA GLY F 111 14.99 12.37 -26.21
C GLY F 111 14.33 13.64 -26.70
N ASP F 112 13.01 13.76 -26.53
CA ASP F 112 12.34 15.02 -26.87
C ASP F 112 12.81 16.15 -25.97
N TYR F 113 13.00 15.86 -24.68
CA TYR F 113 13.53 16.82 -23.72
C TYR F 113 14.77 16.23 -23.07
N TRP F 114 15.80 17.06 -22.93
CA TRP F 114 17.09 16.60 -22.42
C TRP F 114 17.47 17.41 -21.19
N GLY F 115 18.18 16.75 -20.27
CA GLY F 115 18.76 17.44 -19.14
C GLY F 115 20.06 18.12 -19.53
N GLN F 116 20.36 19.22 -18.83
CA GLN F 116 21.55 19.99 -19.14
C GLN F 116 22.83 19.21 -18.86
N GLY F 117 22.78 18.23 -17.98
CA GLY F 117 23.91 17.35 -17.75
C GLY F 117 24.72 17.74 -16.53
N THR F 118 25.31 16.73 -15.90
CA THR F 118 26.19 16.92 -14.75
C THR F 118 27.52 16.24 -15.02
N LEU F 119 28.61 16.93 -14.69
CA LEU F 119 29.96 16.43 -14.96
C LEU F 119 30.40 15.57 -13.78
N VAL F 120 30.57 14.27 -14.03
CA VAL F 120 31.02 13.31 -13.02
C VAL F 120 32.52 13.14 -13.21
N THR F 121 33.31 13.80 -12.38
CA THR F 121 34.77 13.79 -12.49
C THR F 121 35.31 12.85 -11.42
N VAL F 122 35.47 11.57 -11.78
CA VAL F 122 35.98 10.57 -10.86
C VAL F 122 37.50 10.59 -10.99
N SER F 123 38.14 11.46 -10.21
CA SER F 123 39.59 11.60 -10.26
C SER F 123 40.09 12.01 -8.89
N SER F 124 41.39 11.84 -8.67
CA SER F 124 42.00 12.19 -7.41
C SER F 124 41.83 13.68 -7.12
N ALA F 125 41.69 14.02 -5.84
CA ALA F 125 41.49 15.41 -5.44
C ALA F 125 42.63 16.28 -5.94
N SER F 126 42.28 17.35 -6.66
CA SER F 126 43.28 18.20 -7.28
C SER F 126 42.96 19.69 -7.16
N THR F 127 42.10 20.08 -6.23
CA THR F 127 41.75 21.48 -6.07
C THR F 127 43.00 22.30 -5.75
N LYS F 128 43.17 23.42 -6.46
CA LYS F 128 44.38 24.21 -6.35
C LYS F 128 44.14 25.57 -7.01
N GLY F 129 44.88 26.58 -6.55
CA GLY F 129 44.81 27.89 -7.13
C GLY F 129 45.70 28.00 -8.36
N PRO F 130 45.24 28.74 -9.37
CA PRO F 130 46.01 28.85 -10.62
C PRO F 130 47.30 29.64 -10.43
N SER F 131 48.28 29.30 -11.26
CA SER F 131 49.57 30.00 -11.30
C SER F 131 49.74 30.61 -12.68
N VAL F 132 50.02 31.91 -12.72
CA VAL F 132 50.09 32.67 -13.97
C VAL F 132 51.54 33.05 -14.24
N PHE F 133 52.00 32.77 -15.46
CA PHE F 133 53.35 33.13 -15.88
C PHE F 133 53.27 33.90 -17.20
N PRO F 134 53.87 35.08 -17.29
CA PRO F 134 53.74 35.90 -18.49
C PRO F 134 54.55 35.34 -19.67
N LEU F 135 54.12 35.72 -20.86
CA LEU F 135 54.83 35.40 -22.10
C LEU F 135 55.20 36.71 -22.78
N ALA F 136 56.49 37.03 -22.78
CA ALA F 136 56.95 38.31 -23.31
C ALA F 136 56.74 38.37 -24.83
N PRO F 137 56.35 39.52 -25.36
CA PRO F 137 56.22 39.66 -26.82
C PRO F 137 57.58 39.89 -27.46
N SER F 138 57.56 40.12 -28.77
CA SER F 138 58.78 40.38 -29.54
C SER F 138 58.91 41.89 -29.75
N SER F 139 59.80 42.50 -28.98
CA SER F 139 60.09 43.93 -29.12
C SER F 139 61.35 44.10 -29.96
N LYS F 140 61.23 44.83 -31.06
CA LYS F 140 62.32 45.01 -32.00
C LYS F 140 62.16 46.36 -32.69
N SER F 141 63.23 46.78 -33.36
CA SER F 141 63.28 48.06 -34.06
C SER F 141 62.80 47.88 -35.50
N THR F 142 63.05 48.87 -36.35
CA THR F 142 62.62 48.91 -37.76
C THR F 142 61.09 48.84 -37.76
N SER F 143 60.47 47.99 -38.57
CA SER F 143 59.01 47.96 -38.72
C SER F 143 58.52 46.56 -38.40
N GLY F 144 58.26 46.30 -37.12
CA GLY F 144 57.66 45.04 -36.74
C GLY F 144 56.22 44.92 -37.20
N GLY F 145 55.47 46.03 -37.16
CA GLY F 145 54.08 46.03 -37.55
C GLY F 145 53.16 45.65 -36.41
N THR F 146 53.18 44.38 -36.02
CA THR F 146 52.39 43.91 -34.88
C THR F 146 53.13 42.77 -34.20
N ALA F 147 53.03 42.72 -32.88
CA ALA F 147 53.67 41.69 -32.08
C ALA F 147 52.64 41.10 -31.12
N ALA F 148 52.61 39.77 -31.03
CA ALA F 148 51.65 39.08 -30.19
C ALA F 148 52.22 38.90 -28.77
N LEU F 149 51.35 39.04 -27.78
CA LEU F 149 51.70 38.82 -26.40
C LEU F 149 50.56 38.09 -25.71
N GLY F 150 50.88 37.38 -24.64
CA GLY F 150 49.87 36.62 -23.93
C GLY F 150 50.36 36.17 -22.58
N CYS F 151 49.50 35.42 -21.90
CA CYS F 151 49.79 34.89 -20.57
C CYS F 151 49.51 33.39 -20.56
N LEU F 152 50.20 32.69 -19.65
CA LEU F 152 50.06 31.24 -19.52
C LEU F 152 49.73 30.91 -18.07
N VAL F 153 48.74 30.04 -17.87
CA VAL F 153 48.31 29.62 -16.55
C VAL F 153 48.51 28.12 -16.43
N LYS F 154 48.89 27.68 -15.23
CA LYS F 154 49.15 26.27 -14.96
C LYS F 154 48.60 25.88 -13.60
N ASP F 155 48.27 24.59 -13.46
CA ASP F 155 47.96 23.98 -12.18
C ASP F 155 46.76 24.65 -11.49
N TYR F 156 45.60 24.54 -12.13
CA TYR F 156 44.34 24.93 -11.52
C TYR F 156 43.31 23.84 -11.74
N PHE F 157 42.42 23.68 -10.77
CA PHE F 157 41.36 22.67 -10.84
C PHE F 157 40.31 22.96 -9.78
N PRO F 158 39.03 22.77 -10.07
CA PRO F 158 38.45 22.34 -11.36
C PRO F 158 38.01 23.51 -12.24
N GLU F 159 37.34 23.20 -13.34
CA GLU F 159 36.80 24.22 -14.23
C GLU F 159 35.64 24.94 -13.56
N PRO F 160 35.29 26.16 -14.02
CA PRO F 160 35.91 26.93 -15.11
C PRO F 160 36.80 28.07 -14.63
N VAL F 161 37.43 28.78 -15.56
CA VAL F 161 38.20 29.98 -15.28
C VAL F 161 37.83 31.05 -16.29
N THR F 162 38.08 32.30 -15.92
CA THR F 162 37.83 33.44 -16.80
C THR F 162 39.10 34.28 -16.89
N VAL F 163 39.52 34.60 -18.11
CA VAL F 163 40.71 35.40 -18.36
C VAL F 163 40.30 36.63 -19.17
N SER F 164 40.68 37.81 -18.70
CA SER F 164 40.35 39.06 -19.35
C SER F 164 41.61 39.92 -19.44
N TRP F 165 41.55 40.93 -20.28
CA TRP F 165 42.68 41.84 -20.51
C TRP F 165 42.29 43.26 -20.15
N ASN F 166 43.09 43.87 -19.26
CA ASN F 166 42.89 45.26 -18.84
C ASN F 166 41.48 45.51 -18.33
N SER F 167 41.02 44.60 -17.45
CA SER F 167 39.68 44.67 -16.87
C SER F 167 38.60 44.70 -17.95
N GLY F 168 38.77 43.86 -18.97
CA GLY F 168 37.81 43.78 -20.06
C GLY F 168 38.01 44.78 -21.17
N ALA F 169 39.10 45.54 -21.17
CA ALA F 169 39.37 46.50 -22.22
C ALA F 169 40.19 45.86 -23.35
N LEU F 170 40.09 46.44 -24.53
CA LEU F 170 40.80 45.97 -25.72
C LEU F 170 40.46 44.50 -26.01
N THR F 171 39.18 44.26 -26.31
CA THR F 171 38.69 42.92 -26.59
C THR F 171 38.88 42.52 -28.05
N SER F 172 39.46 43.38 -28.87
CA SER F 172 39.70 43.06 -30.27
C SER F 172 40.97 42.23 -30.41
N GLY F 173 40.90 41.14 -31.16
CA GLY F 173 42.06 40.29 -31.40
C GLY F 173 42.57 39.57 -30.17
N VAL F 174 41.68 39.02 -29.36
CA VAL F 174 42.06 38.22 -28.18
C VAL F 174 41.45 36.84 -28.34
N HIS F 175 42.28 35.81 -28.16
CA HIS F 175 41.85 34.42 -28.29
C HIS F 175 42.22 33.66 -27.04
N THR F 176 41.27 32.92 -26.47
CA THR F 176 41.50 32.05 -25.33
C THR F 176 41.42 30.61 -25.80
N PHE F 177 42.47 29.84 -25.52
CA PHE F 177 42.54 28.48 -26.04
C PHE F 177 41.92 27.49 -25.05
N PRO F 178 41.38 26.38 -25.55
CA PRO F 178 40.78 25.39 -24.65
C PRO F 178 41.81 24.78 -23.70
N ALA F 179 41.34 24.41 -22.52
CA ALA F 179 42.22 23.85 -21.49
C ALA F 179 42.55 22.39 -21.80
N VAL F 180 43.73 21.97 -21.35
CA VAL F 180 44.19 20.60 -21.51
C VAL F 180 44.49 20.03 -20.13
N LEU F 181 43.98 18.82 -19.88
CA LEU F 181 44.20 18.14 -18.59
C LEU F 181 45.53 17.39 -18.67
N GLN F 182 46.53 17.90 -17.97
CA GLN F 182 47.86 17.30 -18.03
C GLN F 182 47.88 15.98 -17.25
N SER F 183 48.96 15.22 -17.47
CA SER F 183 49.10 13.91 -16.84
C SER F 183 49.15 14.00 -15.32
N SER F 184 49.49 15.17 -14.77
CA SER F 184 49.46 15.35 -13.33
C SER F 184 48.05 15.43 -12.77
N GLY F 185 47.03 15.47 -13.62
CA GLY F 185 45.67 15.65 -13.17
C GLY F 185 45.25 17.09 -13.02
N LEU F 186 45.93 18.03 -13.68
CA LEU F 186 45.69 19.44 -13.49
C LEU F 186 45.45 20.08 -14.85
N TYR F 187 44.74 21.21 -14.85
CA TYR F 187 44.38 21.89 -16.09
C TYR F 187 45.41 22.94 -16.47
N SER F 188 45.33 23.40 -17.71
CA SER F 188 46.25 24.41 -18.23
C SER F 188 45.73 24.93 -19.56
N LEU F 189 45.80 26.26 -19.74
CA LEU F 189 45.52 26.89 -21.02
C LEU F 189 46.26 28.21 -21.08
N SER F 190 46.16 28.89 -22.22
CA SER F 190 46.81 30.18 -22.42
C SER F 190 45.90 31.10 -23.22
N SER F 191 46.07 32.40 -22.99
CA SER F 191 45.33 33.43 -23.72
C SER F 191 46.32 34.40 -24.35
N VAL F 192 46.06 34.78 -25.60
CA VAL F 192 46.96 35.64 -26.35
C VAL F 192 46.18 36.80 -26.95
N VAL F 193 46.89 37.89 -27.23
CA VAL F 193 46.36 39.04 -27.95
C VAL F 193 47.38 39.50 -28.97
N THR F 194 46.90 40.22 -29.99
CA THR F 194 47.75 40.82 -31.00
C THR F 194 47.69 42.34 -30.86
N VAL F 195 48.84 42.97 -30.69
CA VAL F 195 48.93 44.42 -30.52
C VAL F 195 50.03 44.94 -31.43
N PRO F 196 49.98 46.22 -31.80
CA PRO F 196 51.07 46.81 -32.60
C PRO F 196 52.39 46.73 -31.84
N SER F 197 53.47 46.50 -32.59
CA SER F 197 54.79 46.31 -32.00
C SER F 197 55.38 47.59 -31.43
N SER F 198 54.82 48.75 -31.77
CA SER F 198 55.38 50.02 -31.29
C SER F 198 54.90 50.40 -29.89
N SER F 199 53.89 49.72 -29.36
CA SER F 199 53.35 50.02 -28.04
C SER F 199 53.86 49.09 -26.96
N LEU F 200 54.74 48.14 -27.29
CA LEU F 200 55.19 47.17 -26.31
C LEU F 200 55.97 47.82 -25.17
N GLY F 201 56.82 48.79 -25.49
CA GLY F 201 57.64 49.43 -24.49
C GLY F 201 56.99 50.52 -23.69
N THR F 202 55.75 50.91 -24.00
CA THR F 202 55.08 52.00 -23.32
C THR F 202 53.66 51.68 -22.85
N GLN F 203 53.05 50.59 -23.29
CA GLN F 203 51.68 50.25 -22.93
C GLN F 203 51.68 49.15 -21.89
N THR F 204 50.75 49.26 -20.94
CA THR F 204 50.66 48.35 -19.80
C THR F 204 49.50 47.38 -20.01
N TYR F 205 49.77 46.09 -19.89
CA TYR F 205 48.78 45.04 -20.09
C TYR F 205 48.63 44.23 -18.80
N ILE F 206 47.40 44.17 -18.28
CA ILE F 206 47.09 43.43 -17.06
C ILE F 206 46.41 42.12 -17.42
N CYS F 207 46.73 41.06 -16.68
CA CYS F 207 46.12 39.74 -16.84
C CYS F 207 45.41 39.39 -15.53
N ASN F 208 44.14 39.77 -15.43
CA ASN F 208 43.34 39.44 -14.26
C ASN F 208 42.64 38.10 -14.48
N VAL F 209 42.99 37.11 -13.66
CA VAL F 209 42.45 35.76 -13.76
C VAL F 209 41.78 35.41 -12.45
N ASN F 210 40.50 35.07 -12.51
CA ASN F 210 39.73 34.67 -11.34
C ASN F 210 39.24 33.24 -11.54
N HIS F 211 39.50 32.39 -10.56
CA HIS F 211 39.15 30.96 -10.64
C HIS F 211 38.02 30.75 -9.63
N LYS F 212 36.80 30.58 -10.14
CA LYS F 212 35.61 30.62 -9.29
C LYS F 212 35.58 29.58 -8.16
N PRO F 213 35.92 28.31 -8.38
CA PRO F 213 35.75 27.31 -7.29
C PRO F 213 36.49 27.65 -6.00
N SER F 214 37.63 28.35 -6.07
CA SER F 214 38.37 28.70 -4.87
C SER F 214 38.39 30.20 -4.61
N ASN F 215 37.67 31.00 -5.41
CA ASN F 215 37.63 32.45 -5.27
C ASN F 215 39.03 33.05 -5.29
N THR F 216 39.87 32.53 -6.18
CA THR F 216 41.25 32.99 -6.31
C THR F 216 41.35 33.94 -7.49
N LYS F 217 41.80 35.17 -7.22
CA LYS F 217 41.97 36.20 -8.24
C LYS F 217 43.42 36.65 -8.25
N VAL F 218 44.06 36.57 -9.41
CA VAL F 218 45.46 36.94 -9.56
C VAL F 218 45.58 37.88 -10.74
N ASP F 219 46.26 39.01 -10.54
CA ASP F 219 46.52 39.99 -11.58
C ASP F 219 48.03 40.05 -11.84
N LYS F 220 48.42 39.94 -13.10
CA LYS F 220 49.82 39.91 -13.48
C LYS F 220 50.08 40.87 -14.64
N LYS F 221 51.33 41.32 -14.73
CA LYS F 221 51.75 42.29 -15.73
C LYS F 221 52.70 41.62 -16.72
N VAL F 222 52.48 41.87 -18.01
CA VAL F 222 53.29 41.28 -19.08
C VAL F 222 54.04 42.41 -19.78
N GLU F 223 55.36 42.29 -19.82
CA GLU F 223 56.23 43.25 -20.48
C GLU F 223 57.33 42.48 -21.20
N PRO F 224 57.90 43.05 -22.26
CA PRO F 224 58.99 42.37 -22.96
C PRO F 224 60.21 42.22 -22.06
N LYS F 225 60.94 41.11 -22.25
CA LYS F 225 62.11 40.82 -21.44
C LYS F 225 63.27 41.75 -21.79
N GLU G 1 24.92 -6.52 -30.30
CA GLU G 1 25.35 -5.13 -30.43
C GLU G 1 25.66 -4.79 -31.88
N ILE G 2 25.22 -3.63 -32.32
CA ILE G 2 25.46 -3.13 -33.67
C ILE G 2 26.14 -1.78 -33.57
N VAL G 3 27.23 -1.61 -34.33
CA VAL G 3 28.03 -0.39 -34.31
C VAL G 3 27.60 0.49 -35.47
N LEU G 4 27.34 1.77 -35.19
CA LEU G 4 26.96 2.73 -36.20
C LEU G 4 28.16 3.59 -36.56
N THR G 5 28.44 3.73 -37.85
CA THR G 5 29.56 4.51 -38.34
C THR G 5 29.05 5.71 -39.12
N GLN G 6 29.53 6.90 -38.77
CA GLN G 6 29.17 8.14 -39.43
C GLN G 6 30.36 8.62 -40.25
N SER G 7 30.15 8.81 -41.55
CA SER G 7 31.23 9.18 -42.46
C SER G 7 30.75 10.24 -43.44
N PRO G 8 31.64 11.14 -43.86
CA PRO G 8 33.03 11.33 -43.40
C PRO G 8 33.09 12.13 -42.11
N VAL G 9 34.25 12.14 -41.43
CA VAL G 9 34.33 12.70 -40.08
C VAL G 9 34.06 14.19 -40.08
N THR G 10 34.72 14.93 -40.98
CA THR G 10 34.66 16.39 -40.98
C THR G 10 34.21 16.90 -42.35
N LEU G 11 33.25 17.82 -42.35
CA LEU G 11 32.72 18.41 -43.56
C LEU G 11 33.03 19.90 -43.58
N SER G 12 33.54 20.38 -44.71
CA SER G 12 33.81 21.81 -44.92
C SER G 12 33.02 22.29 -46.14
N LEU G 13 31.91 22.98 -45.89
CA LEU G 13 31.07 23.51 -46.95
C LEU G 13 30.75 24.97 -46.65
N SER G 14 30.48 25.73 -47.71
CA SER G 14 30.10 27.12 -47.58
C SER G 14 28.62 27.25 -47.24
N PRO G 15 28.23 28.35 -46.59
CA PRO G 15 26.81 28.54 -46.26
C PRO G 15 25.95 28.59 -47.52
N GLY G 16 24.73 28.05 -47.41
CA GLY G 16 23.79 28.01 -48.50
C GLY G 16 23.80 26.73 -49.30
N GLU G 17 24.84 25.93 -49.20
CA GLU G 17 24.90 24.66 -49.92
C GLU G 17 24.01 23.62 -49.26
N ARG G 18 23.62 22.62 -50.04
CA ARG G 18 22.82 21.50 -49.54
C ARG G 18 23.76 20.49 -48.90
N ALA G 19 23.66 20.34 -47.58
CA ALA G 19 24.56 19.46 -46.82
C ALA G 19 23.94 18.08 -46.66
N THR G 20 24.70 17.05 -47.01
CA THR G 20 24.27 15.67 -46.88
C THR G 20 25.21 14.94 -45.92
N LEU G 21 24.62 14.25 -44.94
CA LEU G 21 25.38 13.49 -43.97
C LEU G 21 25.01 12.01 -44.12
N SER G 22 26.02 11.14 -44.16
CA SER G 22 25.83 9.73 -44.42
C SER G 22 26.01 8.94 -43.13
N CYS G 23 25.06 8.06 -42.83
CA CYS G 23 25.13 7.17 -41.69
C CYS G 23 24.93 5.74 -42.19
N ARG G 24 25.80 4.83 -41.75
CA ARG G 24 25.77 3.44 -42.19
C ARG G 24 25.51 2.53 -41.00
N ALA G 25 24.51 1.67 -41.14
CA ALA G 25 24.21 0.67 -40.13
C ALA G 25 25.01 -0.59 -40.44
N SER G 26 25.75 -1.10 -39.45
CA SER G 26 26.65 -2.21 -39.70
C SER G 26 25.89 -3.44 -40.21
N LEU G 27 24.94 -3.94 -39.42
CA LEU G 27 24.16 -5.07 -39.89
C LEU G 27 22.85 -4.62 -40.53
N SER G 28 21.97 -4.04 -39.73
CA SER G 28 20.70 -3.45 -40.18
C SER G 28 19.98 -2.83 -38.99
N ILE G 29 19.21 -1.77 -39.22
CA ILE G 29 18.32 -1.22 -38.21
C ILE G 29 16.94 -1.05 -38.85
N SER G 30 15.91 -1.57 -38.18
CA SER G 30 14.55 -1.58 -38.74
C SER G 30 13.90 -0.22 -38.56
N SER G 31 14.42 0.76 -39.31
CA SER G 31 13.86 2.11 -39.35
C SER G 31 13.78 2.74 -37.97
N SER G 32 14.79 2.48 -37.14
CA SER G 32 14.83 2.97 -35.77
C SER G 32 15.85 4.10 -35.58
N LEU G 33 16.40 4.64 -36.66
CA LEU G 33 17.43 5.65 -36.55
C LEU G 33 16.84 6.98 -36.11
N ALA G 34 17.68 7.79 -35.46
CA ALA G 34 17.31 9.15 -35.06
C ALA G 34 18.52 10.05 -35.26
N TRP G 35 18.25 11.32 -35.54
CA TRP G 35 19.28 12.33 -35.76
C TRP G 35 19.24 13.37 -34.66
N TYR G 36 20.42 13.79 -34.21
CA TYR G 36 20.53 14.77 -33.15
C TYR G 36 21.55 15.83 -33.52
N GLN G 37 21.33 17.06 -33.04
CA GLN G 37 22.22 18.18 -33.26
C GLN G 37 22.75 18.66 -31.91
N GLN G 38 24.06 18.85 -31.81
CA GLN G 38 24.68 19.25 -30.57
C GLN G 38 25.77 20.28 -30.84
N LYS G 39 26.01 21.12 -29.84
CA LYS G 39 27.07 22.11 -29.83
C LYS G 39 27.85 21.96 -28.52
N PRO G 40 29.11 22.38 -28.49
CA PRO G 40 29.91 22.19 -27.26
C PRO G 40 29.32 22.83 -26.03
N GLY G 41 28.57 23.93 -26.17
CA GLY G 41 28.04 24.63 -25.02
C GLY G 41 26.60 24.35 -24.67
N GLN G 42 26.03 23.27 -25.21
CA GLN G 42 24.62 22.97 -24.95
C GLN G 42 24.36 21.49 -25.14
N ALA G 43 23.21 21.05 -24.63
CA ALA G 43 22.78 19.68 -24.76
C ALA G 43 22.35 19.38 -26.19
N PRO G 44 22.38 18.11 -26.61
CA PRO G 44 21.97 17.78 -27.97
C PRO G 44 20.49 17.99 -28.19
N ARG G 45 20.13 18.19 -29.46
CA ARG G 45 18.78 18.52 -29.87
C ARG G 45 18.31 17.52 -30.91
N LEU G 46 17.10 16.98 -30.72
CA LEU G 46 16.54 16.01 -31.65
C LEU G 46 16.04 16.72 -32.90
N LEU G 47 16.53 16.30 -34.06
CA LEU G 47 16.10 16.86 -35.34
C LEU G 47 15.09 15.96 -36.05
N ILE G 48 15.44 14.70 -36.29
CA ILE G 48 14.63 13.79 -37.07
C ILE G 48 14.47 12.52 -36.24
N TYR G 49 13.24 12.20 -35.85
CA TYR G 49 12.95 10.92 -35.23
C TYR G 49 12.42 9.95 -36.28
N ASP G 50 12.60 8.65 -36.01
CA ASP G 50 12.32 7.61 -36.99
C ASP G 50 13.17 7.81 -38.24
N ALA G 51 12.80 7.14 -39.35
CA ALA G 51 13.64 7.18 -40.54
C ALA G 51 13.72 8.58 -41.14
N SER G 52 12.56 9.21 -41.36
CA SER G 52 12.54 10.50 -42.05
C SER G 52 11.58 11.52 -41.44
N ASN G 53 10.86 11.18 -40.38
CA ASN G 53 9.90 12.10 -39.80
C ASN G 53 10.60 13.22 -39.03
N ARG G 54 10.16 14.45 -39.26
CA ARG G 54 10.73 15.60 -38.59
C ARG G 54 10.15 15.77 -37.18
N ALA G 55 11.00 16.19 -36.25
CA ALA G 55 10.57 16.39 -34.88
C ALA G 55 9.81 17.71 -34.74
N THR G 56 9.24 17.93 -33.56
CA THR G 56 8.43 19.11 -33.32
C THR G 56 9.29 20.35 -33.21
N GLY G 57 8.94 21.39 -33.97
CA GLY G 57 9.61 22.66 -33.92
C GLY G 57 10.89 22.76 -34.74
N ILE G 58 11.29 21.70 -35.41
CA ILE G 58 12.51 21.73 -36.21
C ILE G 58 12.26 22.50 -37.50
N PRO G 59 13.21 23.33 -37.97
CA PRO G 59 13.01 24.01 -39.24
C PRO G 59 12.84 23.02 -40.39
N ALA G 60 12.02 23.43 -41.37
CA ALA G 60 11.65 22.53 -42.46
C ALA G 60 12.82 22.17 -43.37
N ARG G 61 13.93 22.91 -43.29
CA ARG G 61 15.08 22.59 -44.15
C ARG G 61 15.73 21.27 -43.78
N PHE G 62 15.50 20.76 -42.58
CA PHE G 62 16.05 19.46 -42.18
C PHE G 62 15.16 18.34 -42.67
N SER G 63 15.75 17.38 -43.39
CA SER G 63 15.01 16.26 -43.95
C SER G 63 15.86 15.01 -43.90
N GLY G 64 15.24 13.89 -43.50
CA GLY G 64 15.90 12.61 -43.44
C GLY G 64 15.43 11.67 -44.54
N SER G 65 16.18 10.59 -44.71
CA SER G 65 15.88 9.58 -45.71
C SER G 65 16.56 8.28 -45.32
N GLY G 66 16.16 7.20 -45.99
CA GLY G 66 16.76 5.90 -45.76
C GLY G 66 15.74 4.79 -45.60
N SER G 67 16.14 3.55 -45.92
CA SER G 67 15.24 2.39 -45.84
C SER G 67 16.01 1.25 -45.17
N GLY G 68 15.94 1.19 -43.84
CA GLY G 68 16.56 0.12 -43.09
C GLY G 68 18.07 0.22 -42.96
N THR G 69 18.70 0.97 -43.84
CA THR G 69 20.15 1.16 -43.82
C THR G 69 20.49 2.32 -44.75
N ASP G 70 21.70 2.86 -44.57
CA ASP G 70 22.21 3.97 -45.36
C ASP G 70 21.20 5.13 -45.29
N PHE G 71 21.09 5.66 -44.08
CA PHE G 71 20.24 6.82 -43.82
C PHE G 71 21.05 8.10 -44.00
N THR G 72 20.52 9.02 -44.80
CA THR G 72 21.15 10.29 -45.08
C THR G 72 20.31 11.41 -44.49
N LEU G 73 20.99 12.38 -43.87
CA LEU G 73 20.35 13.58 -43.34
C LEU G 73 20.66 14.73 -44.29
N THR G 74 19.64 15.22 -44.97
CA THR G 74 19.79 16.24 -46.01
C THR G 74 19.23 17.57 -45.51
N ILE G 75 20.06 18.60 -45.52
CA ILE G 75 19.64 19.95 -45.19
C ILE G 75 19.57 20.73 -46.50
N SER G 76 18.38 21.25 -46.81
CA SER G 76 18.17 21.89 -48.11
C SER G 76 19.07 23.10 -48.30
N SER G 77 19.20 23.93 -47.27
CA SER G 77 20.05 25.11 -47.34
C SER G 77 20.68 25.31 -45.97
N LEU G 78 21.98 25.08 -45.87
CA LEU G 78 22.69 25.16 -44.60
C LEU G 78 22.87 26.63 -44.22
N GLU G 79 22.14 27.07 -43.19
CA GLU G 79 22.26 28.41 -42.68
C GLU G 79 23.50 28.55 -41.81
N PRO G 80 24.00 29.78 -41.62
CA PRO G 80 25.17 29.96 -40.75
C PRO G 80 24.95 29.47 -39.33
N GLU G 81 23.71 29.50 -38.84
CA GLU G 81 23.40 28.97 -37.52
C GLU G 81 23.36 27.46 -37.47
N ASP G 82 23.37 26.79 -38.62
CA ASP G 82 23.27 25.33 -38.67
C ASP G 82 24.61 24.63 -38.53
N PHE G 83 25.72 25.36 -38.54
CA PHE G 83 27.04 24.75 -38.35
C PHE G 83 27.15 24.23 -36.92
N ALA G 84 27.12 22.91 -36.76
CA ALA G 84 27.17 22.28 -35.45
C ALA G 84 27.64 20.83 -35.63
N VAL G 85 27.57 20.06 -34.55
CA VAL G 85 27.97 18.65 -34.55
C VAL G 85 26.71 17.81 -34.52
N TYR G 86 26.67 16.79 -35.38
CA TYR G 86 25.48 15.97 -35.57
C TYR G 86 25.81 14.50 -35.27
N TYR G 87 24.87 13.82 -34.60
CA TYR G 87 25.06 12.45 -34.16
C TYR G 87 23.90 11.60 -34.63
N CYS G 88 24.14 10.29 -34.70
CA CYS G 88 23.14 9.31 -35.09
C CYS G 88 22.97 8.27 -33.99
N GLN G 89 21.76 7.72 -33.91
CA GLN G 89 21.43 6.75 -32.86
C GLN G 89 20.43 5.75 -33.41
N GLN G 90 20.57 4.49 -33.00
CA GLN G 90 19.70 3.42 -33.43
C GLN G 90 19.02 2.78 -32.23
N ARG G 91 17.78 2.32 -32.44
CA ARG G 91 16.96 1.75 -31.37
C ARG G 91 16.26 0.48 -31.84
N SER G 92 17.01 -0.38 -32.53
CA SER G 92 16.49 -1.67 -32.97
C SER G 92 17.14 -2.85 -32.27
N ILE G 93 18.41 -2.76 -31.94
CA ILE G 93 19.12 -3.81 -31.20
C ILE G 93 19.61 -3.18 -29.91
N TRP G 94 18.83 -3.31 -28.85
CA TRP G 94 19.17 -2.74 -27.55
C TRP G 94 18.77 -3.74 -26.48
N PRO G 95 19.42 -3.70 -25.30
CA PRO G 95 20.57 -2.85 -24.94
C PRO G 95 21.88 -3.35 -25.54
N PRO G 96 22.89 -2.48 -25.69
CA PRO G 96 22.90 -1.05 -25.39
C PRO G 96 22.37 -0.20 -26.54
N ILE G 97 22.02 1.05 -26.27
CA ILE G 97 21.60 1.99 -27.32
C ILE G 97 22.87 2.64 -27.86
N THR G 98 23.30 2.21 -29.04
CA THR G 98 24.57 2.65 -29.60
C THR G 98 24.40 3.99 -30.31
N PHE G 99 25.20 4.97 -29.91
CA PHE G 99 25.21 6.28 -30.54
C PHE G 99 26.22 6.33 -31.68
N GLY G 100 26.23 7.46 -32.40
CA GLY G 100 27.21 7.67 -33.45
C GLY G 100 28.46 8.38 -32.96
N GLN G 101 29.46 8.44 -33.84
CA GLN G 101 30.71 9.11 -33.49
C GLN G 101 30.59 10.62 -33.56
N GLY G 102 29.78 11.14 -34.47
CA GLY G 102 29.62 12.57 -34.63
C GLY G 102 30.39 13.10 -35.83
N THR G 103 29.84 14.16 -36.43
CA THR G 103 30.44 14.79 -37.61
C THR G 103 30.45 16.31 -37.41
N ARG G 104 31.55 16.93 -37.80
CA ARG G 104 31.73 18.37 -37.65
C ARG G 104 31.42 19.09 -38.96
N LEU G 105 30.73 20.23 -38.84
CA LEU G 105 30.48 21.12 -39.97
C LEU G 105 31.18 22.45 -39.71
N GLU G 106 31.97 22.91 -40.67
CA GLU G 106 32.69 24.17 -40.56
C GLU G 106 32.42 25.01 -41.80
N ILE G 107 32.62 26.31 -41.66
CA ILE G 107 32.44 27.26 -42.75
C ILE G 107 33.70 27.29 -43.60
N LYS G 108 33.55 27.06 -44.91
CA LYS G 108 34.69 26.97 -45.82
C LYS G 108 34.97 28.36 -46.40
N ARG G 109 35.65 29.18 -45.59
CA ARG G 109 36.08 30.49 -46.02
C ARG G 109 37.38 30.37 -46.81
N THR G 110 37.74 31.45 -47.50
CA THR G 110 38.95 31.45 -48.33
C THR G 110 40.19 31.17 -47.49
N VAL G 111 41.14 30.45 -48.10
CA VAL G 111 42.34 30.04 -47.39
C VAL G 111 43.14 31.26 -46.96
N ALA G 112 43.64 31.23 -45.72
CA ALA G 112 44.43 32.31 -45.15
C ALA G 112 45.64 31.73 -44.44
N ALA G 113 46.79 32.37 -44.60
CA ALA G 113 48.03 31.91 -44.00
C ALA G 113 48.05 32.22 -42.50
N PRO G 114 48.71 31.38 -41.71
CA PRO G 114 48.79 31.63 -40.27
C PRO G 114 49.88 32.63 -39.92
N SER G 115 49.70 33.26 -38.76
CA SER G 115 50.70 34.15 -38.19
C SER G 115 51.42 33.40 -37.07
N VAL G 116 52.72 33.20 -37.24
CA VAL G 116 53.51 32.37 -36.34
C VAL G 116 54.22 33.27 -35.33
N PHE G 117 54.07 32.94 -34.05
CA PHE G 117 54.76 33.62 -32.97
C PHE G 117 55.34 32.60 -32.01
N ILE G 118 56.47 32.94 -31.41
CA ILE G 118 57.16 32.09 -30.46
C ILE G 118 57.32 32.87 -29.16
N PHE G 119 57.03 32.20 -28.03
CA PHE G 119 57.09 32.87 -26.74
C PHE G 119 58.10 32.18 -25.83
N PRO G 120 58.85 32.94 -25.03
CA PRO G 120 59.83 32.35 -24.14
C PRO G 120 59.23 32.03 -22.78
N PRO G 121 59.86 31.15 -22.01
CA PRO G 121 59.41 30.92 -20.64
C PRO G 121 59.95 32.00 -19.72
N SER G 122 59.08 32.56 -18.89
CA SER G 122 59.46 33.67 -18.02
C SER G 122 60.43 33.19 -16.93
N ASP G 123 61.20 34.15 -16.41
CA ASP G 123 62.13 33.83 -15.33
C ASP G 123 61.41 33.36 -14.08
N GLU G 124 60.22 33.90 -13.82
CA GLU G 124 59.43 33.43 -12.69
C GLU G 124 59.03 31.97 -12.85
N GLN G 125 58.67 31.58 -14.08
CA GLN G 125 58.34 30.18 -14.34
C GLN G 125 59.55 29.28 -14.13
N LEU G 126 60.73 29.74 -14.55
CA LEU G 126 61.95 28.94 -14.37
C LEU G 126 62.23 28.70 -12.89
N LYS G 127 62.00 29.72 -12.05
CA LYS G 127 62.19 29.55 -10.62
C LYS G 127 61.21 28.55 -10.01
N SER G 128 60.07 28.31 -10.67
CA SER G 128 59.09 27.35 -10.17
C SER G 128 59.48 25.91 -10.47
N GLY G 129 60.51 25.67 -11.28
CA GLY G 129 60.97 24.33 -11.58
C GLY G 129 60.47 23.76 -12.90
N THR G 130 59.61 24.48 -13.62
CA THR G 130 59.08 24.01 -14.88
C THR G 130 59.27 25.09 -15.95
N ALA G 131 59.52 24.64 -17.18
CA ALA G 131 59.73 25.53 -18.31
C ALA G 131 58.79 25.12 -19.44
N SER G 132 58.07 26.10 -19.99
CA SER G 132 57.14 25.86 -21.08
C SER G 132 57.39 26.85 -22.22
N VAL G 133 57.40 26.34 -23.45
CA VAL G 133 57.56 27.15 -24.64
C VAL G 133 56.29 27.03 -25.46
N VAL G 134 55.71 28.17 -25.83
CA VAL G 134 54.41 28.23 -26.49
C VAL G 134 54.58 28.84 -27.88
N CYS G 135 54.04 28.17 -28.88
CA CYS G 135 53.98 28.67 -30.25
C CYS G 135 52.54 29.01 -30.61
N LEU G 136 52.36 30.17 -31.25
CA LEU G 136 51.03 30.70 -31.52
C LEU G 136 50.81 30.80 -33.03
N LEU G 137 49.69 30.24 -33.49
CA LEU G 137 49.22 30.42 -34.85
C LEU G 137 47.87 31.14 -34.80
N ASN G 138 47.76 32.23 -35.57
CA ASN G 138 46.58 33.08 -35.50
C ASN G 138 46.02 33.33 -36.88
N ASN G 139 44.69 33.28 -36.98
CA ASN G 139 43.94 33.68 -38.18
C ASN G 139 44.37 32.88 -39.41
N PHE G 140 44.10 31.57 -39.34
CA PHE G 140 44.42 30.66 -40.43
C PHE G 140 43.22 29.80 -40.77
N TYR G 141 43.21 29.33 -42.02
CA TYR G 141 42.25 28.34 -42.51
C TYR G 141 42.92 27.63 -43.68
N PRO G 142 42.79 26.30 -43.80
CA PRO G 142 41.96 25.36 -43.03
C PRO G 142 42.44 25.12 -41.61
N ARG G 143 41.57 24.48 -40.80
CA ARG G 143 41.90 24.22 -39.40
C ARG G 143 43.10 23.30 -39.27
N GLU G 144 43.19 22.28 -40.12
CA GLU G 144 44.28 21.31 -40.02
C GLU G 144 45.62 21.98 -40.31
N ALA G 145 46.61 21.66 -39.48
CA ALA G 145 47.96 22.18 -39.65
C ALA G 145 48.92 21.26 -38.93
N LYS G 146 50.20 21.34 -39.31
CA LYS G 146 51.25 20.55 -38.72
C LYS G 146 52.23 21.46 -37.98
N VAL G 147 52.45 21.17 -36.71
CA VAL G 147 53.35 21.94 -35.86
C VAL G 147 54.43 21.01 -35.33
N GLN G 148 55.69 21.37 -35.56
CA GLN G 148 56.83 20.56 -35.13
C GLN G 148 57.78 21.42 -34.32
N TRP G 149 58.30 20.85 -33.24
CA TRP G 149 59.24 21.52 -32.34
C TRP G 149 60.63 20.94 -32.55
N LYS G 150 61.61 21.82 -32.76
CA LYS G 150 63.00 21.42 -32.85
C LYS G 150 63.81 22.14 -31.78
N VAL G 151 64.70 21.40 -31.11
CA VAL G 151 65.62 21.97 -30.14
C VAL G 151 67.04 21.72 -30.63
N ASP G 152 67.80 22.80 -30.81
CA ASP G 152 69.16 22.74 -31.34
C ASP G 152 69.21 21.92 -32.64
N ASN G 153 68.18 22.10 -33.47
CA ASN G 153 67.97 21.42 -34.74
C ASN G 153 67.73 19.92 -34.56
N ALA G 154 67.39 19.47 -33.35
CA ALA G 154 67.10 18.08 -33.09
C ALA G 154 65.60 17.87 -32.92
N LEU G 155 65.13 16.68 -33.28
CA LEU G 155 63.72 16.35 -33.24
C LEU G 155 63.24 16.13 -31.81
N GLN G 156 61.97 16.48 -31.57
CA GLN G 156 61.32 16.27 -30.29
C GLN G 156 59.94 15.69 -30.49
N SER G 157 59.52 14.82 -29.58
CA SER G 157 58.20 14.21 -29.62
C SER G 157 57.83 13.72 -28.23
N GLY G 158 56.53 13.53 -28.03
CA GLY G 158 56.03 13.01 -26.76
C GLY G 158 55.96 14.02 -25.63
N ASN G 159 56.22 15.30 -25.91
CA ASN G 159 56.18 16.33 -24.87
C ASN G 159 55.48 17.59 -25.36
N SER G 160 54.53 17.45 -26.29
CA SER G 160 53.82 18.58 -26.87
C SER G 160 52.32 18.40 -26.65
N GLN G 161 51.66 19.47 -26.22
CA GLN G 161 50.21 19.50 -26.07
C GLN G 161 49.67 20.72 -26.80
N GLU G 162 48.58 20.53 -27.53
CA GLU G 162 48.05 21.58 -28.39
C GLU G 162 46.53 21.62 -28.29
N SER G 163 45.96 22.77 -28.64
CA SER G 163 44.53 22.95 -28.67
C SER G 163 44.19 23.97 -29.75
N VAL G 164 42.94 23.91 -30.22
CA VAL G 164 42.46 24.77 -31.29
C VAL G 164 41.18 25.46 -30.84
N THR G 165 41.08 26.76 -31.10
CA THR G 165 39.90 27.52 -30.76
C THR G 165 38.77 27.24 -31.75
N GLU G 166 37.57 27.68 -31.38
CA GLU G 166 36.43 27.56 -32.27
C GLU G 166 36.55 28.52 -33.44
N GLN G 167 35.68 28.35 -34.43
CA GLN G 167 35.68 29.23 -35.59
C GLN G 167 35.39 30.66 -35.17
N ASP G 168 36.19 31.58 -35.68
CA ASP G 168 36.08 32.99 -35.28
C ASP G 168 34.75 33.57 -35.76
N SER G 169 34.12 34.37 -34.90
CA SER G 169 32.83 34.96 -35.21
C SER G 169 32.93 36.19 -36.12
N LYS G 170 34.12 36.75 -36.28
CA LYS G 170 34.31 37.95 -37.10
C LYS G 170 34.79 37.64 -38.51
N ASP G 171 35.67 36.65 -38.68
CA ASP G 171 36.23 36.36 -39.99
C ASP G 171 36.32 34.86 -40.29
N SER G 172 35.76 34.00 -39.45
CA SER G 172 35.64 32.57 -39.73
C SER G 172 36.99 31.88 -39.92
N THR G 173 37.99 32.26 -39.13
CA THR G 173 39.29 31.61 -39.13
C THR G 173 39.51 30.87 -37.81
N TYR G 174 40.70 30.30 -37.67
CA TYR G 174 41.05 29.48 -36.51
C TYR G 174 42.38 29.92 -35.95
N SER G 175 42.65 29.48 -34.72
CA SER G 175 43.92 29.74 -34.06
C SER G 175 44.40 28.46 -33.38
N LEU G 176 45.73 28.28 -33.36
CA LEU G 176 46.35 27.09 -32.81
C LEU G 176 47.45 27.48 -31.83
N SER G 177 47.50 26.79 -30.69
CA SER G 177 48.54 27.00 -29.69
C SER G 177 49.13 25.65 -29.30
N SER G 178 50.45 25.58 -29.22
CA SER G 178 51.16 24.38 -28.84
C SER G 178 52.13 24.70 -27.71
N THR G 179 52.17 23.84 -26.70
CA THR G 179 52.99 24.04 -25.51
C THR G 179 53.95 22.87 -25.35
N LEU G 180 55.24 23.18 -25.20
CA LEU G 180 56.27 22.18 -24.92
C LEU G 180 56.61 22.24 -23.43
N THR G 181 56.40 21.14 -22.72
CA THR G 181 56.61 21.07 -21.29
C THR G 181 57.94 20.39 -21.01
N LEU G 182 58.83 21.09 -20.29
CA LEU G 182 60.13 20.54 -19.94
C LEU G 182 60.51 21.03 -18.54
N SER G 183 61.39 20.28 -17.90
CA SER G 183 61.91 20.65 -16.59
C SER G 183 63.13 21.54 -16.74
N LYS G 184 63.43 22.29 -15.67
CA LYS G 184 64.54 23.24 -15.72
C LYS G 184 65.88 22.52 -15.94
N ALA G 185 66.06 21.35 -15.32
CA ALA G 185 67.30 20.61 -15.50
C ALA G 185 67.49 20.21 -16.95
N ASP G 186 66.43 19.73 -17.61
CA ASP G 186 66.50 19.40 -19.03
C ASP G 186 66.46 20.64 -19.91
N TYR G 187 65.89 21.74 -19.43
CA TYR G 187 65.79 22.96 -20.23
C TYR G 187 67.13 23.66 -20.38
N GLU G 188 68.00 23.54 -19.37
CA GLU G 188 69.32 24.16 -19.42
C GLU G 188 70.32 23.40 -20.28
N LYS G 189 69.98 22.16 -20.69
CA LYS G 189 70.92 21.34 -21.45
C LYS G 189 70.97 21.71 -22.93
N HIS G 190 70.11 22.60 -23.39
CA HIS G 190 70.09 22.99 -24.80
C HIS G 190 70.02 24.52 -24.89
N LYS G 191 70.47 25.04 -26.03
CA LYS G 191 70.63 26.48 -26.22
C LYS G 191 69.49 27.11 -27.02
N VAL G 192 69.20 26.58 -28.21
CA VAL G 192 68.29 27.20 -29.16
C VAL G 192 67.00 26.39 -29.20
N TYR G 193 65.87 27.09 -29.11
CA TYR G 193 64.55 26.49 -29.22
C TYR G 193 63.80 27.14 -30.37
N ALA G 194 63.17 26.33 -31.22
CA ALA G 194 62.50 26.84 -32.41
C ALA G 194 61.35 25.91 -32.76
N CYS G 195 60.44 26.42 -33.58
CA CYS G 195 59.23 25.70 -33.97
C CYS G 195 59.05 25.76 -35.48
N GLU G 196 58.44 24.71 -36.03
CA GLU G 196 58.16 24.60 -37.45
C GLU G 196 56.65 24.58 -37.68
N VAL G 197 56.20 25.31 -38.69
CA VAL G 197 54.79 25.38 -39.04
C VAL G 197 54.62 25.04 -40.52
N THR G 198 53.75 24.08 -40.80
CA THR G 198 53.39 23.71 -42.18
C THR G 198 51.89 23.88 -42.34
N HIS G 199 51.49 24.62 -43.38
CA HIS G 199 50.08 24.91 -43.59
C HIS G 199 49.81 25.04 -45.09
N GLN G 200 48.55 24.86 -45.46
CA GLN G 200 48.16 24.93 -46.86
C GLN G 200 48.38 26.34 -47.42
N GLY G 201 48.11 27.37 -46.62
CA GLY G 201 48.24 28.73 -47.07
C GLY G 201 49.64 29.27 -47.16
N LEU G 202 50.64 28.49 -46.74
CA LEU G 202 52.03 28.89 -46.80
C LEU G 202 52.72 28.19 -47.97
N SER G 203 53.42 28.97 -48.79
CA SER G 203 54.17 28.39 -49.90
C SER G 203 55.28 27.47 -49.39
N SER G 204 55.97 27.88 -48.35
CA SER G 204 57.04 27.10 -47.73
C SER G 204 56.85 27.15 -46.22
N PRO G 205 57.36 26.15 -45.51
CA PRO G 205 57.26 26.17 -44.05
C PRO G 205 57.96 27.39 -43.45
N VAL G 206 57.37 27.91 -42.38
CA VAL G 206 57.86 29.13 -41.73
C VAL G 206 58.63 28.74 -40.47
N THR G 207 59.82 29.31 -40.31
CA THR G 207 60.70 29.01 -39.19
C THR G 207 60.81 30.21 -38.27
N LYS G 208 60.57 29.99 -36.99
CA LYS G 208 60.74 31.02 -35.95
C LYS G 208 61.62 30.45 -34.86
N SER G 209 62.64 31.20 -34.46
CA SER G 209 63.66 30.74 -33.53
C SER G 209 63.67 31.59 -32.27
N PHE G 210 64.37 31.08 -31.26
CA PHE G 210 64.50 31.75 -29.98
C PHE G 210 65.68 31.13 -29.24
N ASN G 211 66.52 31.96 -28.65
CA ASN G 211 67.70 31.50 -27.94
C ASN G 211 67.69 31.96 -26.48
N ARG G 212 68.18 31.09 -25.60
CA ARG G 212 68.36 31.39 -24.19
C ARG G 212 69.18 30.28 -23.54
N GLY G 213 70.26 30.64 -22.86
CA GLY G 213 71.12 29.63 -22.26
C GLY G 213 72.25 30.20 -21.41
#